data_3QWF
#
_entry.id   3QWF
#
_cell.length_a   65.520
_cell.length_b   67.830
_cell.length_c   138.890
_cell.angle_alpha   84.20
_cell.angle_beta   85.31
_cell.angle_gamma   66.57
#
_symmetry.space_group_name_H-M   'P 1'
#
loop_
_entity.id
_entity.type
_entity.pdbx_description
1 polymer '17beta-hydroxysteroid dehydrogenase'
2 non-polymer GLYCEROL
3 non-polymer 'NADP NICOTINAMIDE-ADENINE-DINUCLEOTIDE PHOSPHATE'
4 water water
#
_entity_poly.entity_id   1
_entity_poly.type   'polypeptide(L)'
_entity_poly.pdbx_seq_one_letter_code
;MPHVENASETYIPGRLDGKVALVTGSGRGIGAAVAVHLGRLGAKVVVNYANSTKDAEKVVSEIKALGSDAIAIKADIRQV
PEIVKLFDQAVAHFGHLDIAVSNSGVVSFGHLKDVTEEEFDRVFSLNTRGQFFVAREAYRHLTEGGRIVLTSSNTSKDFS
VPKHSLYSGSKGAVDSFVRIFSKDCGDKKITVNAVAPGGTVTDMFHEVSHHYIPNGTSYTAEQRQQMAAHASPLHRNGWP
QDVANVVGFLVSKEGEWVNGKVLTLDGGAA
;
_entity_poly.pdbx_strand_id   A,B,C,D,E,F,G,H
#
# COMPACT_ATOMS: atom_id res chain seq x y z
N THR A 10 -1.83 15.74 -29.08
CA THR A 10 -2.91 14.92 -28.47
C THR A 10 -3.13 15.30 -27.01
N TYR A 11 -4.34 15.78 -26.73
CA TYR A 11 -4.71 16.21 -25.39
C TYR A 11 -4.73 15.05 -24.39
N ILE A 12 -4.12 15.25 -23.22
CA ILE A 12 -4.17 14.28 -22.13
C ILE A 12 -5.06 14.78 -20.98
N PRO A 13 -6.16 14.04 -20.68
CA PRO A 13 -7.12 14.43 -19.63
C PRO A 13 -6.47 14.72 -18.27
N GLY A 14 -6.84 15.87 -17.68
CA GLY A 14 -6.30 16.33 -16.40
C GLY A 14 -5.04 17.18 -16.52
N ARG A 15 -4.34 17.07 -17.65
CA ARG A 15 -3.07 17.76 -17.83
C ARG A 15 -3.27 19.21 -18.30
N LEU A 16 -2.17 19.97 -18.29
CA LEU A 16 -2.19 21.42 -18.57
C LEU A 16 -1.13 21.78 -19.61
N ASP A 17 -0.87 20.85 -20.52
CA ASP A 17 0.10 21.05 -21.57
C ASP A 17 -0.32 22.23 -22.45
N GLY A 18 0.64 23.10 -22.74
CA GLY A 18 0.39 24.30 -23.54
C GLY A 18 -0.24 25.45 -22.79
N LYS A 19 -0.46 25.28 -21.49
CA LYS A 19 -1.04 26.33 -20.66
C LYS A 19 0.02 27.11 -19.88
N VAL A 20 -0.32 28.35 -19.51
CA VAL A 20 0.55 29.20 -18.70
C VAL A 20 -0.22 29.58 -17.45
N ALA A 21 0.43 29.36 -16.31
CA ALA A 21 -0.17 29.62 -15.02
C ALA A 21 0.67 30.62 -14.22
N LEU A 22 0.00 31.36 -13.35
CA LEU A 22 0.67 32.26 -12.41
C LEU A 22 0.15 31.94 -11.02
N VAL A 23 1.06 31.79 -10.06
CA VAL A 23 0.68 31.65 -8.65
C VAL A 23 1.31 32.75 -7.77
N THR A 24 0.46 33.47 -7.03
CA THR A 24 0.99 34.48 -6.11
C THR A 24 1.56 33.83 -4.85
N GLY A 25 2.70 34.36 -4.38
CA GLY A 25 3.35 33.85 -3.17
C GLY A 25 3.70 32.37 -3.26
N SER A 26 4.28 31.98 -4.38
CA SER A 26 4.59 30.57 -4.63
C SER A 26 6.06 30.21 -4.39
N GLY A 27 6.79 31.08 -3.70
CA GLY A 27 8.15 30.78 -3.25
C GLY A 27 8.17 29.78 -2.10
N ARG A 28 7.10 29.74 -1.30
CA ARG A 28 7.02 28.82 -0.17
C ARG A 28 5.57 28.50 0.18
N GLY A 29 5.40 27.59 1.14
CA GLY A 29 4.06 27.25 1.65
C GLY A 29 3.19 26.59 0.61
N ILE A 30 1.90 26.81 0.73
CA ILE A 30 0.92 26.23 -0.19
C ILE A 30 1.21 26.65 -1.63
N GLY A 31 1.52 27.93 -1.83
CA GLY A 31 1.79 28.45 -3.19
C GLY A 31 2.85 27.68 -3.96
N ALA A 32 3.94 27.33 -3.25
CA ALA A 32 5.04 26.59 -3.84
C ALA A 32 4.58 25.23 -4.33
N ALA A 33 3.80 24.53 -3.49
CA ALA A 33 3.27 23.22 -3.89
C ALA A 33 2.33 23.34 -5.08
N VAL A 34 1.46 24.35 -5.06
CA VAL A 34 0.55 24.60 -6.18
C VAL A 34 1.37 24.84 -7.45
N ALA A 35 2.37 25.71 -7.35
CA ALA A 35 3.18 26.09 -8.52
C ALA A 35 3.89 24.89 -9.12
N VAL A 36 4.51 24.07 -8.27
CA VAL A 36 5.23 22.89 -8.75
C VAL A 36 4.27 21.87 -9.38
N HIS A 37 3.12 21.69 -8.74
CA HIS A 37 2.10 20.75 -9.21
C HIS A 37 1.56 21.14 -10.59
N LEU A 38 1.26 22.42 -10.78
CA LEU A 38 0.84 22.92 -12.09
C LEU A 38 1.92 22.72 -13.14
N GLY A 39 3.18 22.90 -12.75
CA GLY A 39 4.31 22.60 -13.64
C GLY A 39 4.36 21.12 -13.97
N ARG A 40 4.16 20.29 -12.95
CA ARG A 40 4.13 18.84 -13.12
C ARG A 40 3.03 18.41 -14.09
N LEU A 41 1.92 19.16 -14.06
CA LEU A 41 0.76 18.91 -14.93
C LEU A 41 0.97 19.37 -16.36
N GLY A 42 2.06 20.11 -16.61
CA GLY A 42 2.45 20.51 -17.96
C GLY A 42 2.45 22.01 -18.22
N ALA A 43 1.93 22.79 -17.27
CA ALA A 43 1.89 24.24 -17.40
C ALA A 43 3.27 24.87 -17.27
N LYS A 44 3.50 25.94 -18.04
CA LYS A 44 4.61 26.88 -17.76
C LYS A 44 4.12 27.78 -16.61
N VAL A 45 5.01 28.14 -15.70
CA VAL A 45 4.58 28.75 -14.43
C VAL A 45 5.29 30.05 -14.10
N VAL A 46 4.50 31.06 -13.70
CA VAL A 46 5.06 32.29 -13.15
C VAL A 46 5.00 32.18 -11.63
N VAL A 47 6.18 32.19 -11.02
CA VAL A 47 6.33 32.01 -9.58
C VAL A 47 6.52 33.36 -8.94
N ASN A 48 5.43 33.93 -8.42
CA ASN A 48 5.49 35.22 -7.74
C ASN A 48 5.96 35.09 -6.30
N TYR A 49 6.77 36.06 -5.88
CA TYR A 49 7.23 36.19 -4.50
C TYR A 49 7.30 37.66 -4.13
N ALA A 50 7.27 37.95 -2.82
CA ALA A 50 7.48 39.31 -2.32
C ALA A 50 8.85 39.46 -1.64
N ASN A 51 9.31 38.41 -0.98
CA ASN A 51 10.51 38.46 -0.15
C ASN A 51 11.44 37.29 -0.37
N SER A 52 10.84 36.11 -0.54
CA SER A 52 11.58 34.85 -0.58
C SER A 52 12.25 34.55 -1.93
N THR A 53 13.28 35.34 -2.26
CA THR A 53 13.99 35.22 -3.54
C THR A 53 14.55 33.82 -3.79
N LYS A 54 15.40 33.35 -2.88
CA LYS A 54 16.05 32.04 -2.99
C LYS A 54 15.05 30.89 -3.10
N ASP A 55 14.07 30.87 -2.19
CA ASP A 55 12.98 29.90 -2.22
C ASP A 55 12.27 29.87 -3.57
N ALA A 56 11.94 31.06 -4.09
CA ALA A 56 11.30 31.20 -5.39
C ALA A 56 12.14 30.64 -6.52
N GLU A 57 13.44 30.85 -6.46
CA GLU A 57 14.34 30.30 -7.47
C GLU A 57 14.44 28.78 -7.43
N LYS A 58 14.39 28.20 -6.23
CA LYS A 58 14.36 26.74 -6.05
C LYS A 58 13.07 26.17 -6.63
N VAL A 59 11.96 26.88 -6.42
CA VAL A 59 10.67 26.51 -7.04
C VAL A 59 10.79 26.50 -8.56
N VAL A 60 11.32 27.59 -9.13
CA VAL A 60 11.59 27.68 -10.58
C VAL A 60 12.45 26.51 -11.09
N SER A 61 13.53 26.21 -10.38
CA SER A 61 14.42 25.09 -10.74
C SER A 61 13.71 23.73 -10.70
N GLU A 62 12.84 23.53 -9.70
CA GLU A 62 12.07 22.30 -9.57
C GLU A 62 11.15 22.06 -10.75
N ILE A 63 10.46 23.11 -11.19
CA ILE A 63 9.56 23.06 -12.33
C ILE A 63 10.34 22.78 -13.63
N LYS A 64 11.53 23.36 -13.74
CA LYS A 64 12.40 23.09 -14.89
C LYS A 64 12.91 21.65 -14.87
N ALA A 65 13.23 21.14 -13.67
CA ALA A 65 13.74 19.78 -13.51
C ALA A 65 12.74 18.71 -13.96
N LEU A 66 11.45 18.97 -13.77
CA LEU A 66 10.43 18.02 -14.20
C LEU A 66 9.98 18.22 -15.66
N GLY A 67 10.71 19.04 -16.41
CA GLY A 67 10.53 19.13 -17.86
C GLY A 67 9.63 20.24 -18.33
N SER A 68 9.29 21.15 -17.43
CA SER A 68 8.50 22.33 -17.78
C SER A 68 9.37 23.59 -17.72
N ASP A 69 8.75 24.76 -17.78
CA ASP A 69 9.47 26.02 -17.72
C ASP A 69 8.80 26.96 -16.73
N ALA A 70 9.60 27.87 -16.18
CA ALA A 70 9.15 28.79 -15.13
C ALA A 70 10.05 30.03 -15.05
N ILE A 71 9.49 31.10 -14.50
CA ILE A 71 10.22 32.32 -14.20
C ILE A 71 9.71 32.86 -12.85
N ALA A 72 10.62 33.37 -12.03
CA ALA A 72 10.19 33.99 -10.78
C ALA A 72 10.07 35.49 -11.00
N ILE A 73 8.98 36.08 -10.50
CA ILE A 73 8.76 37.51 -10.63
C ILE A 73 8.38 38.14 -9.29
N LYS A 74 9.18 39.10 -8.84
CA LYS A 74 8.94 39.81 -7.59
C LYS A 74 7.82 40.84 -7.76
N ALA A 75 6.84 40.77 -6.87
CA ALA A 75 5.76 41.75 -6.79
C ALA A 75 5.08 41.67 -5.42
N ASP A 76 4.97 42.81 -4.77
CA ASP A 76 4.21 42.95 -3.54
C ASP A 76 2.73 43.02 -3.90
N ILE A 77 1.99 41.96 -3.58
CA ILE A 77 0.57 41.86 -3.93
C ILE A 77 -0.32 42.88 -3.21
N ARG A 78 0.19 43.51 -2.15
CA ARG A 78 -0.52 44.63 -1.54
C ARG A 78 -0.60 45.83 -2.48
N GLN A 79 0.37 45.95 -3.39
CA GLN A 79 0.44 47.09 -4.28
C GLN A 79 -0.20 46.78 -5.62
N VAL A 80 -1.35 47.41 -5.89
CA VAL A 80 -2.09 47.19 -7.15
C VAL A 80 -1.24 47.47 -8.42
N PRO A 81 -0.38 48.52 -8.40
CA PRO A 81 0.49 48.73 -9.57
C PRO A 81 1.50 47.60 -9.79
N GLU A 82 1.90 46.90 -8.72
CA GLU A 82 2.80 45.75 -8.87
C GLU A 82 2.08 44.48 -9.36
N ILE A 83 0.78 44.39 -9.08
CA ILE A 83 -0.03 43.29 -9.61
C ILE A 83 -0.13 43.45 -11.12
N VAL A 84 -0.46 44.68 -11.54
CA VAL A 84 -0.52 45.04 -12.96
C VAL A 84 0.79 44.66 -13.67
N LYS A 85 1.90 45.16 -13.12
CA LYS A 85 3.25 44.82 -13.60
C LYS A 85 3.49 43.32 -13.71
N LEU A 86 3.14 42.58 -12.66
CA LEU A 86 3.32 41.13 -12.58
C LEU A 86 2.61 40.43 -13.73
N PHE A 87 1.32 40.74 -13.91
CA PHE A 87 0.53 40.16 -14.99
C PHE A 87 0.99 40.62 -16.40
N ASP A 88 1.37 41.90 -16.52
CA ASP A 88 1.97 42.42 -17.75
C ASP A 88 3.21 41.63 -18.15
N GLN A 89 4.10 41.41 -17.18
CA GLN A 89 5.36 40.68 -17.41
C GLN A 89 5.12 39.21 -17.75
N ALA A 90 4.17 38.59 -17.04
CA ALA A 90 3.74 37.20 -17.32
C ALA A 90 3.33 37.01 -18.79
N VAL A 91 2.47 37.89 -19.28
CA VAL A 91 2.02 37.88 -20.68
C VAL A 91 3.14 38.23 -21.66
N ALA A 92 4.01 39.17 -21.28
CA ALA A 92 5.15 39.50 -22.13
C ALA A 92 6.14 38.35 -22.20
N HIS A 93 6.35 37.66 -21.08
CA HIS A 93 7.36 36.61 -21.05
C HIS A 93 6.93 35.32 -21.78
N PHE A 94 5.72 34.84 -21.50
CA PHE A 94 5.24 33.56 -22.06
C PHE A 94 4.28 33.70 -23.26
N GLY A 95 3.95 34.93 -23.64
CA GLY A 95 3.04 35.19 -24.77
C GLY A 95 1.56 35.23 -24.41
N HIS A 96 1.17 34.51 -23.36
CA HIS A 96 -0.22 34.43 -22.90
C HIS A 96 -0.29 33.90 -21.46
N LEU A 97 -1.45 34.09 -20.83
CA LEU A 97 -1.70 33.57 -19.47
C LEU A 97 -3.10 32.98 -19.39
N ASP A 98 -3.19 31.74 -18.93
CA ASP A 98 -4.45 31.00 -18.94
C ASP A 98 -5.01 30.82 -17.57
N ILE A 99 -4.12 30.68 -16.58
CA ILE A 99 -4.49 30.30 -15.21
C ILE A 99 -3.90 31.28 -14.22
N ALA A 100 -4.74 31.79 -13.31
CA ALA A 100 -4.22 32.62 -12.22
C ALA A 100 -4.70 32.11 -10.86
N VAL A 101 -3.73 31.79 -9.99
CA VAL A 101 -3.99 31.33 -8.63
C VAL A 101 -3.54 32.38 -7.61
N SER A 102 -4.51 32.94 -6.91
CA SER A 102 -4.27 33.93 -5.88
C SER A 102 -4.14 33.19 -4.54
N ASN A 103 -2.91 33.17 -4.01
CA ASN A 103 -2.58 32.35 -2.86
C ASN A 103 -2.00 33.16 -1.69
N SER A 104 -1.31 34.25 -1.98
CA SER A 104 -0.63 35.03 -0.94
C SER A 104 -1.58 35.45 0.18
N GLY A 105 -1.15 35.25 1.42
CA GLY A 105 -1.94 35.66 2.58
C GLY A 105 -1.18 35.70 3.88
N VAL A 106 -1.72 36.43 4.84
CA VAL A 106 -1.18 36.48 6.20
C VAL A 106 -2.24 36.13 7.25
N VAL A 107 -1.79 35.51 8.33
CA VAL A 107 -2.69 35.15 9.42
C VAL A 107 -2.62 36.22 10.52
N SER A 108 -3.63 36.24 11.38
CA SER A 108 -3.72 37.18 12.49
C SER A 108 -4.62 36.58 13.55
N PHE A 109 -4.25 36.80 14.82
CA PHE A 109 -5.09 36.53 15.97
C PHE A 109 -5.13 37.72 16.90
N GLY A 110 -6.30 37.94 17.50
CA GLY A 110 -6.46 38.93 18.56
C GLY A 110 -7.92 39.12 18.89
N HIS A 111 -8.22 39.24 20.17
CA HIS A 111 -9.56 39.62 20.63
C HIS A 111 -9.97 40.92 19.93
N LEU A 112 -11.21 40.99 19.45
CA LEU A 112 -11.78 42.20 18.87
C LEU A 112 -11.35 43.50 19.58
N LYS A 113 -11.42 43.51 20.91
CA LYS A 113 -11.14 44.70 21.70
C LYS A 113 -9.74 45.30 21.47
N ASP A 114 -8.81 44.48 21.00
CA ASP A 114 -7.39 44.86 20.89
C ASP A 114 -6.98 45.10 19.43
N VAL A 115 -7.88 44.85 18.49
CA VAL A 115 -7.50 44.93 17.07
C VAL A 115 -7.29 46.39 16.69
N THR A 116 -6.13 46.68 16.10
CA THR A 116 -5.80 48.05 15.70
C THR A 116 -6.12 48.31 14.23
N GLU A 117 -6.23 49.59 13.89
CA GLU A 117 -6.30 50.04 12.50
C GLU A 117 -5.18 49.43 11.69
N GLU A 118 -3.96 49.46 12.24
CA GLU A 118 -2.77 48.96 11.53
C GLU A 118 -2.91 47.48 11.18
N GLU A 119 -3.35 46.68 12.16
CA GLU A 119 -3.51 45.24 11.97
C GLU A 119 -4.64 44.93 10.99
N PHE A 120 -5.78 45.60 11.16
CA PHE A 120 -6.86 45.45 10.19
C PHE A 120 -6.32 45.62 8.75
N ASP A 121 -5.64 46.75 8.51
CA ASP A 121 -5.13 47.07 7.17
C ASP A 121 -4.04 46.11 6.69
N ARG A 122 -3.17 45.67 7.60
CA ARG A 122 -2.12 44.70 7.25
C ARG A 122 -2.78 43.47 6.65
N VAL A 123 -3.80 42.97 7.34
CA VAL A 123 -4.49 41.74 6.93
C VAL A 123 -5.34 41.94 5.68
N PHE A 124 -6.24 42.93 5.69
CA PHE A 124 -7.12 43.15 4.53
C PHE A 124 -6.42 43.58 3.21
N SER A 125 -5.37 44.38 3.31
CA SER A 125 -4.67 44.85 2.09
C SER A 125 -4.15 43.68 1.25
N LEU A 126 -3.70 42.62 1.91
CA LEU A 126 -3.21 41.44 1.21
C LEU A 126 -4.31 40.40 0.95
N ASN A 127 -4.97 39.95 2.01
CA ASN A 127 -5.90 38.82 1.93
C ASN A 127 -7.16 39.09 1.14
N THR A 128 -7.56 40.35 1.11
CA THR A 128 -8.88 40.69 0.58
C THR A 128 -8.75 41.65 -0.61
N ARG A 129 -8.22 42.83 -0.36
CA ARG A 129 -7.99 43.82 -1.41
C ARG A 129 -7.02 43.30 -2.45
N GLY A 130 -5.90 42.74 -1.99
CA GLY A 130 -4.89 42.16 -2.88
C GLY A 130 -5.48 41.09 -3.80
N GLN A 131 -6.17 40.13 -3.19
CA GLN A 131 -6.80 39.05 -3.97
C GLN A 131 -7.86 39.56 -4.95
N PHE A 132 -8.60 40.58 -4.54
CA PHE A 132 -9.60 41.18 -5.43
C PHE A 132 -8.93 41.71 -6.70
N PHE A 133 -7.81 42.42 -6.53
CA PHE A 133 -7.14 43.02 -7.66
C PHE A 133 -6.30 42.05 -8.48
N VAL A 134 -5.87 40.96 -7.84
CA VAL A 134 -5.26 39.89 -8.59
C VAL A 134 -6.33 39.32 -9.53
N ALA A 135 -7.56 39.22 -9.04
CA ALA A 135 -8.66 38.71 -9.88
C ALA A 135 -8.97 39.67 -11.03
N ARG A 136 -8.99 40.97 -10.72
CA ARG A 136 -9.19 42.00 -11.78
C ARG A 136 -8.13 41.91 -12.88
N GLU A 137 -6.86 41.84 -12.49
CA GLU A 137 -5.75 41.75 -13.44
C GLU A 137 -5.74 40.42 -14.19
N ALA A 138 -6.14 39.35 -13.49
CA ALA A 138 -6.31 38.05 -14.14
C ALA A 138 -7.34 38.14 -15.26
N TYR A 139 -8.55 38.62 -14.95
CA TYR A 139 -9.56 38.85 -15.98
C TYR A 139 -9.00 39.67 -17.13
N ARG A 140 -8.34 40.77 -16.79
CA ARG A 140 -7.76 41.67 -17.79
C ARG A 140 -6.72 41.02 -18.71
N HIS A 141 -5.99 40.02 -18.21
CA HIS A 141 -4.86 39.45 -18.98
C HIS A 141 -5.11 38.05 -19.53
N LEU A 142 -6.12 37.36 -19.02
CA LEU A 142 -6.34 35.94 -19.33
C LEU A 142 -6.92 35.66 -20.70
N THR A 143 -6.53 34.51 -21.26
CA THR A 143 -7.13 33.99 -22.48
C THR A 143 -8.56 33.53 -22.18
N GLU A 144 -9.39 33.48 -23.22
CA GLU A 144 -10.74 32.93 -23.13
C GLU A 144 -10.67 31.47 -22.67
N GLY A 145 -11.59 31.08 -21.79
CA GLY A 145 -11.63 29.71 -21.28
C GLY A 145 -10.64 29.48 -20.14
N GLY A 146 -10.15 30.57 -19.55
CA GLY A 146 -9.13 30.50 -18.50
C GLY A 146 -9.72 30.15 -17.15
N ARG A 147 -8.85 30.26 -16.12
CA ARG A 147 -9.15 29.84 -14.76
C ARG A 147 -8.58 30.84 -13.75
N ILE A 148 -9.41 31.17 -12.77
CA ILE A 148 -8.98 31.99 -11.64
C ILE A 148 -9.37 31.28 -10.34
N VAL A 149 -8.39 31.09 -9.47
CA VAL A 149 -8.65 30.51 -8.13
C VAL A 149 -8.12 31.46 -7.07
N LEU A 150 -8.95 31.75 -6.06
CA LEU A 150 -8.51 32.52 -4.89
C LEU A 150 -8.44 31.62 -3.66
N THR A 151 -7.90 32.16 -2.57
CA THR A 151 -7.67 31.34 -1.38
C THR A 151 -8.41 31.92 -0.20
N SER A 152 -9.27 31.07 0.37
CA SER A 152 -10.05 31.42 1.54
C SER A 152 -9.50 30.60 2.72
N SER A 153 -10.38 30.09 3.57
CA SER A 153 -9.99 29.38 4.78
C SER A 153 -11.22 28.67 5.36
N ASN A 154 -11.02 27.58 6.08
CA ASN A 154 -12.14 26.94 6.76
C ASN A 154 -12.73 27.88 7.82
N THR A 155 -11.93 28.87 8.24
CA THR A 155 -12.34 29.80 9.31
C THR A 155 -13.30 30.89 8.80
N SER A 156 -13.41 31.00 7.49
CA SER A 156 -14.38 31.92 6.88
C SER A 156 -15.81 31.59 7.34
N LYS A 157 -16.20 30.33 7.20
CA LYS A 157 -17.57 29.87 7.48
C LYS A 157 -17.63 28.58 8.29
N ASP A 158 -16.71 27.65 8.05
CA ASP A 158 -16.86 26.28 8.58
C ASP A 158 -16.30 26.02 9.97
N PHE A 159 -15.45 26.92 10.46
CA PHE A 159 -14.73 26.69 11.74
C PHE A 159 -14.71 28.03 12.48
N SER A 160 -15.13 28.05 13.74
CA SER A 160 -15.10 29.27 14.54
C SER A 160 -14.00 29.20 15.60
N VAL A 161 -13.09 30.15 15.55
CA VAL A 161 -11.98 30.21 16.49
C VAL A 161 -12.05 31.55 17.20
N PRO A 162 -12.10 31.54 18.55
CA PRO A 162 -12.07 32.80 19.27
C PRO A 162 -10.84 33.63 18.87
N LYS A 163 -10.96 34.95 18.94
CA LYS A 163 -9.85 35.87 18.65
C LYS A 163 -9.36 35.76 17.20
N HIS A 164 -10.26 35.37 16.29
CA HIS A 164 -9.85 35.13 14.89
C HIS A 164 -10.80 35.88 13.93
N SER A 165 -11.44 36.93 14.44
CA SER A 165 -12.49 37.64 13.68
C SER A 165 -11.91 38.33 12.46
N LEU A 166 -10.78 39.01 12.64
CA LEU A 166 -10.18 39.77 11.55
C LEU A 166 -9.82 38.89 10.36
N TYR A 167 -9.09 37.81 10.60
CA TYR A 167 -8.69 36.94 9.51
C TYR A 167 -9.92 36.21 8.90
N SER A 168 -10.84 35.77 9.77
CA SER A 168 -12.03 35.03 9.31
C SER A 168 -12.83 35.89 8.33
N GLY A 169 -13.04 37.16 8.69
CA GLY A 169 -13.70 38.12 7.80
C GLY A 169 -12.95 38.44 6.52
N SER A 170 -11.61 38.44 6.56
CA SER A 170 -10.85 38.74 5.33
C SER A 170 -11.11 37.67 4.27
N LYS A 171 -11.38 36.44 4.72
CA LYS A 171 -11.63 35.33 3.81
C LYS A 171 -13.13 35.19 3.46
N GLY A 172 -14.00 35.64 4.36
CA GLY A 172 -15.45 35.66 4.09
C GLY A 172 -15.77 36.58 2.90
N ALA A 173 -15.06 37.69 2.79
CA ALA A 173 -15.14 38.58 1.63
C ALA A 173 -14.76 37.84 0.35
N VAL A 174 -13.67 37.08 0.42
CA VAL A 174 -13.21 36.24 -0.70
C VAL A 174 -14.30 35.25 -1.16
N ASP A 175 -14.92 34.52 -0.23
CA ASP A 175 -16.04 33.62 -0.57
C ASP A 175 -17.11 34.32 -1.42
N SER A 176 -17.52 35.51 -1.00
CA SER A 176 -18.55 36.26 -1.74
C SER A 176 -18.00 36.78 -3.09
N PHE A 177 -16.76 37.25 -3.09
CA PHE A 177 -16.09 37.73 -4.32
C PHE A 177 -16.20 36.69 -5.45
N VAL A 178 -15.74 35.47 -5.18
CA VAL A 178 -15.65 34.46 -6.25
C VAL A 178 -17.00 34.05 -6.82
N ARG A 179 -18.03 34.03 -5.97
CA ARG A 179 -19.37 33.70 -6.44
C ARG A 179 -19.81 34.73 -7.50
N ILE A 180 -19.54 35.99 -7.23
CA ILE A 180 -19.95 37.05 -8.17
C ILE A 180 -18.96 37.19 -9.33
N PHE A 181 -17.66 36.95 -9.04
CA PHE A 181 -16.63 37.01 -10.09
C PHE A 181 -16.98 36.01 -11.18
N SER A 182 -17.58 34.88 -10.81
CA SER A 182 -17.92 33.86 -11.81
C SER A 182 -18.94 34.38 -12.81
N LYS A 183 -19.80 35.30 -12.38
CA LYS A 183 -20.80 35.90 -13.26
C LYS A 183 -20.12 36.85 -14.26
N ASP A 184 -19.37 37.82 -13.73
CA ASP A 184 -18.60 38.77 -14.53
C ASP A 184 -17.64 38.10 -15.52
N CYS A 185 -16.84 37.17 -15.02
CA CYS A 185 -15.81 36.52 -15.82
C CYS A 185 -16.33 35.53 -16.84
N GLY A 186 -17.62 35.18 -16.74
CA GLY A 186 -18.26 34.28 -17.71
C GLY A 186 -18.25 34.84 -19.12
N ASP A 187 -18.10 36.16 -19.24
CA ASP A 187 -18.10 36.75 -20.58
C ASP A 187 -16.78 36.52 -21.35
N LYS A 188 -15.77 35.98 -20.65
CA LYS A 188 -14.57 35.41 -21.28
C LYS A 188 -14.48 33.88 -21.08
N LYS A 189 -15.57 33.25 -20.63
CA LYS A 189 -15.60 31.81 -20.23
C LYS A 189 -14.52 31.43 -19.19
N ILE A 190 -14.21 32.37 -18.32
CA ILE A 190 -13.25 32.13 -17.26
C ILE A 190 -13.99 31.71 -15.98
N THR A 191 -13.66 30.54 -15.46
CA THR A 191 -14.23 30.13 -14.18
C THR A 191 -13.46 30.76 -13.02
N VAL A 192 -14.16 30.98 -11.92
CA VAL A 192 -13.57 31.56 -10.74
C VAL A 192 -14.04 30.79 -9.52
N ASN A 193 -13.08 30.30 -8.75
CA ASN A 193 -13.38 29.54 -7.54
C ASN A 193 -12.43 29.91 -6.44
N ALA A 194 -12.71 29.42 -5.24
CA ALA A 194 -11.75 29.56 -4.16
C ALA A 194 -11.54 28.20 -3.50
N VAL A 195 -10.34 27.96 -3.00
CA VAL A 195 -10.06 26.87 -2.07
C VAL A 195 -9.96 27.43 -0.66
N ALA A 196 -10.52 26.70 0.31
CA ALA A 196 -10.60 27.14 1.70
C ALA A 196 -9.94 26.07 2.55
N PRO A 197 -8.60 26.14 2.69
CA PRO A 197 -7.90 25.09 3.42
C PRO A 197 -8.26 25.14 4.89
N GLY A 198 -8.33 23.98 5.54
CA GLY A 198 -8.21 23.92 6.99
C GLY A 198 -6.73 24.04 7.36
N GLY A 199 -6.39 23.65 8.58
CA GLY A 199 -5.00 23.66 9.06
C GLY A 199 -4.10 22.85 8.13
N THR A 200 -3.12 23.55 7.54
CA THR A 200 -2.28 22.98 6.48
C THR A 200 -0.81 23.27 6.88
N VAL A 201 -0.01 22.21 6.97
CA VAL A 201 1.33 22.34 7.57
C VAL A 201 2.26 23.21 6.70
N THR A 202 2.46 24.46 7.14
CA THR A 202 3.37 25.43 6.54
C THR A 202 3.91 26.30 7.69
N ASP A 203 4.73 27.30 7.36
CA ASP A 203 5.17 28.30 8.36
C ASP A 203 3.98 28.97 9.06
N MET A 204 2.94 29.26 8.28
CA MET A 204 1.73 29.87 8.84
C MET A 204 1.07 29.02 9.95
N PHE A 205 0.89 27.72 9.68
CA PHE A 205 0.28 26.78 10.62
C PHE A 205 0.94 26.76 12.01
N HIS A 206 2.27 26.74 12.03
CA HIS A 206 3.01 26.65 13.29
C HIS A 206 2.87 27.90 14.14
N GLU A 207 2.59 29.03 13.50
CA GLU A 207 2.48 30.31 14.20
C GLU A 207 1.24 30.30 15.09
N VAL A 208 0.20 29.60 14.64
CA VAL A 208 -1.15 29.71 15.21
C VAL A 208 -1.81 28.40 15.74
N SER A 209 -1.17 27.25 15.51
CA SER A 209 -1.77 25.94 15.80
C SER A 209 -2.19 25.78 17.28
N HIS A 210 -1.72 26.64 18.17
CA HIS A 210 -2.21 26.59 19.56
C HIS A 210 -3.67 27.07 19.70
N HIS A 211 -4.13 27.84 18.71
CA HIS A 211 -5.54 28.27 18.68
C HIS A 211 -6.51 27.16 18.22
N TYR A 212 -5.98 26.14 17.55
CA TYR A 212 -6.79 25.09 16.91
C TYR A 212 -7.12 23.88 17.77
N ILE A 213 -6.43 23.73 18.89
CA ILE A 213 -6.60 22.53 19.68
C ILE A 213 -7.08 22.90 21.07
N PRO A 214 -7.88 22.01 21.71
CA PRO A 214 -8.50 22.21 23.03
C PRO A 214 -7.64 23.02 24.00
N ASN A 215 -6.74 22.36 24.72
CA ASN A 215 -5.76 23.06 25.55
C ASN A 215 -4.34 22.61 25.18
N GLY A 216 -3.73 23.33 24.26
CA GLY A 216 -2.40 22.97 23.76
C GLY A 216 -1.30 23.93 24.21
N THR A 217 -1.51 24.57 25.36
CA THR A 217 -0.61 25.61 25.86
C THR A 217 0.80 25.06 26.10
N SER A 218 0.91 23.90 26.75
CA SER A 218 2.22 23.36 27.09
C SER A 218 2.89 22.63 25.91
N TYR A 219 2.33 22.78 24.73
CA TYR A 219 2.77 21.97 23.60
C TYR A 219 3.63 22.72 22.60
N THR A 220 4.75 22.10 22.24
CA THR A 220 5.64 22.61 21.20
C THR A 220 4.97 22.41 19.84
N ALA A 221 5.56 23.01 18.80
CA ALA A 221 4.99 22.98 17.45
C ALA A 221 4.68 21.56 16.96
N GLU A 222 5.62 20.64 17.19
CA GLU A 222 5.48 19.25 16.76
C GLU A 222 4.31 18.58 17.45
N GLN A 223 4.18 18.77 18.77
CA GLN A 223 3.08 18.20 19.54
C GLN A 223 1.73 18.79 19.14
N ARG A 224 1.70 20.12 18.92
CA ARG A 224 0.48 20.78 18.44
C ARG A 224 0.05 20.23 17.08
N GLN A 225 1.03 19.97 16.21
CA GLN A 225 0.76 19.41 14.87
C GLN A 225 0.18 18.00 15.00
N GLN A 226 0.79 17.16 15.85
CA GLN A 226 0.26 15.83 16.13
C GLN A 226 -1.21 15.87 16.59
N MET A 227 -1.51 16.82 17.48
CA MET A 227 -2.85 16.96 18.05
C MET A 227 -3.86 17.44 17.02
N ALA A 228 -3.41 18.34 16.14
CA ALA A 228 -4.25 18.89 15.07
C ALA A 228 -4.59 17.85 13.99
N ALA A 229 -3.72 16.84 13.84
CA ALA A 229 -3.94 15.71 12.91
C ALA A 229 -5.23 14.93 13.20
N HIS A 230 -5.83 15.14 14.36
CA HIS A 230 -7.03 14.41 14.72
C HIS A 230 -8.35 15.15 14.43
N ALA A 231 -8.25 16.41 14.01
CA ALA A 231 -9.44 17.15 13.56
C ALA A 231 -10.14 16.42 12.39
N SER A 232 -9.35 16.01 11.38
CA SER A 232 -9.86 15.20 10.27
C SER A 232 -10.18 13.77 10.69
N PRO A 233 -11.35 13.24 10.27
CA PRO A 233 -11.67 11.85 10.56
C PRO A 233 -10.69 10.87 9.85
N LEU A 234 -9.80 11.41 9.01
CA LEU A 234 -8.73 10.62 8.39
C LEU A 234 -7.47 10.58 9.25
N HIS A 235 -7.48 11.32 10.36
CA HIS A 235 -6.38 11.32 11.34
C HIS A 235 -5.01 11.61 10.73
N ARG A 236 -4.98 12.68 9.95
CA ARG A 236 -3.75 13.28 9.48
C ARG A 236 -3.94 14.78 9.24
N ASN A 237 -2.82 15.49 9.14
CA ASN A 237 -2.84 16.90 8.80
C ASN A 237 -3.09 17.13 7.34
N GLY A 238 -3.60 18.32 7.00
CA GLY A 238 -3.57 18.82 5.64
C GLY A 238 -2.14 19.23 5.30
N TRP A 239 -1.79 19.07 4.02
CA TRP A 239 -0.48 19.45 3.48
C TRP A 239 -0.64 20.33 2.25
N PRO A 240 0.38 21.15 1.96
CA PRO A 240 0.33 21.95 0.74
C PRO A 240 -0.07 21.13 -0.49
N GLN A 241 0.40 19.89 -0.59
CA GLN A 241 0.06 19.03 -1.73
C GLN A 241 -1.46 18.76 -1.82
N ASP A 242 -2.14 18.72 -0.67
CA ASP A 242 -3.60 18.51 -0.65
C ASP A 242 -4.30 19.64 -1.37
N VAL A 243 -3.88 20.88 -1.11
CA VAL A 243 -4.42 22.04 -1.77
C VAL A 243 -4.05 22.06 -3.27
N ALA A 244 -2.78 21.82 -3.58
CA ALA A 244 -2.31 21.69 -4.97
C ALA A 244 -3.15 20.71 -5.78
N ASN A 245 -3.40 19.54 -5.21
CA ASN A 245 -4.21 18.52 -5.87
C ASN A 245 -5.57 19.07 -6.30
N VAL A 246 -6.21 19.86 -5.43
CA VAL A 246 -7.55 20.37 -5.76
C VAL A 246 -7.49 21.51 -6.77
N VAL A 247 -6.55 22.43 -6.57
CA VAL A 247 -6.27 23.48 -7.55
C VAL A 247 -6.03 22.91 -8.96
N GLY A 248 -5.21 21.87 -9.05
CA GLY A 248 -4.91 21.21 -10.34
C GLY A 248 -6.16 20.75 -11.07
N PHE A 249 -7.13 20.24 -10.33
CA PHE A 249 -8.39 19.82 -10.92
C PHE A 249 -9.24 21.03 -11.34
N LEU A 250 -9.41 22.00 -10.43
CA LEU A 250 -10.22 23.20 -10.74
C LEU A 250 -9.73 23.90 -12.01
N VAL A 251 -8.41 23.95 -12.20
CA VAL A 251 -7.83 24.69 -13.34
C VAL A 251 -7.70 23.84 -14.60
N SER A 252 -8.08 22.57 -14.50
CA SER A 252 -8.10 21.68 -15.66
C SER A 252 -9.38 21.90 -16.47
N LYS A 253 -9.41 21.34 -17.68
CA LYS A 253 -10.60 21.33 -18.52
C LYS A 253 -11.77 20.65 -17.78
N GLU A 254 -11.47 19.54 -17.10
CA GLU A 254 -12.45 18.69 -16.44
C GLU A 254 -13.05 19.32 -15.18
N GLY A 255 -12.44 20.42 -14.72
CA GLY A 255 -12.93 21.18 -13.59
C GLY A 255 -13.94 22.28 -13.91
N GLU A 256 -14.22 22.47 -15.20
CA GLU A 256 -15.02 23.61 -15.65
C GLU A 256 -16.37 23.80 -14.91
N TRP A 257 -17.09 22.70 -14.65
CA TRP A 257 -18.45 22.85 -14.11
C TRP A 257 -18.49 23.20 -12.62
N VAL A 258 -17.31 23.19 -11.97
CA VAL A 258 -17.15 23.80 -10.64
C VAL A 258 -16.78 25.25 -10.92
N ASN A 259 -17.70 26.15 -10.62
CA ASN A 259 -17.54 27.56 -10.96
C ASN A 259 -18.31 28.42 -9.97
N GLY A 260 -17.65 29.45 -9.44
CA GLY A 260 -18.26 30.36 -8.46
C GLY A 260 -18.39 29.75 -7.07
N LYS A 261 -17.58 28.72 -6.80
CA LYS A 261 -17.72 27.94 -5.57
C LYS A 261 -16.51 28.07 -4.67
N VAL A 262 -16.72 27.80 -3.37
CA VAL A 262 -15.65 27.76 -2.40
C VAL A 262 -15.59 26.32 -1.88
N LEU A 263 -14.45 25.68 -2.06
CA LEU A 263 -14.27 24.29 -1.60
C LEU A 263 -13.41 24.26 -0.33
N THR A 264 -14.01 23.82 0.78
CA THR A 264 -13.30 23.68 2.03
C THR A 264 -12.49 22.40 2.00
N LEU A 265 -11.20 22.53 2.31
CA LEU A 265 -10.26 21.45 2.13
C LEU A 265 -9.64 21.14 3.48
N ASP A 266 -10.37 20.38 4.28
CA ASP A 266 -9.96 20.12 5.64
C ASP A 266 -10.01 18.64 5.96
N GLY A 267 -10.05 17.82 4.91
CA GLY A 267 -10.09 16.37 5.09
C GLY A 267 -11.26 15.85 5.91
N GLY A 268 -12.35 16.61 5.92
CA GLY A 268 -13.58 16.17 6.58
C GLY A 268 -13.79 16.61 8.02
N ALA A 269 -12.97 17.54 8.50
CA ALA A 269 -13.03 18.00 9.89
C ALA A 269 -14.38 18.68 10.20
N ALA A 270 -14.85 19.54 9.30
CA ALA A 270 -16.06 20.34 9.54
C ALA A 270 -17.30 19.46 9.70
N THR B 10 -50.35 40.73 32.07
CA THR B 10 -50.35 41.05 30.62
C THR B 10 -48.92 41.29 30.10
N TYR B 11 -48.28 40.20 29.69
CA TYR B 11 -46.89 40.22 29.25
C TYR B 11 -46.73 40.90 27.88
N ILE B 12 -45.95 41.99 27.87
CA ILE B 12 -45.57 42.65 26.62
C ILE B 12 -44.08 42.40 26.37
N PRO B 13 -43.76 41.65 25.29
CA PRO B 13 -42.38 41.25 25.08
C PRO B 13 -41.54 42.35 24.45
N GLY B 14 -40.24 42.28 24.68
CA GLY B 14 -39.28 43.05 23.90
C GLY B 14 -39.17 44.52 24.24
N ARG B 15 -39.61 44.92 25.43
CA ARG B 15 -39.41 46.30 25.86
C ARG B 15 -37.93 46.57 26.11
N LEU B 16 -37.53 47.83 25.88
CA LEU B 16 -36.15 48.26 26.04
C LEU B 16 -36.08 49.43 27.02
N ASP B 17 -37.01 49.46 27.97
CA ASP B 17 -37.06 50.51 28.98
C ASP B 17 -35.80 50.47 29.84
N GLY B 18 -35.21 51.64 30.06
CA GLY B 18 -33.97 51.76 30.82
C GLY B 18 -32.72 51.56 29.97
N LYS B 19 -32.89 51.19 28.71
CA LYS B 19 -31.75 50.91 27.83
C LYS B 19 -31.38 52.11 26.97
N VAL B 20 -30.11 52.14 26.58
CA VAL B 20 -29.59 53.17 25.67
C VAL B 20 -29.03 52.47 24.42
N ALA B 21 -29.46 52.93 23.27
CA ALA B 21 -29.01 52.38 21.98
C ALA B 21 -28.36 53.43 21.12
N LEU B 22 -27.43 52.99 20.28
CA LEU B 22 -26.77 53.83 19.29
C LEU B 22 -26.98 53.18 17.92
N VAL B 23 -27.34 53.98 16.93
CA VAL B 23 -27.52 53.46 15.56
C VAL B 23 -26.71 54.32 14.61
N THR B 24 -25.78 53.71 13.89
CA THR B 24 -25.00 54.47 12.91
C THR B 24 -25.83 54.76 11.66
N GLY B 25 -25.68 55.96 11.12
CA GLY B 25 -26.39 56.37 9.90
C GLY B 25 -27.90 56.24 10.03
N SER B 26 -28.43 56.78 11.14
CA SER B 26 -29.85 56.69 11.45
C SER B 26 -30.64 57.98 11.16
N GLY B 27 -30.05 58.86 10.35
CA GLY B 27 -30.75 60.06 9.89
C GLY B 27 -31.80 59.74 8.85
N ARG B 28 -31.56 58.69 8.06
CA ARG B 28 -32.47 58.32 6.97
C ARG B 28 -32.40 56.82 6.68
N GLY B 29 -33.30 56.34 5.81
CA GLY B 29 -33.32 54.92 5.40
C GLY B 29 -33.57 53.92 6.52
N ILE B 30 -32.98 52.74 6.39
CA ILE B 30 -33.12 51.67 7.37
C ILE B 30 -32.74 52.14 8.79
N GLY B 31 -31.57 52.77 8.91
CA GLY B 31 -31.10 53.28 10.19
C GLY B 31 -32.13 54.13 10.91
N ALA B 32 -32.80 55.01 10.17
CA ALA B 32 -33.83 55.88 10.75
C ALA B 32 -34.98 55.10 11.37
N ALA B 33 -35.50 54.11 10.63
CA ALA B 33 -36.62 53.31 11.13
C ALA B 33 -36.19 52.44 12.32
N VAL B 34 -34.95 51.94 12.28
CA VAL B 34 -34.40 51.19 13.43
C VAL B 34 -34.37 52.08 14.67
N ALA B 35 -33.78 53.26 14.55
CA ALA B 35 -33.71 54.25 15.64
C ALA B 35 -35.08 54.62 16.25
N VAL B 36 -36.04 55.02 15.41
CA VAL B 36 -37.39 55.31 15.88
C VAL B 36 -38.02 54.11 16.60
N HIS B 37 -37.85 52.92 16.02
CA HIS B 37 -38.42 51.70 16.60
C HIS B 37 -37.85 51.35 17.97
N LEU B 38 -36.52 51.47 18.11
CA LEU B 38 -35.90 51.23 19.41
C LEU B 38 -36.41 52.25 20.44
N GLY B 39 -36.66 53.47 19.98
CA GLY B 39 -37.23 54.52 20.83
C GLY B 39 -38.64 54.14 21.26
N ARG B 40 -39.45 53.70 20.30
CA ARG B 40 -40.82 53.22 20.54
C ARG B 40 -40.83 52.07 21.54
N LEU B 41 -39.77 51.26 21.51
CA LEU B 41 -39.64 50.13 22.44
C LEU B 41 -39.16 50.53 23.84
N GLY B 42 -38.87 51.82 24.04
CA GLY B 42 -38.48 52.33 25.36
C GLY B 42 -37.02 52.75 25.51
N ALA B 43 -36.22 52.52 24.48
CA ALA B 43 -34.79 52.88 24.54
C ALA B 43 -34.57 54.37 24.29
N LYS B 44 -33.54 54.92 24.91
CA LYS B 44 -33.03 56.23 24.58
C LYS B 44 -32.03 56.02 23.46
N VAL B 45 -31.99 56.93 22.50
CA VAL B 45 -31.28 56.63 21.25
C VAL B 45 -30.24 57.67 20.83
N VAL B 46 -29.03 57.20 20.53
CA VAL B 46 -28.04 58.03 19.87
C VAL B 46 -28.20 57.87 18.36
N VAL B 47 -28.59 58.97 17.71
CA VAL B 47 -28.80 59.04 16.28
C VAL B 47 -27.53 59.55 15.60
N ASN B 48 -26.71 58.63 15.11
CA ASN B 48 -25.51 59.00 14.37
C ASN B 48 -25.85 59.37 12.94
N TYR B 49 -25.16 60.39 12.42
CA TYR B 49 -25.24 60.78 11.02
C TYR B 49 -23.88 61.29 10.57
N ALA B 50 -23.67 61.30 9.26
CA ALA B 50 -22.43 61.84 8.68
C ALA B 50 -22.70 63.15 7.95
N ASN B 51 -23.85 63.22 7.29
CA ASN B 51 -24.19 64.34 6.41
C ASN B 51 -25.58 64.91 6.70
N SER B 52 -26.54 64.02 6.92
CA SER B 52 -27.95 64.39 6.93
C SER B 52 -28.42 65.00 8.26
N THR B 53 -27.91 66.19 8.56
CA THR B 53 -28.17 66.88 9.83
C THR B 53 -29.66 67.08 10.11
N LYS B 54 -30.35 67.73 9.17
CA LYS B 54 -31.78 68.00 9.31
C LYS B 54 -32.61 66.72 9.43
N ASP B 55 -32.28 65.72 8.61
CA ASP B 55 -32.95 64.42 8.66
C ASP B 55 -32.77 63.77 10.04
N ALA B 56 -31.54 63.79 10.56
CA ALA B 56 -31.23 63.25 11.87
C ALA B 56 -32.02 63.95 12.98
N GLU B 57 -32.19 65.26 12.85
CA GLU B 57 -32.94 66.03 13.85
C GLU B 57 -34.44 65.71 13.86
N LYS B 58 -35.01 65.47 12.68
CA LYS B 58 -36.40 64.98 12.59
C LYS B 58 -36.56 63.63 13.30
N VAL B 59 -35.58 62.74 13.11
CA VAL B 59 -35.56 61.42 13.77
C VAL B 59 -35.54 61.58 15.29
N VAL B 60 -34.62 62.41 15.79
CA VAL B 60 -34.55 62.79 17.20
C VAL B 60 -35.90 63.30 17.69
N SER B 61 -36.51 64.21 16.93
CA SER B 61 -37.81 64.78 17.27
C SER B 61 -38.90 63.72 17.33
N GLU B 62 -38.85 62.77 16.40
CA GLU B 62 -39.84 61.70 16.31
C GLU B 62 -39.75 60.77 17.53
N ILE B 63 -38.53 60.46 17.95
CA ILE B 63 -38.28 59.64 19.15
C ILE B 63 -38.76 60.35 20.42
N LYS B 64 -38.45 61.64 20.56
CA LYS B 64 -38.94 62.43 21.70
C LYS B 64 -40.46 62.47 21.75
N ALA B 65 -41.09 62.58 20.58
CA ALA B 65 -42.54 62.68 20.46
C ALA B 65 -43.27 61.41 20.94
N LEU B 66 -42.65 60.25 20.74
CA LEU B 66 -43.24 59.00 21.25
C LEU B 66 -42.86 58.70 22.73
N GLY B 67 -42.31 59.69 23.41
CA GLY B 67 -42.11 59.63 24.86
C GLY B 67 -40.76 59.12 25.33
N SER B 68 -39.80 59.03 24.41
CA SER B 68 -38.45 58.63 24.77
C SER B 68 -37.50 59.82 24.66
N ASP B 69 -36.20 59.56 24.61
CA ASP B 69 -35.21 60.62 24.50
C ASP B 69 -34.15 60.22 23.48
N ALA B 70 -33.56 61.20 22.82
CA ALA B 70 -32.55 60.93 21.77
C ALA B 70 -31.65 62.13 21.49
N ILE B 71 -30.47 61.86 20.95
CA ILE B 71 -29.53 62.91 20.57
C ILE B 71 -28.87 62.58 19.23
N ALA B 72 -28.77 63.59 18.37
CA ALA B 72 -28.12 63.44 17.07
C ALA B 72 -26.64 63.75 17.20
N ILE B 73 -25.79 62.78 16.87
CA ILE B 73 -24.34 63.02 16.92
C ILE B 73 -23.66 62.77 15.57
N LYS B 74 -22.91 63.75 15.10
CA LYS B 74 -22.18 63.68 13.83
C LYS B 74 -20.87 62.90 13.98
N ALA B 75 -20.68 61.89 13.14
CA ALA B 75 -19.42 61.14 13.06
C ALA B 75 -19.33 60.40 11.72
N ASP B 76 -18.17 60.52 11.09
CA ASP B 76 -17.85 59.80 9.87
C ASP B 76 -17.33 58.44 10.28
N ILE B 77 -18.11 57.40 10.00
CA ILE B 77 -17.79 56.03 10.45
C ILE B 77 -16.58 55.42 9.71
N ARG B 78 -16.16 56.06 8.62
CA ARG B 78 -14.90 55.67 7.96
C ARG B 78 -13.69 55.99 8.83
N GLN B 79 -13.82 57.02 9.67
CA GLN B 79 -12.71 57.48 10.49
C GLN B 79 -12.78 56.86 11.87
N VAL B 80 -11.87 55.93 12.15
CA VAL B 80 -11.85 55.24 13.45
C VAL B 80 -11.77 56.19 14.68
N PRO B 81 -10.94 57.26 14.60
CA PRO B 81 -10.97 58.19 15.75
C PRO B 81 -12.35 58.84 15.99
N GLU B 82 -13.12 59.07 14.93
CA GLU B 82 -14.47 59.60 15.07
C GLU B 82 -15.46 58.58 15.67
N ILE B 83 -15.26 57.30 15.35
CA ILE B 83 -16.05 56.22 15.99
C ILE B 83 -15.81 56.22 17.51
N VAL B 84 -14.53 56.29 17.89
CA VAL B 84 -14.15 56.38 19.31
C VAL B 84 -14.86 57.54 19.99
N LYS B 85 -14.74 58.73 19.39
CA LYS B 85 -15.37 59.94 19.94
C LYS B 85 -16.89 59.78 20.00
N LEU B 86 -17.46 59.14 18.99
CA LEU B 86 -18.92 58.96 18.94
C LEU B 86 -19.38 58.17 20.16
N PHE B 87 -18.68 57.07 20.44
CA PHE B 87 -19.04 56.21 21.56
C PHE B 87 -18.76 56.85 22.94
N ASP B 88 -17.65 57.59 23.05
CA ASP B 88 -17.38 58.34 24.28
C ASP B 88 -18.48 59.37 24.54
N GLN B 89 -18.91 60.07 23.48
CA GLN B 89 -19.97 61.08 23.60
C GLN B 89 -21.28 60.44 24.04
N ALA B 90 -21.58 59.27 23.49
CA ALA B 90 -22.80 58.53 23.84
C ALA B 90 -22.86 58.22 25.33
N VAL B 91 -21.77 57.69 25.87
CA VAL B 91 -21.68 57.31 27.28
C VAL B 91 -21.70 58.55 28.19
N ALA B 92 -20.95 59.58 27.78
CA ALA B 92 -20.92 60.83 28.55
C ALA B 92 -22.30 61.50 28.61
N HIS B 93 -23.10 61.31 27.56
CA HIS B 93 -24.43 61.94 27.49
C HIS B 93 -25.51 61.16 28.24
N PHE B 94 -25.64 59.85 27.94
CA PHE B 94 -26.69 59.04 28.56
C PHE B 94 -26.23 58.22 29.78
N GLY B 95 -24.92 58.12 30.00
CA GLY B 95 -24.38 57.46 31.20
C GLY B 95 -23.97 56.01 30.95
N HIS B 96 -24.62 55.38 29.99
CA HIS B 96 -24.31 54.01 29.62
C HIS B 96 -24.79 53.72 28.20
N LEU B 97 -24.26 52.66 27.60
CA LEU B 97 -24.72 52.23 26.31
C LEU B 97 -24.88 50.72 26.33
N ASP B 98 -26.07 50.26 25.92
CA ASP B 98 -26.42 48.84 26.01
C ASP B 98 -26.54 48.18 24.65
N ILE B 99 -26.93 48.96 23.64
CA ILE B 99 -27.22 48.42 22.33
C ILE B 99 -26.46 49.24 21.31
N ALA B 100 -25.80 48.57 20.36
CA ALA B 100 -25.15 49.26 19.25
C ALA B 100 -25.52 48.60 17.94
N VAL B 101 -26.09 49.41 17.04
CA VAL B 101 -26.51 48.94 15.73
C VAL B 101 -25.68 49.61 14.67
N SER B 102 -24.85 48.81 14.02
CA SER B 102 -24.01 49.29 12.92
C SER B 102 -24.82 49.17 11.65
N ASN B 103 -25.23 50.31 11.09
CA ASN B 103 -26.10 50.31 9.93
C ASN B 103 -25.55 51.03 8.69
N SER B 104 -24.72 52.06 8.88
CA SER B 104 -24.17 52.84 7.76
C SER B 104 -23.50 51.97 6.70
N GLY B 105 -23.82 52.22 5.44
CA GLY B 105 -23.19 51.51 4.32
C GLY B 105 -23.45 52.26 3.04
N VAL B 106 -22.67 51.96 2.00
CA VAL B 106 -22.89 52.50 0.65
C VAL B 106 -22.97 51.31 -0.31
N VAL B 107 -23.71 51.47 -1.40
CA VAL B 107 -23.81 50.41 -2.40
C VAL B 107 -22.87 50.74 -3.57
N SER B 108 -22.53 49.71 -4.36
CA SER B 108 -21.65 49.88 -5.52
C SER B 108 -21.95 48.82 -6.57
N PHE B 109 -21.87 49.22 -7.83
CA PHE B 109 -21.97 48.30 -8.95
C PHE B 109 -20.88 48.60 -9.97
N GLY B 110 -20.33 47.53 -10.54
CA GLY B 110 -19.34 47.62 -11.60
C GLY B 110 -18.83 46.23 -11.93
N HIS B 111 -18.60 45.99 -13.21
CA HIS B 111 -17.91 44.78 -13.63
C HIS B 111 -16.52 44.78 -12.99
N LEU B 112 -16.12 43.61 -12.49
CA LEU B 112 -14.79 43.40 -11.91
C LEU B 112 -13.66 44.12 -12.67
N LYS B 113 -13.72 44.05 -14.00
CA LYS B 113 -12.70 44.60 -14.88
C LYS B 113 -12.52 46.13 -14.79
N ASP B 114 -13.51 46.81 -14.22
CA ASP B 114 -13.55 48.27 -14.15
C ASP B 114 -13.43 48.83 -12.73
N VAL B 115 -13.40 47.95 -11.73
CA VAL B 115 -13.33 48.41 -10.34
C VAL B 115 -11.94 49.00 -10.05
N THR B 116 -11.97 50.23 -9.54
CA THR B 116 -10.75 50.97 -9.24
C THR B 116 -10.34 50.76 -7.78
N GLU B 117 -9.09 51.08 -7.47
CA GLU B 117 -8.63 51.14 -6.09
C GLU B 117 -9.50 52.09 -5.28
N GLU B 118 -9.83 53.23 -5.88
CA GLU B 118 -10.61 54.26 -5.20
C GLU B 118 -11.99 53.72 -4.80
N GLU B 119 -12.63 52.97 -5.69
CA GLU B 119 -13.96 52.42 -5.41
C GLU B 119 -13.90 51.28 -4.39
N PHE B 120 -12.94 50.37 -4.54
CA PHE B 120 -12.75 49.33 -3.53
C PHE B 120 -12.70 49.97 -2.14
N ASP B 121 -11.83 50.97 -1.99
CA ASP B 121 -11.62 51.62 -0.71
C ASP B 121 -12.82 52.42 -0.20
N ARG B 122 -13.51 53.12 -1.10
CA ARG B 122 -14.76 53.81 -0.74
C ARG B 122 -15.75 52.86 -0.06
N VAL B 123 -15.87 51.65 -0.60
CA VAL B 123 -16.85 50.68 -0.13
C VAL B 123 -16.38 49.99 1.17
N PHE B 124 -15.19 49.41 1.12
CA PHE B 124 -14.71 48.66 2.28
C PHE B 124 -14.47 49.52 3.53
N SER B 125 -14.02 50.76 3.34
CA SER B 125 -13.77 51.68 4.44
C SER B 125 -14.99 51.89 5.33
N LEU B 126 -16.17 51.96 4.72
CA LEU B 126 -17.42 52.10 5.48
C LEU B 126 -18.10 50.77 5.82
N ASN B 127 -18.32 49.94 4.80
CA ASN B 127 -19.13 48.71 4.91
C ASN B 127 -18.52 47.63 5.76
N THR B 128 -17.19 47.61 5.81
CA THR B 128 -16.45 46.49 6.33
C THR B 128 -15.52 46.93 7.45
N ARG B 129 -14.56 47.81 7.12
CA ARG B 129 -13.66 48.38 8.11
C ARG B 129 -14.43 49.21 9.14
N GLY B 130 -15.27 50.14 8.66
CA GLY B 130 -16.12 50.96 9.53
C GLY B 130 -16.92 50.11 10.49
N GLN B 131 -17.63 49.11 9.97
CA GLN B 131 -18.44 48.25 10.83
C GLN B 131 -17.59 47.43 11.80
N PHE B 132 -16.43 46.97 11.37
CA PHE B 132 -15.54 46.25 12.27
C PHE B 132 -15.21 47.11 13.50
N PHE B 133 -14.83 48.35 13.29
CA PHE B 133 -14.41 49.21 14.40
C PHE B 133 -15.58 49.80 15.21
N VAL B 134 -16.77 49.90 14.60
CA VAL B 134 -17.99 50.18 15.38
C VAL B 134 -18.22 49.03 16.38
N ALA B 135 -18.06 47.78 15.93
CA ALA B 135 -18.16 46.64 16.85
C ALA B 135 -17.10 46.67 17.93
N ARG B 136 -15.85 47.02 17.58
CA ARG B 136 -14.77 47.11 18.58
C ARG B 136 -15.14 48.13 19.66
N GLU B 137 -15.56 49.31 19.21
CA GLU B 137 -15.88 50.39 20.12
C GLU B 137 -17.13 50.08 20.93
N ALA B 138 -18.08 49.35 20.32
CA ALA B 138 -19.24 48.86 21.06
C ALA B 138 -18.82 47.90 22.15
N TYR B 139 -17.96 46.93 21.83
CA TYR B 139 -17.48 46.03 22.88
C TYR B 139 -16.85 46.83 24.02
N ARG B 140 -15.98 47.78 23.68
CA ARG B 140 -15.25 48.58 24.67
C ARG B 140 -16.17 49.42 25.58
N HIS B 141 -17.26 49.94 25.01
CA HIS B 141 -18.12 50.87 25.75
C HIS B 141 -19.35 50.25 26.41
N LEU B 142 -19.78 49.09 25.93
CA LEU B 142 -21.08 48.52 26.31
C LEU B 142 -21.14 47.95 27.71
N THR B 143 -22.33 48.00 28.29
CA THR B 143 -22.61 47.38 29.58
C THR B 143 -22.70 45.87 29.38
N GLU B 144 -22.42 45.11 30.45
CA GLU B 144 -22.58 43.65 30.44
C GLU B 144 -23.98 43.26 30.00
N GLY B 145 -24.06 42.26 29.13
CA GLY B 145 -25.35 41.74 28.71
C GLY B 145 -25.93 42.55 27.58
N GLY B 146 -25.10 43.33 26.91
CA GLY B 146 -25.52 44.19 25.80
C GLY B 146 -25.68 43.50 24.46
N ARG B 147 -25.84 44.32 23.42
CA ARG B 147 -26.26 43.82 22.11
C ARG B 147 -25.53 44.59 21.02
N ILE B 148 -25.01 43.86 20.03
CA ILE B 148 -24.35 44.47 18.87
C ILE B 148 -24.96 43.83 17.65
N VAL B 149 -25.43 44.65 16.72
CA VAL B 149 -25.99 44.15 15.47
C VAL B 149 -25.30 44.90 14.32
N LEU B 150 -24.72 44.15 13.39
CA LEU B 150 -24.17 44.71 12.16
C LEU B 150 -25.12 44.49 10.97
N THR B 151 -24.79 45.11 9.84
CA THR B 151 -25.69 45.05 8.69
C THR B 151 -24.94 44.46 7.51
N SER B 152 -25.50 43.36 7.02
CA SER B 152 -24.97 42.65 5.86
C SER B 152 -25.96 42.88 4.71
N SER B 153 -26.20 41.86 3.89
CA SER B 153 -27.07 41.99 2.74
C SER B 153 -27.38 40.61 2.21
N ASN B 154 -28.54 40.45 1.56
CA ASN B 154 -28.88 39.18 0.91
C ASN B 154 -27.88 38.82 -0.17
N THR B 155 -27.14 39.83 -0.65
CA THR B 155 -26.15 39.66 -1.72
C THR B 155 -24.82 39.09 -1.20
N SER B 156 -24.63 39.10 0.12
CA SER B 156 -23.46 38.46 0.70
C SER B 156 -23.36 36.98 0.28
N LYS B 157 -24.42 36.21 0.57
CA LYS B 157 -24.46 34.77 0.32
C LYS B 157 -25.67 34.28 -0.48
N ASP B 158 -26.82 34.93 -0.30
CA ASP B 158 -28.10 34.34 -0.71
C ASP B 158 -28.60 34.76 -2.08
N PHE B 159 -27.97 35.78 -2.66
CA PHE B 159 -28.44 36.34 -3.92
C PHE B 159 -27.24 36.77 -4.75
N SER B 160 -27.16 36.31 -6.00
CA SER B 160 -26.03 36.65 -6.86
C SER B 160 -26.46 37.65 -7.94
N VAL B 161 -25.83 38.82 -7.96
CA VAL B 161 -26.13 39.86 -8.95
C VAL B 161 -24.86 40.14 -9.75
N PRO B 162 -24.94 40.08 -11.10
CA PRO B 162 -23.77 40.46 -11.89
C PRO B 162 -23.29 41.87 -11.51
N LYS B 163 -21.99 42.10 -11.65
CA LYS B 163 -21.40 43.43 -11.45
C LYS B 163 -21.58 43.96 -10.03
N HIS B 164 -21.69 43.05 -9.06
CA HIS B 164 -21.97 43.42 -7.68
C HIS B 164 -20.95 42.79 -6.72
N SER B 165 -19.76 42.46 -7.23
CA SER B 165 -18.80 41.68 -6.44
C SER B 165 -18.24 42.44 -5.25
N LEU B 166 -17.90 43.70 -5.47
CA LEU B 166 -17.29 44.55 -4.44
C LEU B 166 -18.18 44.66 -3.23
N TYR B 167 -19.43 45.05 -3.46
CA TYR B 167 -20.41 45.21 -2.40
C TYR B 167 -20.74 43.88 -1.73
N SER B 168 -20.94 42.82 -2.53
CA SER B 168 -21.25 41.50 -1.95
C SER B 168 -20.14 41.01 -1.01
N GLY B 169 -18.89 41.18 -1.46
CA GLY B 169 -17.71 40.88 -0.65
C GLY B 169 -17.62 41.69 0.63
N SER B 170 -17.95 42.96 0.54
CA SER B 170 -17.94 43.87 1.71
C SER B 170 -18.84 43.35 2.84
N LYS B 171 -19.95 42.75 2.47
CA LYS B 171 -20.89 42.19 3.45
C LYS B 171 -20.56 40.75 3.80
N GLY B 172 -19.94 40.01 2.87
CA GLY B 172 -19.43 38.66 3.20
C GLY B 172 -18.46 38.70 4.38
N ALA B 173 -17.62 39.73 4.42
CA ALA B 173 -16.68 39.88 5.53
C ALA B 173 -17.44 40.06 6.85
N VAL B 174 -18.49 40.87 6.82
CA VAL B 174 -19.36 41.13 7.99
C VAL B 174 -20.00 39.84 8.54
N ASP B 175 -20.49 38.99 7.65
CA ASP B 175 -21.06 37.69 8.07
C ASP B 175 -20.07 36.90 8.91
N SER B 176 -18.83 36.84 8.43
CA SER B 176 -17.78 36.12 9.14
C SER B 176 -17.42 36.86 10.44
N PHE B 177 -17.35 38.19 10.37
CA PHE B 177 -17.05 38.98 11.57
C PHE B 177 -17.98 38.63 12.74
N VAL B 178 -19.29 38.72 12.52
CA VAL B 178 -20.24 38.56 13.63
C VAL B 178 -20.18 37.20 14.31
N ARG B 179 -19.94 36.15 13.52
CA ARG B 179 -19.83 34.80 14.08
C ARG B 179 -18.69 34.70 15.10
N ILE B 180 -17.57 35.35 14.80
CA ILE B 180 -16.38 35.27 15.67
C ILE B 180 -16.47 36.36 16.75
N PHE B 181 -17.06 37.50 16.40
CA PHE B 181 -17.34 38.56 17.38
C PHE B 181 -18.15 37.99 18.56
N SER B 182 -19.10 37.09 18.29
CA SER B 182 -19.92 36.52 19.36
C SER B 182 -19.07 35.76 20.39
N LYS B 183 -18.03 35.07 19.91
CA LYS B 183 -17.10 34.36 20.79
C LYS B 183 -16.38 35.37 21.71
N ASP B 184 -15.77 36.39 21.13
CA ASP B 184 -15.02 37.39 21.90
C ASP B 184 -15.91 38.18 22.86
N CYS B 185 -17.05 38.65 22.36
CA CYS B 185 -17.95 39.51 23.11
C CYS B 185 -18.71 38.79 24.20
N GLY B 186 -18.68 37.46 24.15
CA GLY B 186 -19.26 36.63 25.21
C GLY B 186 -18.70 36.87 26.61
N ASP B 187 -17.45 37.30 26.69
CA ASP B 187 -16.84 37.53 28.00
C ASP B 187 -17.45 38.75 28.71
N LYS B 188 -18.27 39.52 28.01
CA LYS B 188 -19.12 40.56 28.60
C LYS B 188 -20.61 40.24 28.42
N LYS B 189 -20.92 38.98 28.08
CA LYS B 189 -22.30 38.52 27.81
C LYS B 189 -23.01 39.37 26.77
N ILE B 190 -22.24 39.95 25.86
CA ILE B 190 -22.79 40.73 24.77
C ILE B 190 -23.03 39.81 23.57
N THR B 191 -24.25 39.82 23.01
CA THR B 191 -24.51 39.05 21.80
C THR B 191 -24.18 39.90 20.58
N VAL B 192 -23.82 39.23 19.49
CA VAL B 192 -23.46 39.92 18.27
C VAL B 192 -24.09 39.18 17.09
N ASN B 193 -24.87 39.90 16.29
CA ASN B 193 -25.53 39.30 15.13
C ASN B 193 -25.46 40.27 13.97
N ALA B 194 -25.89 39.83 12.80
CA ALA B 194 -26.14 40.75 11.69
C ALA B 194 -27.53 40.51 11.10
N VAL B 195 -28.10 41.57 10.53
CA VAL B 195 -29.27 41.48 9.67
C VAL B 195 -28.79 41.64 8.22
N ALA B 196 -29.31 40.80 7.34
CA ALA B 196 -28.95 40.83 5.93
C ALA B 196 -30.21 41.15 5.11
N PRO B 197 -30.51 42.45 4.93
CA PRO B 197 -31.74 42.76 4.17
C PRO B 197 -31.67 42.37 2.70
N GLY B 198 -32.81 42.01 2.12
CA GLY B 198 -32.98 42.00 0.68
C GLY B 198 -33.32 43.41 0.22
N GLY B 199 -33.87 43.54 -0.98
CA GLY B 199 -34.28 44.84 -1.48
C GLY B 199 -35.19 45.50 -0.45
N THR B 200 -34.76 46.66 0.06
CA THR B 200 -35.54 47.38 1.05
C THR B 200 -35.72 48.82 0.56
N VAL B 201 -36.97 49.28 0.51
CA VAL B 201 -37.26 50.56 -0.14
C VAL B 201 -36.66 51.74 0.65
N THR B 202 -35.59 52.29 0.10
CA THR B 202 -34.88 53.46 0.65
C THR B 202 -34.23 54.24 -0.50
N ASP B 203 -33.45 55.26 -0.18
CA ASP B 203 -32.64 55.98 -1.17
C ASP B 203 -31.69 55.03 -1.91
N MET B 204 -31.05 54.12 -1.18
CA MET B 204 -30.16 53.15 -1.79
C MET B 204 -30.87 52.23 -2.79
N PHE B 205 -32.02 51.71 -2.40
CA PHE B 205 -32.87 50.90 -3.29
C PHE B 205 -33.20 51.56 -4.64
N HIS B 206 -33.68 52.80 -4.62
CA HIS B 206 -34.08 53.50 -5.87
C HIS B 206 -32.88 53.85 -6.73
N GLU B 207 -31.73 53.99 -6.06
CA GLU B 207 -30.46 54.34 -6.70
C GLU B 207 -30.03 53.21 -7.64
N VAL B 208 -30.26 51.97 -7.22
CA VAL B 208 -29.73 50.80 -7.94
C VAL B 208 -30.76 49.73 -8.32
N SER B 209 -32.06 50.03 -8.20
CA SER B 209 -33.11 49.04 -8.48
C SER B 209 -33.01 48.41 -9.88
N HIS B 210 -32.36 49.10 -10.81
CA HIS B 210 -32.22 48.64 -12.19
C HIS B 210 -31.27 47.46 -12.40
N HIS B 211 -30.59 47.02 -11.34
CA HIS B 211 -29.65 45.91 -11.43
C HIS B 211 -30.28 44.56 -11.08
N TYR B 212 -31.37 44.60 -10.33
CA TYR B 212 -32.08 43.38 -9.95
C TYR B 212 -33.05 42.94 -11.07
N ILE B 213 -32.74 43.35 -12.31
CA ILE B 213 -33.51 43.03 -13.51
C ILE B 213 -32.56 43.08 -14.72
N PRO B 214 -32.76 42.17 -15.72
CA PRO B 214 -32.08 42.28 -17.01
C PRO B 214 -32.26 43.66 -17.66
N ASN B 215 -31.14 44.30 -18.00
CA ASN B 215 -31.15 45.68 -18.47
C ASN B 215 -31.67 46.60 -17.38
N GLY B 216 -32.98 46.61 -17.22
CA GLY B 216 -33.66 47.31 -16.11
C GLY B 216 -33.86 48.82 -16.21
N THR B 217 -33.01 49.48 -16.99
CA THR B 217 -33.08 50.93 -17.18
C THR B 217 -34.27 51.34 -18.05
N SER B 218 -34.90 50.34 -18.69
CA SER B 218 -36.05 50.59 -19.56
C SER B 218 -37.40 50.60 -18.81
N TYR B 219 -37.35 50.59 -17.48
CA TYR B 219 -38.55 50.72 -16.63
C TYR B 219 -38.50 52.00 -15.80
N THR B 220 -39.66 52.43 -15.32
CA THR B 220 -39.75 53.53 -14.35
C THR B 220 -39.35 53.01 -12.97
N ALA B 221 -39.08 53.94 -12.05
CA ALA B 221 -38.75 53.61 -10.66
C ALA B 221 -39.90 52.88 -9.96
N GLU B 222 -41.13 53.18 -10.39
CA GLU B 222 -42.33 52.54 -9.86
C GLU B 222 -42.42 51.09 -10.32
N GLN B 223 -42.18 50.88 -11.63
CA GLN B 223 -42.19 49.54 -12.23
C GLN B 223 -41.14 48.62 -11.62
N ARG B 224 -39.92 49.15 -11.46
CA ARG B 224 -38.84 48.42 -10.82
C ARG B 224 -39.18 48.03 -9.39
N GLN B 225 -39.77 48.97 -8.65
CA GLN B 225 -40.21 48.71 -7.28
C GLN B 225 -41.31 47.64 -7.23
N GLN B 226 -42.26 47.74 -8.15
CA GLN B 226 -43.34 46.74 -8.26
C GLN B 226 -42.76 45.37 -8.55
N MET B 227 -41.85 45.31 -9.52
CA MET B 227 -41.17 44.07 -9.89
C MET B 227 -40.36 43.49 -8.75
N ALA B 228 -39.73 44.35 -7.96
CA ALA B 228 -38.97 43.92 -6.79
C ALA B 228 -39.87 43.34 -5.70
N ALA B 229 -41.11 43.83 -5.65
CA ALA B 229 -42.10 43.36 -4.66
C ALA B 229 -42.49 41.90 -4.88
N HIS B 230 -42.32 41.40 -6.10
CA HIS B 230 -42.69 40.03 -6.44
C HIS B 230 -41.60 39.00 -6.11
N ALA B 231 -40.42 39.50 -5.74
CA ALA B 231 -39.30 38.64 -5.28
C ALA B 231 -39.71 37.78 -4.09
N SER B 232 -40.35 38.39 -3.09
CA SER B 232 -40.92 37.68 -1.95
C SER B 232 -42.21 36.96 -2.35
N PRO B 233 -42.40 35.72 -1.83
CA PRO B 233 -43.67 35.02 -2.06
C PRO B 233 -44.83 35.68 -1.31
N LEU B 234 -44.53 36.71 -0.52
CA LEU B 234 -45.58 37.47 0.13
C LEU B 234 -46.08 38.58 -0.78
N HIS B 235 -45.39 38.78 -1.91
CA HIS B 235 -45.74 39.77 -2.94
C HIS B 235 -45.84 41.22 -2.46
N ARG B 236 -44.87 41.63 -1.65
CA ARG B 236 -44.69 43.04 -1.28
C ARG B 236 -43.19 43.33 -1.17
N ASN B 237 -42.83 44.62 -1.19
CA ASN B 237 -41.46 45.04 -0.97
C ASN B 237 -41.07 44.91 0.51
N GLY B 238 -39.77 44.86 0.75
CA GLY B 238 -39.22 45.02 2.10
C GLY B 238 -39.16 46.51 2.41
N TRP B 239 -39.41 46.85 3.66
CA TRP B 239 -39.43 48.25 4.11
C TRP B 239 -38.51 48.44 5.32
N PRO B 240 -38.03 49.67 5.55
CA PRO B 240 -37.19 49.87 6.73
C PRO B 240 -37.79 49.29 8.02
N GLN B 241 -39.12 49.31 8.15
CA GLN B 241 -39.76 48.78 9.36
C GLN B 241 -39.57 47.28 9.56
N ASP B 242 -39.48 46.53 8.46
CA ASP B 242 -39.22 45.09 8.53
C ASP B 242 -37.88 44.80 9.20
N VAL B 243 -36.85 45.53 8.78
CA VAL B 243 -35.54 45.40 9.39
C VAL B 243 -35.57 45.85 10.86
N ALA B 244 -36.20 46.99 11.13
CA ALA B 244 -36.36 47.50 12.51
C ALA B 244 -37.04 46.49 13.44
N ASN B 245 -38.14 45.88 12.98
CA ASN B 245 -38.82 44.82 13.73
C ASN B 245 -37.86 43.72 14.20
N VAL B 246 -36.99 43.27 13.30
CA VAL B 246 -36.09 42.16 13.61
C VAL B 246 -34.94 42.63 14.50
N VAL B 247 -34.35 43.81 14.20
CA VAL B 247 -33.31 44.37 15.06
C VAL B 247 -33.85 44.52 16.50
N GLY B 248 -35.06 45.06 16.62
CA GLY B 248 -35.74 45.20 17.92
C GLY B 248 -35.77 43.90 18.72
N PHE B 249 -36.15 42.80 18.08
CA PHE B 249 -36.11 41.49 18.73
C PHE B 249 -34.69 41.05 19.11
N LEU B 250 -33.75 41.13 18.16
CA LEU B 250 -32.38 40.73 18.45
C LEU B 250 -31.82 41.44 19.68
N VAL B 251 -32.15 42.71 19.84
CA VAL B 251 -31.58 43.50 20.92
C VAL B 251 -32.42 43.42 22.21
N SER B 252 -33.50 42.65 22.19
CA SER B 252 -34.32 42.46 23.38
C SER B 252 -33.74 41.35 24.25
N LYS B 253 -34.26 41.21 25.46
CA LYS B 253 -33.92 40.06 26.31
C LYS B 253 -34.31 38.73 25.64
N GLU B 254 -35.46 38.70 25.00
CA GLU B 254 -35.97 37.49 24.36
C GLU B 254 -35.10 37.03 23.18
N GLY B 255 -34.24 37.92 22.70
CA GLY B 255 -33.38 37.63 21.56
C GLY B 255 -32.05 36.95 21.89
N GLU B 256 -31.75 36.80 23.19
CA GLU B 256 -30.40 36.42 23.64
C GLU B 256 -29.82 35.13 23.03
N TRP B 257 -30.66 34.11 22.83
CA TRP B 257 -30.15 32.86 22.32
C TRP B 257 -29.91 32.86 20.80
N VAL B 258 -30.29 33.95 20.13
CA VAL B 258 -29.80 34.23 18.79
C VAL B 258 -28.51 35.03 18.93
N ASN B 259 -27.39 34.39 18.61
CA ASN B 259 -26.07 34.97 18.83
C ASN B 259 -25.09 34.44 17.80
N GLY B 260 -24.24 35.32 17.28
CA GLY B 260 -23.29 35.01 16.21
C GLY B 260 -23.90 34.66 14.85
N LYS B 261 -25.16 35.05 14.65
CA LYS B 261 -25.92 34.66 13.45
C LYS B 261 -26.19 35.80 12.47
N VAL B 262 -26.39 35.43 11.22
CA VAL B 262 -26.77 36.40 10.19
C VAL B 262 -28.19 36.05 9.75
N LEU B 263 -29.12 37.00 9.88
CA LEU B 263 -30.53 36.77 9.52
C LEU B 263 -30.88 37.49 8.24
N THR B 264 -31.14 36.72 7.19
CA THR B 264 -31.49 37.28 5.91
C THR B 264 -32.97 37.70 5.95
N LEU B 265 -33.21 38.99 5.67
CA LEU B 265 -34.54 39.59 5.80
C LEU B 265 -35.03 40.02 4.44
N ASP B 266 -35.59 39.07 3.70
CA ASP B 266 -36.01 39.28 2.34
C ASP B 266 -37.44 38.80 2.11
N GLY B 267 -38.14 38.49 3.20
CA GLY B 267 -39.54 38.05 3.13
C GLY B 267 -39.74 36.69 2.46
N GLY B 268 -38.69 35.87 2.47
CA GLY B 268 -38.75 34.53 1.88
C GLY B 268 -38.36 34.43 0.43
N ALA B 269 -37.73 35.48 -0.08
CA ALA B 269 -37.32 35.52 -1.50
C ALA B 269 -36.29 34.44 -1.87
N ALA B 270 -35.30 34.26 -0.99
CA ALA B 270 -34.19 33.33 -1.25
C ALA B 270 -34.67 31.88 -1.37
N THR C 10 5.37 10.77 -17.87
CA THR C 10 4.76 12.06 -17.45
C THR C 10 3.57 11.81 -16.51
N TYR C 11 3.39 12.72 -15.55
CA TYR C 11 2.30 12.62 -14.59
C TYR C 11 0.92 12.70 -15.26
N ILE C 12 0.15 11.62 -15.11
CA ILE C 12 -1.25 11.56 -15.54
C ILE C 12 -2.09 11.49 -14.27
N PRO C 13 -2.86 12.56 -13.98
CA PRO C 13 -3.58 12.57 -12.71
C PRO C 13 -4.88 11.77 -12.73
N GLY C 14 -5.24 11.28 -11.55
CA GLY C 14 -6.58 10.76 -11.33
C GLY C 14 -6.91 9.43 -11.95
N ARG C 15 -5.89 8.60 -12.20
CA ARG C 15 -6.14 7.25 -12.71
C ARG C 15 -6.67 6.33 -11.62
N LEU C 16 -7.47 5.35 -12.05
CA LEU C 16 -8.15 4.42 -11.15
C LEU C 16 -7.82 2.98 -11.51
N ASP C 17 -6.67 2.78 -12.14
CA ASP C 17 -6.20 1.45 -12.50
C ASP C 17 -6.08 0.59 -11.25
N GLY C 18 -6.64 -0.62 -11.32
CA GLY C 18 -6.63 -1.55 -10.20
C GLY C 18 -7.78 -1.36 -9.22
N LYS C 19 -8.62 -0.34 -9.46
CA LYS C 19 -9.77 -0.05 -8.62
C LYS C 19 -11.09 -0.60 -9.19
N VAL C 20 -12.05 -0.85 -8.31
CA VAL C 20 -13.35 -1.38 -8.67
C VAL C 20 -14.40 -0.43 -8.14
N ALA C 21 -15.32 -0.03 -9.01
CA ALA C 21 -16.32 0.97 -8.68
C ALA C 21 -17.72 0.42 -8.91
N LEU C 22 -18.68 0.90 -8.13
CA LEU C 22 -20.09 0.54 -8.29
C LEU C 22 -20.87 1.84 -8.41
N VAL C 23 -21.77 1.90 -9.39
CA VAL C 23 -22.64 3.07 -9.57
C VAL C 23 -24.09 2.64 -9.60
N THR C 24 -24.90 3.15 -8.66
CA THR C 24 -26.34 2.85 -8.69
C THR C 24 -27.04 3.62 -9.81
N GLY C 25 -28.01 2.96 -10.47
CA GLY C 25 -28.75 3.56 -11.59
C GLY C 25 -27.85 4.06 -12.71
N SER C 26 -26.90 3.22 -13.13
CA SER C 26 -25.97 3.59 -14.21
C SER C 26 -26.32 3.02 -15.60
N GLY C 27 -27.55 2.55 -15.77
CA GLY C 27 -28.04 2.17 -17.08
C GLY C 27 -28.23 3.37 -18.00
N ARG C 28 -28.54 4.53 -17.42
CA ARG C 28 -28.83 5.73 -18.21
C ARG C 28 -28.57 7.01 -17.42
N GLY C 29 -28.71 8.16 -18.09
CA GLY C 29 -28.57 9.46 -17.44
C GLY C 29 -27.19 9.74 -16.86
N ILE C 30 -27.16 10.46 -15.75
CA ILE C 30 -25.90 10.84 -15.12
C ILE C 30 -25.12 9.60 -14.73
N GLY C 31 -25.80 8.63 -14.13
CA GLY C 31 -25.16 7.39 -13.67
C GLY C 31 -24.36 6.67 -14.76
N ALA C 32 -24.91 6.66 -15.97
CA ALA C 32 -24.27 6.02 -17.12
C ALA C 32 -22.97 6.72 -17.49
N ALA C 33 -22.99 8.06 -17.53
CA ALA C 33 -21.78 8.80 -17.86
C ALA C 33 -20.72 8.62 -16.78
N VAL C 34 -21.16 8.54 -15.52
CA VAL C 34 -20.24 8.32 -14.40
C VAL C 34 -19.57 6.95 -14.53
N ALA C 35 -20.38 5.91 -14.71
CA ALA C 35 -19.87 4.54 -14.82
C ALA C 35 -18.85 4.40 -15.97
N VAL C 36 -19.22 4.92 -17.14
CA VAL C 36 -18.33 4.91 -18.31
C VAL C 36 -17.01 5.65 -18.02
N HIS C 37 -17.12 6.79 -17.36
CA HIS C 37 -15.96 7.63 -17.05
C HIS C 37 -15.00 6.96 -16.08
N LEU C 38 -15.54 6.33 -15.04
CA LEU C 38 -14.72 5.59 -14.09
C LEU C 38 -13.98 4.46 -14.82
N GLY C 39 -14.69 3.81 -15.73
CA GLY C 39 -14.11 2.81 -16.63
C GLY C 39 -12.97 3.37 -17.48
N ARG C 40 -13.20 4.55 -18.09
CA ARG C 40 -12.19 5.23 -18.91
C ARG C 40 -10.93 5.54 -18.08
N LEU C 41 -11.15 5.86 -16.81
CA LEU C 41 -10.06 6.19 -15.89
C LEU C 41 -9.32 4.96 -15.38
N GLY C 42 -9.83 3.78 -15.73
CA GLY C 42 -9.15 2.52 -15.43
C GLY C 42 -9.85 1.59 -14.45
N ALA C 43 -10.94 2.06 -13.85
CA ALA C 43 -11.72 1.25 -12.92
C ALA C 43 -12.49 0.11 -13.62
N LYS C 44 -12.63 -1.02 -12.94
CA LYS C 44 -13.62 -2.03 -13.32
C LYS C 44 -14.93 -1.61 -12.68
N VAL C 45 -16.04 -1.81 -13.38
CA VAL C 45 -17.28 -1.18 -12.93
C VAL C 45 -18.47 -2.13 -12.72
N VAL C 46 -19.15 -1.95 -11.60
CA VAL C 46 -20.45 -2.60 -11.37
C VAL C 46 -21.56 -1.62 -11.78
N VAL C 47 -22.26 -1.99 -12.85
CA VAL C 47 -23.35 -1.19 -13.43
C VAL C 47 -24.71 -1.65 -12.87
N ASN C 48 -25.27 -0.88 -11.94
CA ASN C 48 -26.56 -1.23 -11.34
C ASN C 48 -27.72 -0.57 -12.11
N TYR C 49 -28.80 -1.33 -12.26
CA TYR C 49 -30.05 -0.81 -12.81
C TYR C 49 -31.25 -1.42 -12.09
N ALA C 50 -32.41 -0.80 -12.24
CA ALA C 50 -33.66 -1.35 -11.71
C ALA C 50 -34.56 -1.88 -12.82
N ASN C 51 -34.59 -1.17 -13.93
CA ASN C 51 -35.52 -1.46 -15.03
C ASN C 51 -34.84 -1.51 -16.39
N SER C 52 -33.82 -0.67 -16.59
CA SER C 52 -33.24 -0.46 -17.92
C SER C 52 -32.18 -1.50 -18.28
N THR C 53 -32.61 -2.74 -18.50
CA THR C 53 -31.72 -3.86 -18.75
C THR C 53 -30.80 -3.66 -19.95
N LYS C 54 -31.38 -3.32 -21.11
CA LYS C 54 -30.62 -3.18 -22.36
C LYS C 54 -29.68 -1.97 -22.35
N ASP C 55 -30.11 -0.86 -21.76
CA ASP C 55 -29.24 0.31 -21.56
C ASP C 55 -28.04 -0.07 -20.67
N ALA C 56 -28.30 -0.79 -19.57
CA ALA C 56 -27.25 -1.24 -18.67
C ALA C 56 -26.21 -2.14 -19.35
N GLU C 57 -26.67 -3.07 -20.18
CA GLU C 57 -25.78 -3.96 -20.93
C GLU C 57 -24.92 -3.18 -21.93
N LYS C 58 -25.50 -2.12 -22.48
CA LYS C 58 -24.81 -1.22 -23.41
C LYS C 58 -23.70 -0.42 -22.70
N VAL C 59 -23.98 0.00 -21.47
CA VAL C 59 -22.97 0.68 -20.67
C VAL C 59 -21.83 -0.27 -20.33
N VAL C 60 -22.16 -1.52 -19.98
CA VAL C 60 -21.16 -2.57 -19.77
C VAL C 60 -20.26 -2.74 -21.00
N SER C 61 -20.88 -2.81 -22.18
CA SER C 61 -20.14 -2.93 -23.45
C SER C 61 -19.24 -1.75 -23.74
N GLU C 62 -19.71 -0.54 -23.44
CA GLU C 62 -18.87 0.65 -23.58
C GLU C 62 -17.61 0.56 -22.73
N ILE C 63 -17.76 0.11 -21.48
CA ILE C 63 -16.65 0.02 -20.54
C ILE C 63 -15.62 -1.02 -21.01
N LYS C 64 -16.11 -2.18 -21.46
CA LYS C 64 -15.22 -3.20 -22.01
C LYS C 64 -14.50 -2.72 -23.26
N ALA C 65 -15.20 -2.00 -24.14
CA ALA C 65 -14.63 -1.52 -25.40
C ALA C 65 -13.49 -0.52 -25.21
N LEU C 66 -13.54 0.27 -24.13
CA LEU C 66 -12.42 1.18 -23.84
C LEU C 66 -11.32 0.52 -22.98
N GLY C 67 -11.40 -0.79 -22.80
CA GLY C 67 -10.31 -1.58 -22.26
C GLY C 67 -10.41 -1.97 -20.80
N SER C 68 -11.54 -1.71 -20.17
CA SER C 68 -11.73 -2.14 -18.80
C SER C 68 -12.68 -3.34 -18.73
N ASP C 69 -13.30 -3.56 -17.57
CA ASP C 69 -14.25 -4.65 -17.38
C ASP C 69 -15.44 -4.15 -16.59
N ALA C 70 -16.60 -4.79 -16.78
CA ALA C 70 -17.83 -4.36 -16.13
C ALA C 70 -18.88 -5.45 -16.09
N ILE C 71 -19.75 -5.38 -15.09
CA ILE C 71 -20.88 -6.31 -14.96
C ILE C 71 -22.14 -5.52 -14.62
N ALA C 72 -23.28 -5.97 -15.14
CA ALA C 72 -24.56 -5.35 -14.84
C ALA C 72 -25.27 -6.14 -13.75
N ILE C 73 -25.72 -5.47 -12.69
CA ILE C 73 -26.48 -6.14 -11.63
C ILE C 73 -27.81 -5.42 -11.32
N LYS C 74 -28.91 -6.15 -11.49
CA LYS C 74 -30.25 -5.61 -11.26
C LYS C 74 -30.55 -5.60 -9.77
N ALA C 75 -30.86 -4.42 -9.25
CA ALA C 75 -31.29 -4.27 -7.87
C ALA C 75 -32.15 -3.02 -7.75
N ASP C 76 -33.27 -3.16 -7.05
CA ASP C 76 -34.12 -2.04 -6.68
C ASP C 76 -33.58 -1.44 -5.38
N ILE C 77 -33.06 -0.23 -5.50
CA ILE C 77 -32.37 0.44 -4.40
C ILE C 77 -33.34 0.86 -3.29
N ARG C 78 -34.64 0.81 -3.57
CA ARG C 78 -35.66 1.03 -2.54
C ARG C 78 -35.69 -0.11 -1.53
N GLN C 79 -35.29 -1.30 -1.95
CA GLN C 79 -35.32 -2.47 -1.08
C GLN C 79 -33.93 -2.73 -0.52
N VAL C 80 -33.78 -2.50 0.79
CA VAL C 80 -32.50 -2.68 1.47
C VAL C 80 -31.91 -4.09 1.30
N PRO C 81 -32.74 -5.16 1.46
CA PRO C 81 -32.15 -6.48 1.23
C PRO C 81 -31.51 -6.64 -0.16
N GLU C 82 -32.03 -5.92 -1.15
CA GLU C 82 -31.48 -5.94 -2.51
C GLU C 82 -30.18 -5.15 -2.61
N ILE C 83 -30.05 -4.09 -1.79
CA ILE C 83 -28.79 -3.34 -1.75
C ILE C 83 -27.69 -4.25 -1.19
N VAL C 84 -28.00 -4.97 -0.11
CA VAL C 84 -27.05 -5.91 0.48
C VAL C 84 -26.56 -6.94 -0.56
N LYS C 85 -27.49 -7.57 -1.27
CA LYS C 85 -27.16 -8.56 -2.30
C LYS C 85 -26.29 -7.97 -3.42
N LEU C 86 -26.61 -6.75 -3.83
CA LEU C 86 -25.85 -6.06 -4.87
C LEU C 86 -24.38 -5.91 -4.45
N PHE C 87 -24.16 -5.37 -3.27
CA PHE C 87 -22.82 -5.17 -2.75
C PHE C 87 -22.10 -6.50 -2.50
N ASP C 88 -22.83 -7.47 -1.95
CA ASP C 88 -22.31 -8.84 -1.81
C ASP C 88 -21.77 -9.38 -3.14
N GLN C 89 -22.55 -9.21 -4.21
CA GLN C 89 -22.20 -9.74 -5.53
C GLN C 89 -21.00 -9.02 -6.13
N ALA C 90 -20.96 -7.69 -5.94
CA ALA C 90 -19.85 -6.85 -6.42
C ALA C 90 -18.50 -7.33 -5.88
N VAL C 91 -18.44 -7.55 -4.56
CA VAL C 91 -17.22 -7.98 -3.92
C VAL C 91 -16.86 -9.43 -4.34
N ALA C 92 -17.86 -10.30 -4.34
CA ALA C 92 -17.65 -11.69 -4.74
C ALA C 92 -17.20 -11.80 -6.20
N HIS C 93 -17.66 -10.90 -7.05
CA HIS C 93 -17.30 -10.95 -8.47
C HIS C 93 -15.89 -10.41 -8.75
N PHE C 94 -15.60 -9.20 -8.28
CA PHE C 94 -14.31 -8.57 -8.54
C PHE C 94 -13.24 -8.77 -7.44
N GLY C 95 -13.64 -9.35 -6.30
CA GLY C 95 -12.69 -9.62 -5.20
C GLY C 95 -12.55 -8.48 -4.18
N HIS C 96 -12.96 -7.29 -4.59
CA HIS C 96 -12.94 -6.09 -3.75
C HIS C 96 -13.76 -4.97 -4.39
N LEU C 97 -14.04 -3.93 -3.60
CA LEU C 97 -14.80 -2.78 -4.07
C LEU C 97 -14.26 -1.55 -3.37
N ASP C 98 -13.84 -0.56 -4.15
CA ASP C 98 -13.11 0.59 -3.60
C ASP C 98 -13.93 1.88 -3.62
N ILE C 99 -14.89 1.91 -4.53
CA ILE C 99 -15.60 3.13 -4.85
C ILE C 99 -17.09 2.80 -4.99
N ALA C 100 -17.92 3.58 -4.29
CA ALA C 100 -19.38 3.45 -4.44
C ALA C 100 -20.02 4.80 -4.72
N VAL C 101 -20.70 4.89 -5.85
CA VAL C 101 -21.39 6.12 -6.26
C VAL C 101 -22.91 5.88 -6.19
N SER C 102 -23.55 6.52 -5.24
CA SER C 102 -25.00 6.43 -5.07
C SER C 102 -25.61 7.50 -5.93
N ASN C 103 -26.26 7.09 -7.03
CA ASN C 103 -26.74 8.01 -8.06
C ASN C 103 -28.25 7.98 -8.30
N SER C 104 -28.87 6.81 -8.14
CA SER C 104 -30.30 6.63 -8.40
C SER C 104 -31.18 7.66 -7.67
N GLY C 105 -32.10 8.27 -8.41
CA GLY C 105 -33.06 9.20 -7.81
C GLY C 105 -34.23 9.42 -8.74
N VAL C 106 -35.31 9.97 -8.17
CA VAL C 106 -36.50 10.36 -8.91
C VAL C 106 -36.85 11.82 -8.58
N VAL C 107 -37.49 12.52 -9.52
CA VAL C 107 -37.86 13.90 -9.32
C VAL C 107 -39.35 13.96 -8.97
N SER C 108 -39.77 15.05 -8.33
CA SER C 108 -41.19 15.31 -8.04
C SER C 108 -41.46 16.82 -7.96
N PHE C 109 -42.64 17.21 -8.43
CA PHE C 109 -43.16 18.56 -8.28
C PHE C 109 -44.61 18.52 -7.79
N GLY C 110 -44.97 19.51 -6.98
CA GLY C 110 -46.31 19.62 -6.43
C GLY C 110 -46.31 20.63 -5.30
N HIS C 111 -47.32 21.48 -5.29
CA HIS C 111 -47.57 22.41 -4.19
C HIS C 111 -47.77 21.57 -2.94
N LEU C 112 -47.13 21.99 -1.84
CA LEU C 112 -47.31 21.33 -0.54
C LEU C 112 -48.75 20.82 -0.30
N LYS C 113 -49.75 21.66 -0.59
CA LYS C 113 -51.17 21.32 -0.35
C LYS C 113 -51.65 20.02 -1.00
N ASP C 114 -51.00 19.62 -2.10
CA ASP C 114 -51.43 18.46 -2.89
C ASP C 114 -50.54 17.23 -2.71
N VAL C 115 -49.46 17.36 -1.95
CA VAL C 115 -48.52 16.25 -1.75
C VAL C 115 -49.13 15.15 -0.87
N THR C 116 -49.14 13.93 -1.39
CA THR C 116 -49.75 12.78 -0.70
C THR C 116 -48.70 12.00 0.08
N GLU C 117 -49.17 11.16 1.01
CA GLU C 117 -48.32 10.19 1.68
C GLU C 117 -47.56 9.31 0.68
N GLU C 118 -48.28 8.81 -0.31
CA GLU C 118 -47.71 7.92 -1.33
C GLU C 118 -46.57 8.60 -2.08
N GLU C 119 -46.79 9.84 -2.51
CA GLU C 119 -45.74 10.57 -3.23
C GLU C 119 -44.51 10.87 -2.36
N PHE C 120 -44.74 11.28 -1.11
CA PHE C 120 -43.65 11.46 -0.15
C PHE C 120 -42.80 10.20 -0.06
N ASP C 121 -43.47 9.07 0.14
CA ASP C 121 -42.76 7.79 0.30
C ASP C 121 -42.05 7.33 -0.96
N ARG C 122 -42.64 7.57 -2.14
CA ARG C 122 -42.01 7.24 -3.42
C ARG C 122 -40.67 7.96 -3.62
N VAL C 123 -40.65 9.24 -3.25
CA VAL C 123 -39.47 10.07 -3.42
C VAL C 123 -38.43 9.70 -2.35
N PHE C 124 -38.84 9.72 -1.09
CA PHE C 124 -37.92 9.50 0.02
C PHE C 124 -37.35 8.09 0.10
N SER C 125 -38.14 7.08 -0.22
CA SER C 125 -37.66 5.69 -0.18
C SER C 125 -36.44 5.51 -1.08
N LEU C 126 -36.38 6.22 -2.20
CA LEU C 126 -35.24 6.10 -3.11
C LEU C 126 -34.16 7.15 -2.90
N ASN C 127 -34.57 8.43 -2.88
CA ASN C 127 -33.62 9.55 -2.88
C ASN C 127 -32.82 9.71 -1.60
N THR C 128 -33.40 9.23 -0.49
CA THR C 128 -32.92 9.54 0.84
C THR C 128 -32.63 8.25 1.63
N ARG C 129 -33.67 7.47 1.87
CA ARG C 129 -33.57 6.17 2.55
C ARG C 129 -32.66 5.23 1.76
N GLY C 130 -32.90 5.11 0.46
CA GLY C 130 -32.09 4.23 -0.40
C GLY C 130 -30.63 4.65 -0.39
N GLN C 131 -30.37 5.94 -0.63
CA GLN C 131 -28.99 6.45 -0.64
C GLN C 131 -28.31 6.22 0.69
N PHE C 132 -29.06 6.35 1.78
CA PHE C 132 -28.55 6.12 3.12
C PHE C 132 -28.06 4.68 3.25
N PHE C 133 -28.87 3.74 2.77
CA PHE C 133 -28.51 2.32 2.93
C PHE C 133 -27.48 1.81 1.94
N VAL C 134 -27.38 2.50 0.81
CA VAL C 134 -26.27 2.30 -0.12
C VAL C 134 -24.95 2.73 0.56
N ALA C 135 -24.97 3.86 1.25
CA ALA C 135 -23.82 4.28 2.04
C ALA C 135 -23.46 3.24 3.11
N ARG C 136 -24.46 2.74 3.84
CA ARG C 136 -24.21 1.72 4.86
C ARG C 136 -23.53 0.47 4.28
N GLU C 137 -24.08 -0.04 3.19
CA GLU C 137 -23.52 -1.23 2.56
C GLU C 137 -22.17 -0.95 1.93
N ALA C 138 -21.99 0.27 1.41
CA ALA C 138 -20.68 0.69 0.90
C ALA C 138 -19.63 0.62 2.01
N TYR C 139 -19.93 1.22 3.18
CA TYR C 139 -19.02 1.17 4.32
C TYR C 139 -18.66 -0.27 4.68
N ARG C 140 -19.69 -1.12 4.79
CA ARG C 140 -19.49 -2.52 5.17
C ARG C 140 -18.68 -3.35 4.15
N HIS C 141 -18.66 -2.93 2.88
CA HIS C 141 -18.04 -3.74 1.81
C HIS C 141 -16.73 -3.16 1.27
N LEU C 142 -16.46 -1.89 1.57
CA LEU C 142 -15.37 -1.19 0.91
C LEU C 142 -13.99 -1.49 1.46
N THR C 143 -12.99 -1.30 0.59
CA THR C 143 -11.60 -1.41 0.99
C THR C 143 -11.22 -0.18 1.80
N GLU C 144 -10.18 -0.31 2.63
CA GLU C 144 -9.58 0.82 3.34
C GLU C 144 -9.08 1.85 2.33
N GLY C 145 -9.29 3.12 2.61
CA GLY C 145 -8.94 4.17 1.66
C GLY C 145 -9.96 4.36 0.54
N GLY C 146 -11.14 3.75 0.71
CA GLY C 146 -12.23 3.84 -0.26
C GLY C 146 -12.88 5.20 -0.43
N ARG C 147 -13.94 5.23 -1.24
CA ARG C 147 -14.61 6.45 -1.66
C ARG C 147 -16.10 6.18 -1.79
N ILE C 148 -16.91 7.05 -1.19
CA ILE C 148 -18.37 7.01 -1.33
C ILE C 148 -18.83 8.38 -1.79
N VAL C 149 -19.67 8.41 -2.83
CA VAL C 149 -20.23 9.66 -3.34
C VAL C 149 -21.74 9.48 -3.48
N LEU C 150 -22.50 10.36 -2.84
CA LEU C 150 -23.95 10.39 -3.01
C LEU C 150 -24.36 11.53 -3.92
N THR C 151 -25.63 11.58 -4.28
CA THR C 151 -26.11 12.61 -5.20
C THR C 151 -27.21 13.43 -4.55
N SER C 152 -26.96 14.74 -4.55
CA SER C 152 -27.91 15.72 -4.05
C SER C 152 -28.42 16.51 -5.28
N SER C 153 -28.57 17.81 -5.13
CA SER C 153 -29.14 18.68 -6.15
C SER C 153 -28.85 20.12 -5.79
N ASN C 154 -28.74 21.01 -6.79
CA ASN C 154 -28.67 22.43 -6.48
C ASN C 154 -29.95 22.94 -5.78
N THR C 155 -31.05 22.18 -5.90
CA THR C 155 -32.32 22.58 -5.28
C THR C 155 -32.40 22.24 -3.79
N SER C 156 -31.43 21.45 -3.31
CA SER C 156 -31.32 21.19 -1.88
C SER C 156 -31.15 22.50 -1.09
N LYS C 157 -30.21 23.34 -1.52
CA LYS C 157 -29.85 24.57 -0.77
C LYS C 157 -29.70 25.81 -1.63
N ASP C 158 -29.14 25.64 -2.82
CA ASP C 158 -28.65 26.79 -3.61
C ASP C 158 -29.69 27.40 -4.56
N PHE C 159 -30.79 26.71 -4.78
CA PHE C 159 -31.80 27.13 -5.78
C PHE C 159 -33.19 26.82 -5.25
N SER C 160 -34.08 27.82 -5.24
CA SER C 160 -35.43 27.62 -4.72
C SER C 160 -36.47 27.64 -5.83
N VAL C 161 -37.17 26.52 -5.99
CA VAL C 161 -38.23 26.40 -7.01
C VAL C 161 -39.55 26.15 -6.31
N PRO C 162 -40.58 26.95 -6.63
CA PRO C 162 -41.90 26.70 -6.04
C PRO C 162 -42.38 25.31 -6.40
N LYS C 163 -43.18 24.72 -5.52
CA LYS C 163 -43.77 23.39 -5.76
C LYS C 163 -42.71 22.29 -5.84
N HIS C 164 -41.56 22.50 -5.20
CA HIS C 164 -40.45 21.56 -5.32
C HIS C 164 -39.96 21.14 -3.93
N SER C 165 -40.84 21.22 -2.92
CA SER C 165 -40.43 21.03 -1.53
C SER C 165 -40.02 19.62 -1.21
N LEU C 166 -40.83 18.65 -1.64
CA LEU C 166 -40.57 17.26 -1.36
C LEU C 166 -39.17 16.81 -1.83
N TYR C 167 -38.90 17.03 -3.12
CA TYR C 167 -37.61 16.68 -3.71
C TYR C 167 -36.44 17.43 -3.05
N SER C 168 -36.60 18.73 -2.84
CA SER C 168 -35.52 19.56 -2.27
C SER C 168 -35.11 19.03 -0.90
N GLY C 169 -36.12 18.70 -0.08
CA GLY C 169 -35.92 18.06 1.22
C GLY C 169 -35.28 16.68 1.13
N SER C 170 -35.68 15.88 0.13
CA SER C 170 -35.05 14.55 -0.05
C SER C 170 -33.54 14.67 -0.17
N LYS C 171 -33.07 15.73 -0.82
CA LYS C 171 -31.65 15.96 -1.04
C LYS C 171 -30.98 16.74 0.09
N GLY C 172 -31.75 17.62 0.75
CA GLY C 172 -31.28 18.28 1.99
C GLY C 172 -30.80 17.27 3.03
N ALA C 173 -31.55 16.17 3.17
CA ALA C 173 -31.18 15.07 4.06
C ALA C 173 -29.83 14.46 3.66
N VAL C 174 -29.65 14.24 2.36
CA VAL C 174 -28.38 13.75 1.84
C VAL C 174 -27.18 14.66 2.16
N ASP C 175 -27.34 15.97 1.99
CA ASP C 175 -26.25 16.91 2.34
C ASP C 175 -25.77 16.68 3.77
N SER C 176 -26.71 16.55 4.70
CA SER C 176 -26.38 16.33 6.10
C SER C 176 -25.78 14.93 6.29
N PHE C 177 -26.37 13.93 5.66
CA PHE C 177 -25.84 12.56 5.76
C PHE C 177 -24.33 12.54 5.49
N VAL C 178 -23.92 13.10 4.35
CA VAL C 178 -22.52 12.96 3.91
C VAL C 178 -21.51 13.60 4.84
N ARG C 179 -21.88 14.74 5.43
CA ARG C 179 -21.01 15.41 6.38
C ARG C 179 -20.73 14.50 7.59
N ILE C 180 -21.77 13.80 8.03
CA ILE C 180 -21.63 12.93 9.20
C ILE C 180 -21.09 11.54 8.83
N PHE C 181 -21.51 11.02 7.70
CA PHE C 181 -20.89 9.79 7.15
C PHE C 181 -19.37 9.90 7.09
N SER C 182 -18.85 11.08 6.72
CA SER C 182 -17.40 11.26 6.63
C SER C 182 -16.70 11.00 7.95
N LYS C 183 -17.38 11.33 9.05
CA LYS C 183 -16.89 11.02 10.40
C LYS C 183 -16.80 9.52 10.66
N ASP C 184 -17.93 8.81 10.50
CA ASP C 184 -18.00 7.38 10.78
C ASP C 184 -17.07 6.58 9.85
N CYS C 185 -17.05 6.97 8.58
CA CYS C 185 -16.30 6.23 7.56
C CYS C 185 -14.79 6.45 7.63
N GLY C 186 -14.37 7.51 8.32
CA GLY C 186 -12.96 7.79 8.52
C GLY C 186 -12.22 6.64 9.21
N ASP C 187 -12.95 5.80 9.94
CA ASP C 187 -12.28 4.69 10.64
C ASP C 187 -11.83 3.56 9.69
N LYS C 188 -12.23 3.68 8.42
CA LYS C 188 -11.70 2.86 7.34
C LYS C 188 -10.97 3.72 6.29
N LYS C 189 -10.68 4.98 6.65
CA LYS C 189 -10.08 5.96 5.74
C LYS C 189 -10.90 6.13 4.45
N ILE C 190 -12.21 5.93 4.55
CA ILE C 190 -13.11 6.14 3.41
C ILE C 190 -13.62 7.59 3.41
N THR C 191 -13.48 8.29 2.28
CA THR C 191 -14.05 9.64 2.22
C THR C 191 -15.49 9.54 1.72
N VAL C 192 -16.30 10.54 2.07
CA VAL C 192 -17.71 10.54 1.69
C VAL C 192 -18.09 11.96 1.36
N ASN C 193 -18.57 12.13 0.13
CA ASN C 193 -18.99 13.42 -0.39
C ASN C 193 -20.31 13.30 -1.15
N ALA C 194 -20.88 14.43 -1.53
CA ALA C 194 -22.01 14.42 -2.45
C ALA C 194 -21.75 15.39 -3.60
N VAL C 195 -22.27 15.05 -4.77
CA VAL C 195 -22.34 16.01 -5.87
C VAL C 195 -23.78 16.50 -5.96
N ALA C 196 -23.95 17.80 -6.17
CA ALA C 196 -25.26 18.44 -6.22
C ALA C 196 -25.43 19.12 -7.59
N PRO C 197 -25.84 18.35 -8.60
CA PRO C 197 -25.93 18.96 -9.92
C PRO C 197 -27.04 19.99 -10.00
N GLY C 198 -26.82 20.99 -10.86
CA GLY C 198 -27.92 21.80 -11.36
C GLY C 198 -28.54 21.11 -12.56
N GLY C 199 -29.29 21.84 -13.39
CA GLY C 199 -29.95 21.25 -14.54
C GLY C 199 -28.92 20.56 -15.41
N THR C 200 -29.09 19.26 -15.59
CA THR C 200 -28.18 18.39 -16.31
C THR C 200 -28.99 17.59 -17.32
N VAL C 201 -28.63 17.68 -18.59
CA VAL C 201 -29.47 17.14 -19.68
C VAL C 201 -29.53 15.61 -19.65
N THR C 202 -30.71 15.12 -19.27
CA THR C 202 -31.01 13.69 -19.16
C THR C 202 -32.53 13.58 -19.28
N ASP C 203 -33.05 12.36 -19.17
CA ASP C 203 -34.50 12.14 -19.16
C ASP C 203 -35.21 12.95 -18.05
N MET C 204 -34.58 12.99 -16.87
CA MET C 204 -35.12 13.75 -15.74
C MET C 204 -35.24 15.24 -16.05
N PHE C 205 -34.17 15.81 -16.61
CA PHE C 205 -34.18 17.21 -17.03
C PHE C 205 -35.42 17.55 -17.89
N HIS C 206 -35.66 16.80 -18.96
CA HIS C 206 -36.79 17.10 -19.84
C HIS C 206 -38.14 16.97 -19.13
N GLU C 207 -38.19 16.09 -18.14
CA GLU C 207 -39.41 15.80 -17.39
C GLU C 207 -39.93 17.05 -16.65
N VAL C 208 -39.01 17.87 -16.17
CA VAL C 208 -39.36 18.99 -15.29
C VAL C 208 -38.82 20.34 -15.74
N SER C 209 -38.15 20.39 -16.89
CA SER C 209 -37.50 21.64 -17.33
C SER C 209 -38.52 22.76 -17.56
N HIS C 210 -39.80 22.39 -17.71
CA HIS C 210 -40.88 23.38 -17.83
C HIS C 210 -41.12 24.20 -16.57
N HIS C 211 -40.69 23.66 -15.42
CA HIS C 211 -40.77 24.40 -14.15
C HIS C 211 -39.71 25.50 -14.05
N TYR C 212 -38.65 25.39 -14.83
CA TYR C 212 -37.54 26.36 -14.77
C TYR C 212 -37.69 27.53 -15.77
N ILE C 213 -38.66 27.43 -16.66
CA ILE C 213 -38.85 28.41 -17.75
C ILE C 213 -40.24 29.05 -17.65
N PRO C 214 -40.29 30.41 -17.66
CA PRO C 214 -41.52 31.21 -17.55
C PRO C 214 -42.80 30.58 -18.11
N ASN C 215 -42.92 30.49 -19.44
CA ASN C 215 -44.09 29.85 -20.05
C ASN C 215 -43.71 28.44 -20.53
N GLY C 216 -43.12 27.68 -19.61
CA GLY C 216 -42.48 26.38 -19.89
C GLY C 216 -43.18 25.39 -20.80
N THR C 217 -44.45 25.10 -20.50
CA THR C 217 -45.19 24.07 -21.25
C THR C 217 -45.51 24.43 -22.71
N SER C 218 -45.28 25.68 -23.09
CA SER C 218 -45.54 26.13 -24.47
C SER C 218 -44.35 25.84 -25.41
N TYR C 219 -43.21 25.52 -24.82
CA TYR C 219 -41.98 25.21 -25.57
C TYR C 219 -41.68 23.72 -25.64
N THR C 220 -41.09 23.29 -26.75
CA THR C 220 -40.59 21.92 -26.87
C THR C 220 -39.50 21.70 -25.83
N ALA C 221 -39.23 20.44 -25.51
CA ALA C 221 -38.13 20.10 -24.60
C ALA C 221 -36.83 20.73 -25.08
N GLU C 222 -36.55 20.64 -26.38
CA GLU C 222 -35.35 21.23 -27.00
C GLU C 222 -35.25 22.72 -26.77
N GLN C 223 -36.36 23.43 -26.98
CA GLN C 223 -36.44 24.88 -26.81
C GLN C 223 -36.15 25.26 -25.37
N ARG C 224 -36.79 24.56 -24.42
CA ARG C 224 -36.54 24.78 -23.00
C ARG C 224 -35.09 24.50 -22.61
N GLN C 225 -34.50 23.47 -23.22
CA GLN C 225 -33.09 23.14 -23.00
C GLN C 225 -32.17 24.28 -23.43
N GLN C 226 -32.43 24.83 -24.62
CA GLN C 226 -31.65 25.96 -25.13
C GLN C 226 -31.78 27.19 -24.22
N MET C 227 -32.98 27.46 -23.74
CA MET C 227 -33.23 28.56 -22.81
C MET C 227 -32.51 28.35 -21.47
N ALA C 228 -32.51 27.12 -20.99
CA ALA C 228 -31.91 26.79 -19.72
C ALA C 228 -30.39 26.92 -19.72
N ALA C 229 -29.79 26.94 -20.91
CA ALA C 229 -28.34 27.06 -21.06
C ALA C 229 -27.79 28.39 -20.52
N HIS C 230 -28.66 29.38 -20.36
CA HIS C 230 -28.22 30.71 -19.93
C HIS C 230 -28.22 30.91 -18.42
N ALA C 231 -28.59 29.87 -17.68
CA ALA C 231 -28.51 29.90 -16.22
C ALA C 231 -27.06 30.05 -15.72
N SER C 232 -26.16 29.26 -16.30
CA SER C 232 -24.72 29.36 -16.04
C SER C 232 -24.16 30.58 -16.76
N PRO C 233 -23.24 31.32 -16.12
CA PRO C 233 -22.60 32.41 -16.83
C PRO C 233 -21.64 31.91 -17.92
N LEU C 234 -21.47 30.59 -18.03
CA LEU C 234 -20.73 30.04 -19.19
C LEU C 234 -21.65 29.82 -20.38
N HIS C 235 -22.95 30.04 -20.18
CA HIS C 235 -23.97 29.93 -21.22
C HIS C 235 -23.97 28.61 -21.96
N ARG C 236 -23.99 27.53 -21.19
CA ARG C 236 -24.28 26.21 -21.74
C ARG C 236 -25.00 25.40 -20.67
N ASN C 237 -25.58 24.27 -21.09
CA ASN C 237 -26.19 23.34 -20.18
C ASN C 237 -25.14 22.52 -19.43
N GLY C 238 -25.50 22.03 -18.26
CA GLY C 238 -24.77 20.97 -17.60
C GLY C 238 -25.08 19.64 -18.29
N TRP C 239 -24.07 18.78 -18.37
CA TRP C 239 -24.18 17.49 -19.03
C TRP C 239 -23.75 16.38 -18.06
N PRO C 240 -24.23 15.13 -18.28
CA PRO C 240 -23.78 14.00 -17.48
C PRO C 240 -22.25 13.93 -17.36
N GLN C 241 -21.53 14.29 -18.43
CA GLN C 241 -20.05 14.29 -18.38
C GLN C 241 -19.49 15.28 -17.35
N ASP C 242 -20.16 16.41 -17.16
CA ASP C 242 -19.74 17.39 -16.15
C ASP C 242 -19.75 16.79 -14.75
N VAL C 243 -20.84 16.10 -14.41
CA VAL C 243 -20.93 15.39 -13.14
C VAL C 243 -19.88 14.27 -13.08
N ALA C 244 -19.78 13.48 -14.14
CA ALA C 244 -18.77 12.42 -14.19
C ALA C 244 -17.35 12.95 -13.94
N ASN C 245 -16.99 14.08 -14.56
CA ASN C 245 -15.66 14.66 -14.39
C ASN C 245 -15.35 14.93 -12.91
N VAL C 246 -16.33 15.45 -12.18
CA VAL C 246 -16.15 15.81 -10.79
C VAL C 246 -16.12 14.54 -9.90
N VAL C 247 -17.05 13.62 -10.12
CA VAL C 247 -17.05 12.38 -9.36
C VAL C 247 -15.71 11.65 -9.53
N GLY C 248 -15.21 11.63 -10.77
CA GLY C 248 -13.93 10.98 -11.06
C GLY C 248 -12.81 11.58 -10.22
N PHE C 249 -12.83 12.90 -10.03
CA PHE C 249 -11.83 13.56 -9.20
C PHE C 249 -12.00 13.19 -7.73
N LEU C 250 -13.23 13.22 -7.25
CA LEU C 250 -13.51 12.93 -5.84
C LEU C 250 -13.07 11.53 -5.44
N VAL C 251 -13.20 10.58 -6.37
CA VAL C 251 -12.87 9.18 -6.08
C VAL C 251 -11.41 8.82 -6.35
N SER C 252 -10.64 9.77 -6.89
CA SER C 252 -9.22 9.56 -7.17
C SER C 252 -8.38 9.75 -5.91
N LYS C 253 -7.10 9.41 -6.01
CA LYS C 253 -6.14 9.67 -4.95
C LYS C 253 -6.09 11.18 -4.66
N GLU C 254 -6.08 11.98 -5.72
CA GLU C 254 -5.95 13.45 -5.58
C GLU C 254 -7.15 14.16 -4.95
N GLY C 255 -8.28 13.47 -4.85
CA GLY C 255 -9.49 14.08 -4.30
C GLY C 255 -9.63 13.89 -2.80
N GLU C 256 -8.68 13.18 -2.19
CA GLU C 256 -8.81 12.74 -0.79
C GLU C 256 -9.15 13.83 0.23
N TRP C 257 -8.55 15.01 0.11
CA TRP C 257 -8.76 16.06 1.12
C TRP C 257 -10.11 16.80 0.98
N VAL C 258 -10.82 16.51 -0.11
CA VAL C 258 -12.25 16.85 -0.20
C VAL C 258 -13.06 15.75 0.45
N ASN C 259 -13.66 16.05 1.60
CA ASN C 259 -14.27 14.99 2.41
C ASN C 259 -15.38 15.56 3.30
N GLY C 260 -16.53 14.88 3.31
CA GLY C 260 -17.70 15.37 4.05
C GLY C 260 -18.39 16.56 3.43
N LYS C 261 -18.11 16.81 2.15
CA LYS C 261 -18.58 18.01 1.44
C LYS C 261 -19.62 17.71 0.37
N VAL C 262 -20.42 18.73 0.06
CA VAL C 262 -21.37 18.67 -1.06
C VAL C 262 -20.91 19.69 -2.10
N LEU C 263 -20.61 19.23 -3.31
CA LEU C 263 -20.18 20.16 -4.36
C LEU C 263 -21.34 20.44 -5.32
N THR C 264 -21.74 21.71 -5.41
CA THR C 264 -22.81 22.12 -6.33
C THR C 264 -22.20 22.30 -7.72
N LEU C 265 -22.75 21.57 -8.68
CA LEU C 265 -22.19 21.50 -10.03
C LEU C 265 -23.21 22.11 -10.99
N ASP C 266 -23.18 23.42 -11.09
CA ASP C 266 -24.16 24.14 -11.90
C ASP C 266 -23.47 25.12 -12.85
N GLY C 267 -22.16 24.98 -13.01
CA GLY C 267 -21.43 25.86 -13.94
C GLY C 267 -21.40 27.33 -13.52
N GLY C 268 -21.63 27.58 -12.24
CA GLY C 268 -21.60 28.94 -11.69
C GLY C 268 -22.93 29.67 -11.66
N ALA C 269 -24.03 28.95 -11.92
CA ALA C 269 -25.38 29.54 -11.90
C ALA C 269 -25.72 30.21 -10.57
N ALA C 270 -25.46 29.52 -9.46
CA ALA C 270 -25.86 29.99 -8.12
C ALA C 270 -25.17 31.29 -7.72
N THR D 10 -57.02 47.63 22.00
CA THR D 10 -56.65 47.24 20.61
C THR D 10 -55.24 46.64 20.56
N TYR D 11 -54.74 46.43 19.34
CA TYR D 11 -53.47 45.72 19.11
C TYR D 11 -52.28 46.23 19.93
N ILE D 12 -51.67 45.30 20.66
CA ILE D 12 -50.43 45.55 21.40
C ILE D 12 -49.27 44.86 20.66
N PRO D 13 -48.21 45.63 20.32
CA PRO D 13 -47.03 45.12 19.61
C PRO D 13 -46.42 43.85 20.22
N GLY D 14 -46.24 42.82 19.39
CA GLY D 14 -45.59 41.58 19.80
C GLY D 14 -46.51 40.51 20.39
N ARG D 15 -47.73 40.89 20.75
CA ARG D 15 -48.67 39.97 21.36
C ARG D 15 -49.50 39.18 20.35
N LEU D 16 -50.19 38.14 20.82
CA LEU D 16 -50.95 37.26 19.95
C LEU D 16 -52.43 37.19 20.37
N ASP D 17 -52.95 38.32 20.87
CA ASP D 17 -54.36 38.42 21.30
C ASP D 17 -55.30 38.12 20.13
N GLY D 18 -56.33 37.31 20.42
CA GLY D 18 -57.29 36.89 19.40
C GLY D 18 -56.77 35.84 18.42
N LYS D 19 -55.53 35.40 18.61
CA LYS D 19 -54.94 34.38 17.73
C LYS D 19 -55.10 32.97 18.33
N VAL D 20 -55.03 31.97 17.47
CA VAL D 20 -55.08 30.57 17.88
C VAL D 20 -53.83 29.82 17.40
N ALA D 21 -53.16 29.16 18.33
CA ALA D 21 -51.95 28.41 18.03
C ALA D 21 -52.10 26.91 18.32
N LEU D 22 -51.34 26.11 17.57
CA LEU D 22 -51.26 24.67 17.81
C LEU D 22 -49.77 24.31 17.88
N VAL D 23 -49.38 23.55 18.91
CA VAL D 23 -47.99 23.13 19.08
C VAL D 23 -47.98 21.61 19.23
N THR D 24 -47.25 20.92 18.35
CA THR D 24 -47.18 19.46 18.45
C THR D 24 -46.22 19.02 19.54
N GLY D 25 -46.56 17.95 20.23
CA GLY D 25 -45.73 17.41 21.32
C GLY D 25 -45.42 18.45 22.38
N SER D 26 -46.45 19.16 22.81
CA SER D 26 -46.30 20.25 23.76
C SER D 26 -46.70 19.84 25.18
N GLY D 27 -46.75 18.53 25.41
CA GLY D 27 -46.96 17.98 26.75
C GLY D 27 -45.74 18.20 27.64
N ARG D 28 -44.55 18.10 27.05
CA ARG D 28 -43.29 18.25 27.78
C ARG D 28 -42.17 18.88 26.92
N GLY D 29 -41.02 19.14 27.54
CA GLY D 29 -39.84 19.66 26.83
C GLY D 29 -40.02 21.02 26.19
N ILE D 30 -39.38 21.22 25.04
CA ILE D 30 -39.43 22.50 24.33
C ILE D 30 -40.87 22.89 23.95
N GLY D 31 -41.64 21.90 23.49
CA GLY D 31 -43.02 22.10 23.07
C GLY D 31 -43.92 22.70 24.14
N ALA D 32 -43.74 22.23 25.36
CA ALA D 32 -44.48 22.76 26.51
C ALA D 32 -44.16 24.23 26.79
N ALA D 33 -42.87 24.56 26.75
CA ALA D 33 -42.45 25.94 26.99
C ALA D 33 -42.99 26.85 25.89
N VAL D 34 -42.99 26.34 24.65
CA VAL D 34 -43.53 27.07 23.51
C VAL D 34 -45.03 27.30 23.67
N ALA D 35 -45.76 26.26 24.06
CA ALA D 35 -47.22 26.36 24.25
C ALA D 35 -47.57 27.39 25.32
N VAL D 36 -46.90 27.30 26.46
CA VAL D 36 -47.17 28.22 27.58
C VAL D 36 -46.82 29.66 27.20
N HIS D 37 -45.73 29.84 26.46
CA HIS D 37 -45.26 31.16 26.04
C HIS D 37 -46.23 31.81 25.06
N LEU D 38 -46.71 31.03 24.08
CA LEU D 38 -47.71 31.54 23.14
C LEU D 38 -49.02 31.93 23.85
N GLY D 39 -49.40 31.16 24.86
CA GLY D 39 -50.56 31.48 25.69
C GLY D 39 -50.31 32.73 26.52
N ARG D 40 -49.10 32.86 27.04
CA ARG D 40 -48.69 34.02 27.82
C ARG D 40 -48.77 35.28 26.96
N LEU D 41 -48.44 35.12 25.68
CA LEU D 41 -48.55 36.18 24.68
C LEU D 41 -50.00 36.46 24.24
N GLY D 42 -50.95 35.64 24.70
CA GLY D 42 -52.36 35.90 24.49
C GLY D 42 -53.08 35.02 23.48
N ALA D 43 -52.36 34.07 22.90
CA ALA D 43 -52.99 33.14 21.97
C ALA D 43 -53.74 32.03 22.73
N LYS D 44 -54.84 31.57 22.12
CA LYS D 44 -55.49 30.33 22.55
C LYS D 44 -54.69 29.16 21.95
N VAL D 45 -54.50 28.09 22.74
CA VAL D 45 -53.52 27.06 22.39
C VAL D 45 -54.08 25.63 22.33
N VAL D 46 -53.79 24.94 21.24
CA VAL D 46 -54.01 23.50 21.14
C VAL D 46 -52.72 22.80 21.56
N VAL D 47 -52.81 22.05 22.65
CA VAL D 47 -51.68 21.33 23.24
C VAL D 47 -51.73 19.88 22.77
N ASN D 48 -51.02 19.58 21.68
CA ASN D 48 -50.95 18.21 21.16
C ASN D 48 -49.98 17.33 21.94
N TYR D 49 -50.38 16.08 22.15
CA TYR D 49 -49.54 15.08 22.79
C TYR D 49 -49.82 13.72 22.14
N ALA D 50 -48.91 12.76 22.34
CA ALA D 50 -49.09 11.40 21.87
C ALA D 50 -49.21 10.40 23.01
N ASN D 51 -48.44 10.64 24.08
CA ASN D 51 -48.38 9.71 25.23
C ASN D 51 -48.59 10.38 26.58
N SER D 52 -47.99 11.57 26.75
CA SER D 52 -47.98 12.26 28.05
C SER D 52 -49.30 13.00 28.32
N THR D 53 -50.33 12.23 28.66
CA THR D 53 -51.69 12.74 28.81
C THR D 53 -51.81 13.81 29.90
N LYS D 54 -51.27 13.52 31.07
CA LYS D 54 -51.41 14.41 32.22
C LYS D 54 -50.47 15.61 32.14
N ASP D 55 -49.29 15.40 31.58
CA ASP D 55 -48.37 16.51 31.31
C ASP D 55 -49.06 17.56 30.44
N ALA D 56 -49.74 17.11 29.39
CA ALA D 56 -50.51 17.98 28.50
C ALA D 56 -51.64 18.71 29.23
N GLU D 57 -52.29 18.01 30.16
CA GLU D 57 -53.34 18.60 30.99
C GLU D 57 -52.77 19.70 31.87
N LYS D 58 -51.60 19.43 32.44
CA LYS D 58 -50.89 20.40 33.30
C LYS D 58 -50.50 21.66 32.52
N VAL D 59 -50.05 21.47 31.27
CA VAL D 59 -49.73 22.58 30.37
C VAL D 59 -50.98 23.40 30.05
N VAL D 60 -52.09 22.71 29.79
CA VAL D 60 -53.38 23.36 29.57
C VAL D 60 -53.80 24.18 30.79
N SER D 61 -53.63 23.62 31.99
CA SER D 61 -53.92 24.31 33.24
C SER D 61 -53.14 25.63 33.35
N GLU D 62 -51.86 25.57 32.98
CA GLU D 62 -50.98 26.72 33.02
C GLU D 62 -51.46 27.87 32.14
N ILE D 63 -51.81 27.55 30.88
CA ILE D 63 -52.28 28.55 29.92
C ILE D 63 -53.61 29.16 30.39
N LYS D 64 -54.48 28.33 30.95
CA LYS D 64 -55.71 28.83 31.55
C LYS D 64 -55.41 29.73 32.76
N ALA D 65 -54.43 29.33 33.58
CA ALA D 65 -54.07 30.05 34.79
C ALA D 65 -53.49 31.45 34.51
N LEU D 66 -52.86 31.61 33.36
CA LEU D 66 -52.30 32.92 32.96
C LEU D 66 -53.28 33.79 32.17
N GLY D 67 -54.52 33.33 32.01
CA GLY D 67 -55.59 34.14 31.45
C GLY D 67 -56.03 33.84 30.03
N SER D 68 -55.41 32.85 29.39
CA SER D 68 -55.83 32.46 28.04
C SER D 68 -56.65 31.17 28.09
N ASP D 69 -56.79 30.51 26.94
CA ASP D 69 -57.55 29.26 26.85
C ASP D 69 -56.72 28.20 26.13
N ALA D 70 -56.95 26.95 26.47
CA ALA D 70 -56.21 25.84 25.87
C ALA D 70 -56.99 24.53 25.94
N ILE D 71 -56.68 23.63 25.01
CA ILE D 71 -57.22 22.27 25.01
C ILE D 71 -56.10 21.29 24.65
N ALA D 72 -56.07 20.15 25.33
CA ALA D 72 -55.13 19.09 24.96
C ALA D 72 -55.80 18.13 23.99
N ILE D 73 -55.13 17.84 22.88
CA ILE D 73 -55.67 16.91 21.88
C ILE D 73 -54.63 15.85 21.55
N LYS D 74 -55.01 14.58 21.73
CA LYS D 74 -54.12 13.45 21.45
C LYS D 74 -54.10 13.16 19.96
N ALA D 75 -52.90 13.18 19.37
CA ALA D 75 -52.70 12.77 17.99
C ALA D 75 -51.26 12.32 17.79
N ASP D 76 -51.12 11.15 17.19
CA ASP D 76 -49.81 10.59 16.85
C ASP D 76 -49.35 11.19 15.54
N ILE D 77 -48.34 12.06 15.62
CA ILE D 77 -47.89 12.82 14.47
C ILE D 77 -47.24 11.94 13.38
N ARG D 78 -46.90 10.68 13.71
CA ARG D 78 -46.44 9.74 12.68
C ARG D 78 -47.56 9.37 11.69
N GLN D 79 -48.80 9.50 12.16
CA GLN D 79 -49.98 9.09 11.37
C GLN D 79 -50.68 10.27 10.70
N VAL D 80 -50.54 10.38 9.39
CA VAL D 80 -51.09 11.52 8.64
C VAL D 80 -52.62 11.74 8.86
N PRO D 81 -53.45 10.68 8.82
CA PRO D 81 -54.87 10.85 9.16
C PRO D 81 -55.11 11.48 10.54
N GLU D 82 -54.25 11.15 11.51
CA GLU D 82 -54.35 11.70 12.86
C GLU D 82 -53.94 13.18 12.91
N ILE D 83 -53.01 13.57 12.05
CA ILE D 83 -52.65 14.98 11.90
C ILE D 83 -53.84 15.76 11.32
N VAL D 84 -54.49 15.17 10.30
CA VAL D 84 -55.70 15.72 9.71
C VAL D 84 -56.78 15.94 10.77
N LYS D 85 -57.00 14.90 11.59
CA LYS D 85 -57.98 14.95 12.69
C LYS D 85 -57.65 16.09 13.67
N LEU D 86 -56.37 16.18 14.04
CA LEU D 86 -55.87 17.20 14.96
C LEU D 86 -56.25 18.60 14.49
N PHE D 87 -55.89 18.93 13.25
CA PHE D 87 -56.17 20.24 12.68
C PHE D 87 -57.67 20.50 12.48
N ASP D 88 -58.41 19.48 12.06
CA ASP D 88 -59.88 19.56 11.99
C ASP D 88 -60.50 19.92 13.35
N GLN D 89 -60.03 19.28 14.41
CA GLN D 89 -60.54 19.51 15.76
C GLN D 89 -60.12 20.86 16.34
N ALA D 90 -58.90 21.30 16.03
CA ALA D 90 -58.41 22.62 16.43
C ALA D 90 -59.35 23.72 15.90
N VAL D 91 -59.59 23.67 14.59
CA VAL D 91 -60.48 24.61 13.90
C VAL D 91 -61.92 24.50 14.42
N ALA D 92 -62.40 23.27 14.64
CA ALA D 92 -63.77 23.06 15.15
C ALA D 92 -63.94 23.62 16.56
N HIS D 93 -62.95 23.36 17.41
CA HIS D 93 -62.99 23.81 18.81
C HIS D 93 -62.84 25.33 18.99
N PHE D 94 -61.83 25.93 18.35
CA PHE D 94 -61.60 27.37 18.51
C PHE D 94 -62.18 28.27 17.42
N GLY D 95 -62.70 27.68 16.36
CA GLY D 95 -63.32 28.45 15.26
C GLY D 95 -62.36 28.73 14.12
N HIS D 96 -61.10 29.01 14.47
CA HIS D 96 -60.05 29.27 13.48
C HIS D 96 -58.67 28.89 14.05
N LEU D 97 -57.69 28.71 13.17
CA LEU D 97 -56.30 28.46 13.59
C LEU D 97 -55.32 29.30 12.77
N ASP D 98 -54.43 30.00 13.47
CA ASP D 98 -53.54 30.97 12.83
C ASP D 98 -52.08 30.53 12.84
N ILE D 99 -51.70 29.75 13.86
CA ILE D 99 -50.30 29.45 14.12
C ILE D 99 -50.12 27.94 14.34
N ALA D 100 -49.15 27.35 13.65
CA ALA D 100 -48.80 25.94 13.85
C ALA D 100 -47.31 25.77 14.09
N VAL D 101 -46.96 25.27 15.28
CA VAL D 101 -45.58 24.95 15.61
C VAL D 101 -45.41 23.43 15.59
N SER D 102 -44.64 22.96 14.62
CA SER D 102 -44.27 21.56 14.50
C SER D 102 -43.01 21.30 15.33
N ASN D 103 -43.17 20.57 16.44
CA ASN D 103 -42.12 20.46 17.44
C ASN D 103 -41.72 19.03 17.75
N SER D 104 -42.67 18.11 17.65
CA SER D 104 -42.45 16.70 18.00
C SER D 104 -41.23 16.10 17.31
N GLY D 105 -40.45 15.34 18.06
CA GLY D 105 -39.26 14.71 17.50
C GLY D 105 -38.61 13.69 18.41
N VAL D 106 -37.81 12.82 17.80
CA VAL D 106 -37.02 11.84 18.54
C VAL D 106 -35.57 11.94 18.09
N VAL D 107 -34.66 11.68 19.02
CA VAL D 107 -33.24 11.69 18.71
C VAL D 107 -32.79 10.26 18.44
N SER D 108 -31.65 10.11 17.79
CA SER D 108 -31.04 8.81 17.55
C SER D 108 -29.54 8.97 17.40
N PHE D 109 -28.82 7.96 17.86
CA PHE D 109 -27.38 7.84 17.65
C PHE D 109 -27.02 6.43 17.20
N GLY D 110 -26.01 6.33 16.34
CA GLY D 110 -25.50 5.04 15.90
C GLY D 110 -24.55 5.20 14.75
N HIS D 111 -23.46 4.45 14.77
CA HIS D 111 -22.53 4.40 13.64
C HIS D 111 -23.29 3.96 12.41
N LEU D 112 -23.01 4.59 11.27
CA LEU D 112 -23.68 4.27 10.01
C LEU D 112 -23.80 2.75 9.80
N LYS D 113 -22.73 2.01 10.12
CA LYS D 113 -22.64 0.58 9.88
C LYS D 113 -23.73 -0.25 10.58
N ASP D 114 -24.29 0.30 11.67
CA ASP D 114 -25.24 -0.42 12.52
C ASP D 114 -26.70 0.06 12.37
N VAL D 115 -26.93 1.12 11.59
CA VAL D 115 -28.29 1.66 11.47
C VAL D 115 -29.19 0.66 10.73
N THR D 116 -30.29 0.29 11.39
CA THR D 116 -31.25 -0.66 10.82
C THR D 116 -32.32 0.08 10.03
N GLU D 117 -33.08 -0.67 9.23
CA GLU D 117 -34.25 -0.14 8.52
C GLU D 117 -35.26 0.41 9.50
N GLU D 118 -35.44 -0.30 10.61
CA GLU D 118 -36.40 0.05 11.64
C GLU D 118 -36.08 1.39 12.30
N GLU D 119 -34.81 1.60 12.61
CA GLU D 119 -34.38 2.84 13.28
C GLU D 119 -34.51 4.04 12.34
N PHE D 120 -34.10 3.84 11.08
CA PHE D 120 -34.31 4.86 10.04
C PHE D 120 -35.76 5.33 10.04
N ASP D 121 -36.67 4.37 9.86
CA ASP D 121 -38.11 4.66 9.78
C ASP D 121 -38.68 5.24 11.07
N ARG D 122 -38.18 4.80 12.22
CA ARG D 122 -38.58 5.37 13.50
C ARG D 122 -38.31 6.88 13.51
N VAL D 123 -37.11 7.26 13.06
CA VAL D 123 -36.68 8.67 13.06
C VAL D 123 -37.39 9.50 11.99
N PHE D 124 -37.35 9.03 10.74
CA PHE D 124 -37.89 9.81 9.61
C PHE D 124 -39.43 10.00 9.62
N SER D 125 -40.15 8.98 10.09
CA SER D 125 -41.62 9.04 10.16
C SER D 125 -42.11 10.19 11.03
N LEU D 126 -41.40 10.46 12.14
CA LEU D 126 -41.75 11.58 13.01
C LEU D 126 -41.04 12.89 12.64
N ASN D 127 -39.71 12.85 12.54
CA ASN D 127 -38.90 14.08 12.40
C ASN D 127 -39.04 14.76 11.05
N THR D 128 -39.35 13.98 10.03
CA THR D 128 -39.25 14.44 8.64
C THR D 128 -40.61 14.34 7.94
N ARG D 129 -41.10 13.13 7.77
CA ARG D 129 -42.42 12.87 7.20
C ARG D 129 -43.53 13.54 8.04
N GLY D 130 -43.52 13.27 9.35
CA GLY D 130 -44.53 13.84 10.25
C GLY D 130 -44.61 15.35 10.16
N GLN D 131 -43.44 16.01 10.26
CA GLN D 131 -43.33 17.47 10.19
C GLN D 131 -43.80 18.01 8.85
N PHE D 132 -43.48 17.28 7.77
CA PHE D 132 -43.88 17.66 6.42
C PHE D 132 -45.41 17.74 6.34
N PHE D 133 -46.09 16.74 6.89
CA PHE D 133 -47.55 16.67 6.78
C PHE D 133 -48.26 17.53 7.82
N VAL D 134 -47.57 17.85 8.91
CA VAL D 134 -48.02 18.91 9.81
C VAL D 134 -48.06 20.22 9.03
N ALA D 135 -46.98 20.51 8.30
CA ALA D 135 -46.91 21.68 7.42
C ALA D 135 -48.04 21.70 6.37
N ARG D 136 -48.27 20.57 5.70
CA ARG D 136 -49.36 20.45 4.74
C ARG D 136 -50.73 20.76 5.36
N GLU D 137 -51.02 20.15 6.51
CA GLU D 137 -52.31 20.35 7.16
C GLU D 137 -52.43 21.78 7.66
N ALA D 138 -51.31 22.35 8.12
CA ALA D 138 -51.32 23.72 8.59
C ALA D 138 -51.70 24.64 7.44
N TYR D 139 -51.04 24.47 6.29
CA TYR D 139 -51.41 25.24 5.10
C TYR D 139 -52.91 25.12 4.78
N ARG D 140 -53.43 23.89 4.81
CA ARG D 140 -54.84 23.63 4.45
C ARG D 140 -55.87 24.23 5.41
N HIS D 141 -55.50 24.40 6.67
CA HIS D 141 -56.45 24.85 7.71
C HIS D 141 -56.28 26.30 8.18
N LEU D 142 -55.07 26.84 8.03
CA LEU D 142 -54.73 28.17 8.55
C LEU D 142 -55.47 29.34 7.90
N THR D 143 -55.66 30.40 8.66
CA THR D 143 -56.20 31.66 8.14
C THR D 143 -55.09 32.40 7.38
N GLU D 144 -55.48 33.25 6.44
CA GLU D 144 -54.51 34.10 5.72
C GLU D 144 -53.66 34.93 6.67
N GLY D 145 -52.35 34.96 6.43
CA GLY D 145 -51.42 35.70 7.30
C GLY D 145 -50.95 34.87 8.47
N GLY D 146 -51.22 33.56 8.41
CA GLY D 146 -50.81 32.63 9.43
C GLY D 146 -49.31 32.38 9.49
N ARG D 147 -48.92 31.47 10.38
CA ARG D 147 -47.52 31.19 10.66
C ARG D 147 -47.31 29.70 10.84
N ILE D 148 -46.27 29.17 10.20
CA ILE D 148 -45.84 27.80 10.40
C ILE D 148 -44.36 27.81 10.83
N VAL D 149 -44.06 27.12 11.92
CA VAL D 149 -42.68 26.95 12.37
C VAL D 149 -42.39 25.46 12.57
N LEU D 150 -41.35 24.97 11.91
CA LEU D 150 -40.88 23.61 12.08
C LEU D 150 -39.63 23.57 12.95
N THR D 151 -39.25 22.38 13.39
CA THR D 151 -38.11 22.23 14.29
C THR D 151 -37.01 21.40 13.64
N SER D 152 -35.84 22.02 13.53
CA SER D 152 -34.65 21.39 12.98
C SER D 152 -33.69 21.16 14.16
N SER D 153 -32.40 21.39 13.93
CA SER D 153 -31.37 21.19 14.94
C SER D 153 -30.05 21.77 14.45
N ASN D 154 -29.21 22.21 15.39
CA ASN D 154 -27.86 22.65 15.03
C ASN D 154 -27.06 21.55 14.31
N THR D 155 -27.51 20.30 14.49
CA THR D 155 -26.79 19.15 13.93
C THR D 155 -27.11 18.93 12.47
N SER D 156 -28.17 19.57 11.96
CA SER D 156 -28.46 19.54 10.53
C SER D 156 -27.29 20.06 9.68
N LYS D 157 -26.74 21.21 10.06
CA LYS D 157 -25.68 21.86 9.27
C LYS D 157 -24.54 22.41 10.09
N ASP D 158 -24.86 22.95 11.27
CA ASP D 158 -23.90 23.78 12.02
C ASP D 158 -22.98 23.02 12.97
N PHE D 159 -23.30 21.76 13.24
CA PHE D 159 -22.59 20.98 14.24
C PHE D 159 -22.48 19.53 13.74
N SER D 160 -21.27 18.99 13.75
CA SER D 160 -21.06 17.64 13.23
C SER D 160 -20.71 16.73 14.38
N VAL D 161 -21.52 15.70 14.59
CA VAL D 161 -21.31 14.76 15.68
C VAL D 161 -21.16 13.34 15.13
N PRO D 162 -20.08 12.62 15.50
CA PRO D 162 -19.94 11.26 14.99
C PRO D 162 -21.13 10.39 15.42
N LYS D 163 -21.44 9.38 14.61
CA LYS D 163 -22.57 8.47 14.87
C LYS D 163 -23.94 9.18 14.96
N HIS D 164 -24.09 10.31 14.29
CA HIS D 164 -25.31 11.08 14.43
C HIS D 164 -25.91 11.37 13.05
N SER D 165 -25.59 10.51 12.07
CA SER D 165 -25.95 10.82 10.69
C SER D 165 -27.46 10.79 10.44
N LEU D 166 -28.12 9.79 11.02
CA LEU D 166 -29.54 9.56 10.80
C LEU D 166 -30.37 10.76 11.23
N TYR D 167 -30.16 11.20 12.45
CA TYR D 167 -30.87 12.35 13.01
C TYR D 167 -30.55 13.64 12.29
N SER D 168 -29.26 13.88 12.02
CA SER D 168 -28.82 15.12 11.33
C SER D 168 -29.49 15.25 9.96
N GLY D 169 -29.54 14.13 9.24
CA GLY D 169 -30.25 14.06 7.98
C GLY D 169 -31.74 14.30 8.10
N SER D 170 -32.36 13.79 9.17
CA SER D 170 -33.80 13.98 9.35
C SER D 170 -34.14 15.48 9.46
N LYS D 171 -33.23 16.26 10.00
CA LYS D 171 -33.45 17.70 10.15
C LYS D 171 -32.94 18.50 8.96
N GLY D 172 -31.92 17.98 8.26
CA GLY D 172 -31.45 18.58 7.01
C GLY D 172 -32.58 18.68 5.99
N ALA D 173 -33.41 17.63 5.92
CA ALA D 173 -34.62 17.64 5.10
C ALA D 173 -35.57 18.80 5.47
N VAL D 174 -35.78 19.01 6.77
CA VAL D 174 -36.63 20.09 7.27
C VAL D 174 -36.15 21.48 6.83
N ASP D 175 -34.83 21.71 6.92
CA ASP D 175 -34.25 22.99 6.48
C ASP D 175 -34.63 23.30 5.05
N SER D 176 -34.49 22.30 4.17
CA SER D 176 -34.83 22.49 2.76
C SER D 176 -36.36 22.67 2.63
N PHE D 177 -37.12 21.87 3.38
CA PHE D 177 -38.59 21.95 3.34
C PHE D 177 -39.06 23.38 3.55
N VAL D 178 -38.58 24.02 4.61
CA VAL D 178 -39.13 25.31 5.00
C VAL D 178 -38.82 26.38 3.96
N ARG D 179 -37.65 26.32 3.36
CA ARG D 179 -37.29 27.30 2.33
C ARG D 179 -38.29 27.24 1.18
N ILE D 180 -38.62 26.04 0.72
CA ILE D 180 -39.58 25.87 -0.38
C ILE D 180 -41.02 25.99 0.10
N PHE D 181 -41.31 25.55 1.33
CA PHE D 181 -42.65 25.77 1.91
C PHE D 181 -43.04 27.25 1.86
N SER D 182 -42.08 28.15 2.13
CA SER D 182 -42.38 29.58 2.19
C SER D 182 -42.91 30.10 0.85
N LYS D 183 -42.41 29.50 -0.24
CA LYS D 183 -42.88 29.88 -1.59
C LYS D 183 -44.36 29.50 -1.80
N ASP D 184 -44.66 28.21 -1.62
CA ASP D 184 -46.01 27.68 -1.77
C ASP D 184 -47.01 28.35 -0.82
N CYS D 185 -46.61 28.52 0.44
CA CYS D 185 -47.49 29.08 1.47
C CYS D 185 -47.73 30.57 1.32
N GLY D 186 -46.93 31.20 0.47
CA GLY D 186 -47.06 32.61 0.14
C GLY D 186 -48.41 32.97 -0.47
N ASP D 187 -49.04 32.02 -1.15
CA ASP D 187 -50.34 32.28 -1.76
C ASP D 187 -51.48 32.46 -0.73
N LYS D 188 -51.21 32.13 0.53
CA LYS D 188 -52.11 32.43 1.65
C LYS D 188 -51.45 33.39 2.64
N LYS D 189 -50.37 34.04 2.20
CA LYS D 189 -49.57 34.94 3.05
C LYS D 189 -49.13 34.30 4.39
N ILE D 190 -48.92 32.99 4.36
CA ILE D 190 -48.42 32.25 5.52
C ILE D 190 -46.90 32.16 5.44
N THR D 191 -46.22 32.63 6.48
CA THR D 191 -44.75 32.46 6.54
C THR D 191 -44.43 31.10 7.14
N VAL D 192 -43.27 30.58 6.76
CA VAL D 192 -42.82 29.27 7.19
C VAL D 192 -41.34 29.35 7.48
N ASN D 193 -40.96 29.00 8.70
CA ASN D 193 -39.58 29.04 9.13
C ASN D 193 -39.31 27.80 9.96
N ALA D 194 -38.06 27.63 10.32
CA ALA D 194 -37.68 26.59 11.25
C ALA D 194 -36.76 27.17 12.31
N VAL D 195 -36.83 26.57 13.50
CA VAL D 195 -35.87 26.82 14.56
C VAL D 195 -35.01 25.57 14.73
N ALA D 196 -33.71 25.78 14.92
CA ALA D 196 -32.73 24.72 14.99
C ALA D 196 -31.99 24.79 16.33
N PRO D 197 -32.58 24.24 17.39
CA PRO D 197 -31.93 24.37 18.70
C PRO D 197 -30.56 23.70 18.74
N GLY D 198 -29.63 24.29 19.49
CA GLY D 198 -28.45 23.57 19.95
C GLY D 198 -28.88 22.73 21.15
N GLY D 199 -27.92 22.21 21.91
CA GLY D 199 -28.21 21.43 23.10
C GLY D 199 -29.11 22.21 24.04
N THR D 200 -30.30 21.65 24.29
CA THR D 200 -31.35 22.33 25.06
C THR D 200 -31.83 21.38 26.18
N VAL D 201 -31.71 21.83 27.42
CA VAL D 201 -31.95 20.96 28.57
C VAL D 201 -33.40 20.47 28.65
N THR D 202 -33.55 19.20 28.29
CA THR D 202 -34.82 18.45 28.35
C THR D 202 -34.47 16.99 28.59
N ASP D 203 -35.47 16.11 28.58
CA ASP D 203 -35.25 14.66 28.68
C ASP D 203 -34.41 14.12 27.51
N MET D 204 -34.66 14.63 26.31
CA MET D 204 -33.88 14.27 25.13
C MET D 204 -32.40 14.57 25.33
N PHE D 205 -32.11 15.77 25.83
CA PHE D 205 -30.74 16.21 26.06
C PHE D 205 -29.95 15.28 27.00
N HIS D 206 -30.56 14.88 28.11
CA HIS D 206 -29.90 13.99 29.07
C HIS D 206 -29.76 12.55 28.55
N GLU D 207 -30.67 12.14 27.68
CA GLU D 207 -30.61 10.83 27.03
C GLU D 207 -29.28 10.69 26.27
N VAL D 208 -28.81 11.78 25.68
CA VAL D 208 -27.72 11.70 24.71
C VAL D 208 -26.52 12.63 24.91
N SER D 209 -26.55 13.46 25.96
CA SER D 209 -25.53 14.48 26.15
C SER D 209 -24.09 13.96 26.12
N HIS D 210 -23.93 12.64 26.21
CA HIS D 210 -22.59 12.04 26.17
C HIS D 210 -21.91 12.03 24.79
N HIS D 211 -22.65 12.43 23.75
CA HIS D 211 -22.11 12.49 22.39
C HIS D 211 -21.57 13.86 21.99
N TYR D 212 -22.12 14.92 22.59
CA TYR D 212 -21.75 16.29 22.22
C TYR D 212 -20.38 16.75 22.72
N ILE D 213 -19.72 15.90 23.51
CA ILE D 213 -18.38 16.16 24.04
C ILE D 213 -17.54 14.86 24.09
N PRO D 214 -16.19 14.98 24.05
CA PRO D 214 -15.29 13.82 24.03
C PRO D 214 -15.31 12.97 25.31
N ASN D 215 -15.35 11.65 25.14
CA ASN D 215 -15.37 10.67 26.24
C ASN D 215 -16.56 10.80 27.21
N GLY D 216 -17.68 11.28 26.67
CA GLY D 216 -18.89 11.60 27.46
C GLY D 216 -19.38 10.60 28.49
N THR D 217 -19.14 9.31 28.24
CA THR D 217 -19.57 8.24 29.16
C THR D 217 -18.67 8.14 30.39
N SER D 218 -17.55 8.87 30.37
CA SER D 218 -16.68 8.93 31.53
C SER D 218 -17.17 9.99 32.51
N TYR D 219 -18.22 10.72 32.12
CA TYR D 219 -18.80 11.78 32.95
C TYR D 219 -20.25 11.51 33.36
N THR D 220 -20.65 12.04 34.52
CA THR D 220 -22.04 11.96 35.03
C THR D 220 -22.94 12.91 34.26
N ALA D 221 -24.26 12.79 34.43
CA ALA D 221 -25.19 13.66 33.66
C ALA D 221 -25.00 15.14 33.99
N GLU D 222 -24.78 15.45 35.27
CA GLU D 222 -24.49 16.83 35.71
C GLU D 222 -23.19 17.34 35.07
N GLN D 223 -22.14 16.51 35.13
CA GLN D 223 -20.85 16.81 34.51
C GLN D 223 -20.99 17.15 33.02
N ARG D 224 -21.80 16.37 32.31
CA ARG D 224 -22.00 16.57 30.88
C ARG D 224 -22.80 17.84 30.59
N GLN D 225 -23.74 18.16 31.47
CA GLN D 225 -24.58 19.33 31.30
C GLN D 225 -23.76 20.61 31.47
N GLN D 226 -22.84 20.59 32.43
CA GLN D 226 -21.97 21.73 32.68
C GLN D 226 -20.97 21.95 31.54
N MET D 227 -20.55 20.87 30.89
CA MET D 227 -19.68 20.97 29.72
C MET D 227 -20.41 21.51 28.51
N ALA D 228 -21.65 21.05 28.31
CA ALA D 228 -22.49 21.58 27.24
C ALA D 228 -22.75 23.09 27.42
N ALA D 229 -22.83 23.53 28.67
CA ALA D 229 -22.99 24.94 29.00
C ALA D 229 -21.89 25.84 28.41
N HIS D 230 -20.66 25.33 28.37
CA HIS D 230 -19.50 26.09 27.88
C HIS D 230 -19.37 26.14 26.36
N ALA D 231 -20.23 25.43 25.65
CA ALA D 231 -20.22 25.45 24.19
C ALA D 231 -20.63 26.84 23.65
N SER D 232 -21.60 27.46 24.32
CA SER D 232 -21.98 28.85 24.07
C SER D 232 -20.99 29.80 24.73
N PRO D 233 -20.60 30.88 24.02
CA PRO D 233 -19.74 31.89 24.64
C PRO D 233 -20.47 32.70 25.72
N LEU D 234 -21.77 32.48 25.89
CA LEU D 234 -22.49 33.00 27.08
C LEU D 234 -22.35 32.07 28.30
N HIS D 235 -21.74 30.90 28.10
CA HIS D 235 -21.46 29.96 29.22
C HIS D 235 -22.70 29.54 30.01
N ARG D 236 -23.76 29.23 29.28
CA ARG D 236 -24.92 28.58 29.86
C ARG D 236 -25.51 27.62 28.84
N ASN D 237 -26.34 26.70 29.31
CA ASN D 237 -27.10 25.81 28.45
C ASN D 237 -28.23 26.57 27.76
N GLY D 238 -28.69 26.04 26.63
CA GLY D 238 -29.98 26.44 26.05
C GLY D 238 -31.09 25.80 26.88
N TRP D 239 -32.19 26.53 27.04
CA TRP D 239 -33.36 26.02 27.77
C TRP D 239 -34.60 26.13 26.89
N PRO D 240 -35.64 25.32 27.17
CA PRO D 240 -36.92 25.41 26.45
C PRO D 240 -37.44 26.85 26.26
N GLN D 241 -37.32 27.70 27.28
CA GLN D 241 -37.71 29.11 27.15
C GLN D 241 -36.99 29.86 26.02
N ASP D 242 -35.70 29.57 25.82
CA ASP D 242 -34.93 30.22 24.74
C ASP D 242 -35.57 29.99 23.37
N VAL D 243 -35.96 28.75 23.11
CA VAL D 243 -36.61 28.39 21.86
C VAL D 243 -38.00 29.05 21.82
N ALA D 244 -38.76 28.93 22.90
CA ALA D 244 -40.05 29.59 23.00
C ALA D 244 -39.95 31.09 22.65
N ASN D 245 -38.94 31.76 23.21
CA ASN D 245 -38.78 33.20 22.99
C ASN D 245 -38.68 33.54 21.49
N VAL D 246 -37.99 32.70 20.74
CA VAL D 246 -37.74 32.96 19.32
C VAL D 246 -38.99 32.64 18.49
N VAL D 247 -39.60 31.48 18.76
CA VAL D 247 -40.87 31.10 18.13
C VAL D 247 -41.94 32.18 18.36
N GLY D 248 -42.01 32.68 19.60
CA GLY D 248 -42.94 33.76 19.95
C GLY D 248 -42.75 34.98 19.04
N PHE D 249 -41.52 35.25 18.65
CA PHE D 249 -41.25 36.35 17.72
C PHE D 249 -41.63 36.01 16.27
N LEU D 250 -41.24 34.82 15.81
CA LEU D 250 -41.51 34.39 14.44
C LEU D 250 -43.00 34.38 14.10
N VAL D 251 -43.83 34.00 15.08
CA VAL D 251 -45.28 33.88 14.86
C VAL D 251 -46.05 35.17 15.12
N SER D 252 -45.33 36.23 15.48
CA SER D 252 -45.92 37.55 15.66
C SER D 252 -46.00 38.27 14.32
N LYS D 253 -46.77 39.36 14.29
CA LYS D 253 -46.81 40.27 13.14
C LYS D 253 -45.41 40.76 12.80
N GLU D 254 -44.67 41.17 13.83
CA GLU D 254 -43.31 41.74 13.68
C GLU D 254 -42.26 40.77 13.13
N GLY D 255 -42.57 39.47 13.13
CA GLY D 255 -41.66 38.47 12.59
C GLY D 255 -41.86 38.16 11.11
N GLU D 256 -42.81 38.85 10.48
CA GLU D 256 -43.24 38.51 9.10
C GLU D 256 -42.12 38.45 8.06
N TRP D 257 -41.16 39.37 8.15
CA TRP D 257 -40.12 39.43 7.11
C TRP D 257 -39.03 38.37 7.27
N VAL D 258 -39.06 37.65 8.39
CA VAL D 258 -38.29 36.41 8.51
C VAL D 258 -39.18 35.29 7.94
N ASN D 259 -38.76 34.73 6.81
CA ASN D 259 -39.60 33.81 6.06
C ASN D 259 -38.76 32.90 5.17
N GLY D 260 -39.04 31.60 5.22
CA GLY D 260 -38.24 30.60 4.50
C GLY D 260 -36.89 30.29 5.15
N LYS D 261 -36.70 30.69 6.41
CA LYS D 261 -35.38 30.64 7.05
C LYS D 261 -35.29 29.62 8.18
N VAL D 262 -34.08 29.17 8.47
CA VAL D 262 -33.81 28.28 9.60
C VAL D 262 -32.90 29.04 10.55
N LEU D 263 -33.34 29.25 11.80
CA LEU D 263 -32.56 29.99 12.79
C LEU D 263 -31.95 29.01 13.80
N THR D 264 -30.63 28.94 13.80
CA THR D 264 -29.91 28.12 14.75
C THR D 264 -29.87 28.82 16.10
N LEU D 265 -30.39 28.14 17.11
CA LEU D 265 -30.55 28.70 18.44
C LEU D 265 -29.64 27.95 19.42
N ASP D 266 -28.38 28.37 19.46
CA ASP D 266 -27.36 27.68 20.27
C ASP D 266 -26.58 28.67 21.14
N GLY D 267 -27.13 29.87 21.30
CA GLY D 267 -26.47 30.95 22.06
C GLY D 267 -25.09 31.32 21.56
N GLY D 268 -24.82 31.08 20.27
CA GLY D 268 -23.54 31.47 19.68
C GLY D 268 -22.47 30.40 19.64
N ALA D 269 -22.83 29.14 19.92
CA ALA D 269 -21.86 28.04 19.91
C ALA D 269 -21.18 27.84 18.55
N ALA D 270 -21.98 27.88 17.47
CA ALA D 270 -21.48 27.56 16.13
C ALA D 270 -20.42 28.55 15.64
N THR E 10 21.85 10.84 12.26
CA THR E 10 20.85 9.74 12.44
C THR E 10 20.93 8.73 11.30
N TYR E 11 21.31 7.50 11.64
CA TYR E 11 21.46 6.40 10.68
C TYR E 11 20.20 6.16 9.86
N ILE E 12 20.38 5.92 8.56
CA ILE E 12 19.27 5.63 7.65
C ILE E 12 19.36 4.18 7.14
N PRO E 13 18.30 3.38 7.40
CA PRO E 13 18.26 1.97 6.99
C PRO E 13 18.57 1.75 5.50
N GLY E 14 19.48 0.83 5.21
CA GLY E 14 19.92 0.52 3.84
C GLY E 14 21.12 1.33 3.35
N ARG E 15 21.33 2.52 3.92
CA ARG E 15 22.35 3.44 3.42
C ARG E 15 23.78 3.16 3.91
N LEU E 16 24.74 3.79 3.24
CA LEU E 16 26.16 3.60 3.52
C LEU E 16 26.87 4.92 3.89
N ASP E 17 26.15 5.83 4.55
CA ASP E 17 26.74 7.09 4.99
C ASP E 17 27.89 6.86 5.96
N GLY E 18 28.99 7.59 5.76
CA GLY E 18 30.19 7.42 6.57
C GLY E 18 31.08 6.26 6.17
N LYS E 19 30.62 5.41 5.26
CA LYS E 19 31.41 4.25 4.82
C LYS E 19 32.29 4.58 3.64
N VAL E 20 33.35 3.79 3.49
CA VAL E 20 34.26 3.90 2.37
C VAL E 20 34.34 2.52 1.71
N ALA E 21 34.18 2.49 0.39
CA ALA E 21 34.14 1.25 -0.37
C ALA E 21 35.17 1.25 -1.50
N LEU E 22 35.65 0.06 -1.85
CA LEU E 22 36.56 -0.10 -2.98
C LEU E 22 35.98 -1.15 -3.93
N VAL E 23 36.02 -0.87 -5.23
CA VAL E 23 35.53 -1.81 -6.23
C VAL E 23 36.59 -2.03 -7.32
N THR E 24 37.03 -3.28 -7.48
CA THR E 24 38.00 -3.58 -8.53
C THR E 24 37.35 -3.55 -9.91
N GLY E 25 38.06 -3.03 -10.90
CA GLY E 25 37.57 -2.98 -12.27
C GLY E 25 36.24 -2.26 -12.43
N SER E 26 36.12 -1.09 -11.80
CA SER E 26 34.87 -0.35 -11.78
C SER E 26 34.85 0.85 -12.74
N GLY E 27 35.81 0.86 -13.67
CA GLY E 27 35.77 1.84 -14.76
C GLY E 27 34.62 1.59 -15.72
N ARG E 28 34.26 0.32 -15.90
CA ARG E 28 33.17 -0.03 -16.81
C ARG E 28 32.48 -1.34 -16.41
N GLY E 29 31.39 -1.67 -17.09
CA GLY E 29 30.69 -2.94 -16.87
C GLY E 29 29.97 -3.00 -15.54
N ILE E 30 29.94 -4.19 -14.95
CA ILE E 30 29.27 -4.40 -13.65
C ILE E 30 29.91 -3.57 -12.53
N GLY E 31 31.24 -3.57 -12.47
CA GLY E 31 31.97 -2.79 -11.47
C GLY E 31 31.56 -1.33 -11.45
N ALA E 32 31.40 -0.75 -12.63
CA ALA E 32 30.99 0.65 -12.74
C ALA E 32 29.64 0.94 -12.10
N ALA E 33 28.66 0.05 -12.35
CA ALA E 33 27.33 0.20 -11.75
C ALA E 33 27.37 -0.01 -10.24
N VAL E 34 28.16 -0.99 -9.80
CA VAL E 34 28.35 -1.26 -8.38
C VAL E 34 28.92 -0.01 -7.67
N ALA E 35 30.04 0.50 -8.18
CA ALA E 35 30.66 1.71 -7.63
C ALA E 35 29.73 2.93 -7.59
N VAL E 36 29.00 3.19 -8.68
CA VAL E 36 28.06 4.32 -8.69
C VAL E 36 26.96 4.12 -7.66
N HIS E 37 26.44 2.90 -7.58
CA HIS E 37 25.35 2.57 -6.66
C HIS E 37 25.74 2.72 -5.18
N LEU E 38 26.95 2.29 -4.83
CA LEU E 38 27.45 2.39 -3.47
C LEU E 38 27.60 3.85 -3.09
N GLY E 39 28.01 4.67 -4.06
CA GLY E 39 28.10 6.13 -3.89
C GLY E 39 26.72 6.74 -3.69
N ARG E 40 25.75 6.26 -4.46
CA ARG E 40 24.36 6.71 -4.35
C ARG E 40 23.81 6.42 -2.96
N LEU E 41 24.22 5.27 -2.41
CA LEU E 41 23.86 4.85 -1.06
C LEU E 41 24.60 5.61 0.06
N GLY E 42 25.58 6.43 -0.32
CA GLY E 42 26.26 7.31 0.64
C GLY E 42 27.71 7.00 0.94
N ALA E 43 28.25 5.94 0.35
CA ALA E 43 29.65 5.60 0.53
C ALA E 43 30.57 6.47 -0.33
N LYS E 44 31.77 6.72 0.18
CA LYS E 44 32.84 7.27 -0.66
C LYS E 44 33.50 6.06 -1.32
N VAL E 45 33.91 6.19 -2.58
CA VAL E 45 34.28 5.03 -3.38
C VAL E 45 35.64 5.11 -4.06
N VAL E 46 36.45 4.08 -3.88
CA VAL E 46 37.69 3.92 -4.64
C VAL E 46 37.40 3.14 -5.92
N VAL E 47 37.58 3.81 -7.06
CA VAL E 47 37.28 3.26 -8.38
C VAL E 47 38.57 2.71 -9.02
N ASN E 48 38.79 1.41 -8.89
CA ASN E 48 39.97 0.78 -9.48
C ASN E 48 39.77 0.48 -10.96
N TYR E 49 40.84 0.69 -11.73
CA TYR E 49 40.88 0.29 -13.13
C TYR E 49 42.29 -0.21 -13.43
N ALA E 50 42.43 -0.99 -14.50
CA ALA E 50 43.75 -1.40 -14.97
C ALA E 50 44.16 -0.68 -16.26
N ASN E 51 43.19 -0.44 -17.14
CA ASN E 51 43.44 0.13 -18.47
C ASN E 51 42.55 1.31 -18.83
N SER E 52 41.29 1.26 -18.42
CA SER E 52 40.29 2.26 -18.88
C SER E 52 40.29 3.53 -18.04
N THR E 53 41.38 4.28 -18.15
CA THR E 53 41.57 5.53 -17.41
C THR E 53 40.38 6.50 -17.51
N LYS E 54 39.95 6.77 -18.74
CA LYS E 54 38.89 7.76 -19.00
C LYS E 54 37.54 7.32 -18.44
N ASP E 55 37.19 6.06 -18.64
CA ASP E 55 35.97 5.47 -18.08
C ASP E 55 35.91 5.62 -16.56
N ALA E 56 37.02 5.31 -15.88
CA ALA E 56 37.09 5.39 -14.41
C ALA E 56 36.95 6.84 -13.91
N GLU E 57 37.53 7.78 -14.65
CA GLU E 57 37.38 9.21 -14.34
C GLU E 57 35.92 9.67 -14.49
N LYS E 58 35.23 9.13 -15.50
CA LYS E 58 33.80 9.42 -15.71
C LYS E 58 32.92 8.85 -14.58
N VAL E 59 33.26 7.63 -14.12
CA VAL E 59 32.62 6.99 -12.97
C VAL E 59 32.81 7.84 -11.70
N VAL E 60 34.04 8.31 -11.48
CA VAL E 60 34.34 9.22 -10.36
C VAL E 60 33.44 10.47 -10.41
N SER E 61 33.35 11.09 -11.60
CA SER E 61 32.53 12.29 -11.78
C SER E 61 31.07 12.03 -11.44
N GLU E 62 30.53 10.91 -11.92
CA GLU E 62 29.16 10.48 -11.59
C GLU E 62 28.92 10.44 -10.08
N ILE E 63 29.87 9.83 -9.37
CA ILE E 63 29.77 9.65 -7.92
C ILE E 63 29.89 10.98 -7.18
N LYS E 64 30.72 11.87 -7.68
CA LYS E 64 30.83 13.23 -7.13
C LYS E 64 29.57 14.04 -7.41
N ALA E 65 28.97 13.83 -8.59
CA ALA E 65 27.78 14.57 -9.02
C ALA E 65 26.54 14.21 -8.20
N LEU E 66 26.47 12.99 -7.69
CA LEU E 66 25.35 12.60 -6.82
C LEU E 66 25.58 12.92 -5.34
N GLY E 67 26.66 13.64 -5.03
CA GLY E 67 26.89 14.17 -3.70
C GLY E 67 27.85 13.40 -2.78
N SER E 68 28.50 12.38 -3.31
CA SER E 68 29.52 11.67 -2.53
C SER E 68 30.93 12.02 -3.02
N ASP E 69 31.92 11.22 -2.64
CA ASP E 69 33.29 11.43 -3.08
C ASP E 69 33.92 10.14 -3.60
N ALA E 70 34.85 10.28 -4.55
CA ALA E 70 35.47 9.14 -5.18
C ALA E 70 36.87 9.48 -5.68
N ILE E 71 37.72 8.47 -5.78
CA ILE E 71 39.01 8.59 -6.45
C ILE E 71 39.26 7.38 -7.36
N ALA E 72 39.95 7.61 -8.48
CA ALA E 72 40.33 6.55 -9.40
C ALA E 72 41.79 6.16 -9.19
N ILE E 73 42.03 4.86 -9.00
CA ILE E 73 43.38 4.35 -8.73
C ILE E 73 43.70 3.19 -9.67
N LYS E 74 44.76 3.36 -10.46
CA LYS E 74 45.21 2.33 -11.40
C LYS E 74 45.95 1.22 -10.68
N ALA E 75 45.46 -0.01 -10.84
CA ALA E 75 46.14 -1.20 -10.33
C ALA E 75 45.80 -2.44 -11.17
N ASP E 76 46.84 -3.20 -11.52
CA ASP E 76 46.66 -4.49 -12.18
C ASP E 76 46.43 -5.54 -11.09
N ILE E 77 45.19 -6.03 -11.02
CA ILE E 77 44.79 -6.96 -9.96
C ILE E 77 45.47 -8.35 -10.10
N ARG E 78 46.08 -8.60 -11.27
CA ARG E 78 46.95 -9.78 -11.45
C ARG E 78 48.23 -9.68 -10.63
N GLN E 79 48.66 -8.46 -10.35
CA GLN E 79 49.89 -8.25 -9.60
C GLN E 79 49.57 -8.01 -8.13
N VAL E 80 49.85 -9.01 -7.30
CA VAL E 80 49.60 -8.90 -5.85
C VAL E 80 50.25 -7.65 -5.20
N PRO E 81 51.50 -7.29 -5.60
CA PRO E 81 52.07 -6.07 -5.00
C PRO E 81 51.29 -4.81 -5.34
N GLU E 82 50.66 -4.77 -6.52
CA GLU E 82 49.77 -3.66 -6.88
C GLU E 82 48.45 -3.68 -6.09
N ILE E 83 47.98 -4.88 -5.74
CA ILE E 83 46.80 -5.02 -4.88
C ILE E 83 47.09 -4.41 -3.51
N VAL E 84 48.25 -4.73 -2.95
CA VAL E 84 48.70 -4.16 -1.68
C VAL E 84 48.74 -2.63 -1.77
N LYS E 85 49.38 -2.13 -2.84
CA LYS E 85 49.51 -0.68 -3.08
C LYS E 85 48.16 0.00 -3.24
N LEU E 86 47.22 -0.66 -3.93
CA LEU E 86 45.87 -0.14 -4.13
C LEU E 86 45.15 0.06 -2.80
N PHE E 87 45.21 -0.97 -1.95
CA PHE E 87 44.57 -0.92 -0.63
C PHE E 87 45.25 0.04 0.34
N ASP E 88 46.59 0.10 0.31
CA ASP E 88 47.33 1.09 1.09
C ASP E 88 46.89 2.51 0.73
N GLN E 89 46.80 2.78 -0.56
CA GLN E 89 46.41 4.10 -1.07
C GLN E 89 44.97 4.47 -0.75
N ALA E 90 44.08 3.49 -0.82
CA ALA E 90 42.68 3.64 -0.40
C ALA E 90 42.56 4.11 1.06
N VAL E 91 43.20 3.38 1.98
CA VAL E 91 43.19 3.76 3.40
C VAL E 91 43.86 5.13 3.63
N ALA E 92 45.01 5.37 3.01
CA ALA E 92 45.71 6.65 3.16
C ALA E 92 44.88 7.83 2.64
N HIS E 93 44.13 7.64 1.55
CA HIS E 93 43.33 8.72 1.00
C HIS E 93 42.09 9.05 1.83
N PHE E 94 41.30 8.03 2.16
CA PHE E 94 40.01 8.22 2.83
C PHE E 94 40.04 8.01 4.35
N GLY E 95 41.18 7.59 4.88
CA GLY E 95 41.33 7.39 6.32
C GLY E 95 41.03 5.98 6.80
N HIS E 96 40.07 5.32 6.15
CA HIS E 96 39.70 3.95 6.47
C HIS E 96 39.05 3.27 5.27
N LEU E 97 38.94 1.94 5.32
CA LEU E 97 38.21 1.17 4.33
C LEU E 97 37.29 0.18 5.03
N ASP E 98 36.04 0.15 4.59
CA ASP E 98 35.01 -0.67 5.23
C ASP E 98 34.49 -1.76 4.31
N ILE E 99 34.47 -1.48 3.00
CA ILE E 99 33.84 -2.36 2.03
C ILE E 99 34.78 -2.61 0.84
N ALA E 100 34.89 -3.88 0.45
CA ALA E 100 35.71 -4.23 -0.69
C ALA E 100 34.95 -5.15 -1.62
N VAL E 101 34.76 -4.70 -2.85
CA VAL E 101 34.11 -5.51 -3.84
C VAL E 101 35.11 -5.89 -4.91
N SER E 102 35.30 -7.20 -5.05
CA SER E 102 36.21 -7.80 -6.01
C SER E 102 35.41 -8.20 -7.24
N ASN E 103 35.57 -7.42 -8.31
CA ASN E 103 34.72 -7.52 -9.48
C ASN E 103 35.50 -7.90 -10.75
N SER E 104 36.74 -7.45 -10.85
CA SER E 104 37.55 -7.68 -12.05
C SER E 104 37.58 -9.14 -12.49
N GLY E 105 37.40 -9.36 -13.78
CA GLY E 105 37.41 -10.70 -14.34
C GLY E 105 37.50 -10.67 -15.86
N VAL E 106 38.00 -11.76 -16.43
CA VAL E 106 37.97 -11.96 -17.88
C VAL E 106 37.24 -13.26 -18.20
N VAL E 107 36.60 -13.29 -19.35
CA VAL E 107 35.90 -14.50 -19.81
C VAL E 107 36.81 -15.26 -20.78
N SER E 108 36.55 -16.56 -20.92
CA SER E 108 37.31 -17.41 -21.82
C SER E 108 36.43 -18.56 -22.30
N PHE E 109 36.59 -18.91 -23.57
CA PHE E 109 35.95 -20.08 -24.14
C PHE E 109 36.93 -20.89 -24.96
N GLY E 110 36.78 -22.20 -24.90
CA GLY E 110 37.62 -23.10 -25.67
C GLY E 110 37.42 -24.52 -25.20
N HIS E 111 37.40 -25.45 -26.15
CA HIS E 111 37.33 -26.87 -25.84
C HIS E 111 38.56 -27.23 -25.00
N LEU E 112 38.34 -28.02 -23.95
CA LEU E 112 39.44 -28.55 -23.13
C LEU E 112 40.69 -28.91 -23.94
N LYS E 113 40.52 -29.64 -25.04
CA LYS E 113 41.64 -30.11 -25.87
C LYS E 113 42.60 -29.00 -26.34
N ASP E 114 42.08 -27.78 -26.48
CA ASP E 114 42.81 -26.66 -27.07
C ASP E 114 43.33 -25.64 -26.07
N VAL E 115 43.01 -25.83 -24.79
CA VAL E 115 43.37 -24.84 -23.78
C VAL E 115 44.86 -24.92 -23.52
N THR E 116 45.53 -23.77 -23.64
CA THR E 116 46.97 -23.64 -23.43
C THR E 116 47.34 -23.28 -21.99
N GLU E 117 48.60 -23.53 -21.62
CA GLU E 117 49.15 -23.03 -20.36
C GLU E 117 48.93 -21.53 -20.17
N GLU E 118 49.13 -20.79 -21.26
CA GLU E 118 49.04 -19.33 -21.24
C GLU E 118 47.62 -18.83 -20.95
N GLU E 119 46.64 -19.48 -21.59
CA GLU E 119 45.24 -19.12 -21.41
C GLU E 119 44.74 -19.48 -20.01
N PHE E 120 45.12 -20.65 -19.50
CA PHE E 120 44.81 -21.04 -18.12
C PHE E 120 45.28 -19.95 -17.15
N ASP E 121 46.56 -19.57 -17.28
CA ASP E 121 47.17 -18.58 -16.39
C ASP E 121 46.55 -17.20 -16.54
N ARG E 122 46.27 -16.80 -17.79
CA ARG E 122 45.58 -15.53 -18.06
C ARG E 122 44.30 -15.43 -17.24
N VAL E 123 43.51 -16.51 -17.26
CA VAL E 123 42.23 -16.53 -16.58
C VAL E 123 42.38 -16.63 -15.07
N PHE E 124 43.16 -17.58 -14.60
CA PHE E 124 43.25 -17.82 -13.16
C PHE E 124 43.96 -16.71 -12.37
N SER E 125 44.99 -16.11 -12.97
CA SER E 125 45.72 -15.01 -12.34
C SER E 125 44.83 -13.83 -11.97
N LEU E 126 43.82 -13.54 -12.80
CA LEU E 126 42.86 -12.48 -12.45
C LEU E 126 41.63 -12.99 -11.66
N ASN E 127 40.91 -13.97 -12.22
CA ASN E 127 39.60 -14.38 -11.70
C ASN E 127 39.64 -15.09 -10.35
N THR E 128 40.76 -15.73 -10.06
CA THR E 128 40.84 -16.64 -8.94
C THR E 128 41.92 -16.18 -7.96
N ARG E 129 43.17 -16.21 -8.45
CA ARG E 129 44.32 -15.76 -7.67
C ARG E 129 44.19 -14.27 -7.31
N GLY E 130 43.90 -13.44 -8.31
CA GLY E 130 43.61 -12.01 -8.08
C GLY E 130 42.59 -11.78 -6.97
N GLN E 131 41.41 -12.38 -7.12
CA GLN E 131 40.31 -12.21 -6.15
C GLN E 131 40.68 -12.72 -4.75
N PHE E 132 41.37 -13.85 -4.68
CA PHE E 132 41.88 -14.38 -3.43
C PHE E 132 42.70 -13.32 -2.68
N PHE E 133 43.65 -12.71 -3.39
CA PHE E 133 44.53 -11.71 -2.77
C PHE E 133 43.86 -10.34 -2.58
N VAL E 134 42.85 -10.04 -3.39
CA VAL E 134 42.00 -8.88 -3.10
C VAL E 134 41.32 -9.11 -1.74
N ALA E 135 40.81 -10.33 -1.52
CA ALA E 135 40.22 -10.71 -0.23
C ALA E 135 41.22 -10.60 0.92
N ARG E 136 42.44 -11.09 0.69
CA ARG E 136 43.48 -11.05 1.71
C ARG E 136 43.77 -9.61 2.12
N GLU E 137 43.96 -8.74 1.14
CA GLU E 137 44.27 -7.35 1.42
C GLU E 137 43.07 -6.63 2.01
N ALA E 138 41.86 -6.99 1.54
CA ALA E 138 40.64 -6.46 2.15
C ALA E 138 40.61 -6.77 3.64
N TYR E 139 40.81 -8.04 4.01
CA TYR E 139 40.85 -8.41 5.44
C TYR E 139 41.90 -7.63 6.23
N ARG E 140 43.08 -7.45 5.63
CA ARG E 140 44.21 -6.79 6.30
C ARG E 140 43.98 -5.30 6.54
N HIS E 141 43.23 -4.66 5.64
CA HIS E 141 43.03 -3.20 5.67
C HIS E 141 41.70 -2.75 6.28
N LEU E 142 40.70 -3.63 6.25
CA LEU E 142 39.32 -3.26 6.59
C LEU E 142 39.07 -2.97 8.06
N THR E 143 38.14 -2.06 8.31
CA THR E 143 37.60 -1.80 9.65
C THR E 143 36.79 -3.00 10.17
N GLU E 144 36.74 -3.12 11.51
CA GLU E 144 35.92 -4.13 12.17
C GLU E 144 34.47 -4.00 11.71
N GLY E 145 33.83 -5.13 11.39
CA GLY E 145 32.45 -5.11 10.94
C GLY E 145 32.33 -4.80 9.46
N GLY E 146 33.43 -4.96 8.73
CA GLY E 146 33.45 -4.64 7.31
C GLY E 146 32.74 -5.65 6.42
N ARG E 147 32.92 -5.48 5.11
CA ARG E 147 32.24 -6.30 4.11
C ARG E 147 33.18 -6.63 2.96
N ILE E 148 33.18 -7.87 2.52
CA ILE E 148 33.91 -8.30 1.32
C ILE E 148 32.95 -9.05 0.39
N VAL E 149 32.91 -8.67 -0.87
CA VAL E 149 32.14 -9.41 -1.87
C VAL E 149 33.06 -9.77 -3.02
N LEU E 150 33.10 -11.05 -3.38
CA LEU E 150 33.78 -11.48 -4.61
C LEU E 150 32.77 -11.77 -5.70
N THR E 151 33.25 -11.95 -6.93
CA THR E 151 32.39 -12.19 -8.06
C THR E 151 32.63 -13.54 -8.69
N SER E 152 31.57 -14.35 -8.69
CA SER E 152 31.56 -15.67 -9.28
C SER E 152 30.79 -15.59 -10.60
N SER E 153 29.99 -16.61 -10.90
CA SER E 153 29.22 -16.70 -12.14
C SER E 153 28.19 -17.80 -11.99
N ASN E 154 27.06 -17.69 -12.70
CA ASN E 154 26.09 -18.77 -12.79
C ASN E 154 26.69 -20.03 -13.42
N THR E 155 27.79 -19.86 -14.15
CA THR E 155 28.45 -20.97 -14.83
C THR E 155 29.36 -21.77 -13.87
N SER E 156 29.63 -21.22 -12.69
CA SER E 156 30.36 -21.97 -11.65
C SER E 156 29.67 -23.30 -11.32
N LYS E 157 28.38 -23.23 -10.99
CA LYS E 157 27.59 -24.39 -10.55
C LYS E 157 26.23 -24.55 -11.23
N ASP E 158 25.59 -23.42 -11.51
CA ASP E 158 24.17 -23.44 -11.91
C ASP E 158 23.91 -23.64 -13.39
N PHE E 159 24.90 -23.37 -14.22
CA PHE E 159 24.71 -23.37 -15.66
C PHE E 159 25.91 -24.05 -16.31
N SER E 160 25.63 -25.00 -17.20
CA SER E 160 26.68 -25.74 -17.89
C SER E 160 26.74 -25.35 -19.36
N VAL E 161 27.88 -24.78 -19.76
CA VAL E 161 28.12 -24.37 -21.14
C VAL E 161 29.31 -25.13 -21.71
N PRO E 162 29.14 -25.79 -22.88
CA PRO E 162 30.27 -26.46 -23.50
C PRO E 162 31.42 -25.50 -23.79
N LYS E 163 32.65 -26.00 -23.74
CA LYS E 163 33.86 -25.22 -24.00
C LYS E 163 34.05 -24.06 -23.01
N HIS E 164 33.56 -24.24 -21.79
CA HIS E 164 33.57 -23.15 -20.82
C HIS E 164 34.18 -23.59 -19.49
N SER E 165 35.01 -24.64 -19.54
CA SER E 165 35.54 -25.28 -18.32
C SER E 165 36.49 -24.41 -17.53
N LEU E 166 37.44 -23.77 -18.22
CA LEU E 166 38.45 -22.94 -17.59
C LEU E 166 37.81 -21.84 -16.75
N TYR E 167 36.93 -21.05 -17.38
CA TYR E 167 36.25 -19.95 -16.70
C TYR E 167 35.34 -20.47 -15.58
N SER E 168 34.61 -21.56 -15.84
CA SER E 168 33.69 -22.11 -14.84
C SER E 168 34.45 -22.53 -13.59
N GLY E 169 35.59 -23.18 -13.80
CA GLY E 169 36.52 -23.53 -12.72
C GLY E 169 37.09 -22.33 -12.00
N SER E 170 37.47 -21.30 -12.75
CA SER E 170 38.00 -20.08 -12.11
C SER E 170 37.03 -19.53 -11.08
N LYS E 171 35.73 -19.62 -11.38
CA LYS E 171 34.69 -19.09 -10.48
C LYS E 171 34.27 -20.11 -9.41
N GLY E 172 34.33 -21.40 -9.75
CA GLY E 172 34.09 -22.47 -8.77
C GLY E 172 35.03 -22.38 -7.56
N ALA E 173 36.30 -22.04 -7.81
CA ALA E 173 37.24 -21.82 -6.72
C ALA E 173 36.78 -20.68 -5.81
N VAL E 174 36.27 -19.60 -6.41
CA VAL E 174 35.76 -18.44 -5.68
C VAL E 174 34.58 -18.80 -4.74
N ASP E 175 33.66 -19.64 -5.20
CA ASP E 175 32.54 -20.09 -4.38
C ASP E 175 33.03 -20.75 -3.09
N SER E 176 34.00 -21.66 -3.22
CA SER E 176 34.61 -22.31 -2.08
C SER E 176 35.37 -21.29 -1.19
N PHE E 177 36.15 -20.39 -1.82
CA PHE E 177 36.89 -19.35 -1.09
C PHE E 177 35.97 -18.63 -0.09
N VAL E 178 34.84 -18.08 -0.57
CA VAL E 178 34.03 -17.18 0.26
C VAL E 178 33.41 -17.87 1.48
N ARG E 179 33.08 -19.15 1.33
CA ARG E 179 32.50 -19.91 2.44
C ARG E 179 33.54 -20.02 3.55
N ILE E 180 34.80 -20.24 3.19
CA ILE E 180 35.86 -20.38 4.20
C ILE E 180 36.37 -19.01 4.64
N PHE E 181 36.45 -18.05 3.70
CA PHE E 181 36.83 -16.68 4.03
C PHE E 181 35.95 -16.16 5.16
N SER E 182 34.65 -16.47 5.08
CA SER E 182 33.70 -16.01 6.11
C SER E 182 34.10 -16.48 7.50
N LYS E 183 34.69 -17.67 7.57
CA LYS E 183 35.16 -18.22 8.84
C LYS E 183 36.32 -17.40 9.38
N ASP E 184 37.33 -17.19 8.54
CA ASP E 184 38.56 -16.51 8.96
C ASP E 184 38.29 -15.04 9.25
N CYS E 185 37.48 -14.41 8.39
CA CYS E 185 37.21 -12.98 8.48
C CYS E 185 36.25 -12.66 9.63
N GLY E 186 35.62 -13.70 10.18
CA GLY E 186 34.77 -13.57 11.35
C GLY E 186 35.47 -12.94 12.55
N ASP E 187 36.79 -13.07 12.64
CA ASP E 187 37.50 -12.52 13.81
C ASP E 187 37.62 -10.99 13.82
N LYS E 188 37.28 -10.37 12.68
CA LYS E 188 37.14 -8.92 12.59
C LYS E 188 35.68 -8.52 12.27
N LYS E 189 34.77 -9.50 12.38
CA LYS E 189 33.33 -9.32 12.10
C LYS E 189 33.06 -8.83 10.67
N ILE E 190 33.93 -9.23 9.75
CA ILE E 190 33.79 -8.92 8.34
C ILE E 190 33.03 -10.08 7.70
N THR E 191 31.96 -9.78 6.98
CA THR E 191 31.23 -10.84 6.27
C THR E 191 31.84 -10.96 4.88
N VAL E 192 31.74 -12.15 4.32
CA VAL E 192 32.32 -12.45 3.03
C VAL E 192 31.32 -13.26 2.21
N ASN E 193 30.96 -12.71 1.06
CA ASN E 193 30.00 -13.33 0.16
C ASN E 193 30.49 -13.21 -1.27
N ALA E 194 29.82 -13.93 -2.17
CA ALA E 194 30.03 -13.75 -3.60
C ALA E 194 28.69 -13.52 -4.30
N VAL E 195 28.72 -12.73 -5.36
CA VAL E 195 27.58 -12.67 -6.27
C VAL E 195 27.94 -13.44 -7.54
N ALA E 196 26.99 -14.22 -8.04
CA ALA E 196 27.19 -15.03 -9.23
C ALA E 196 26.20 -14.60 -10.32
N PRO E 197 26.55 -13.57 -11.11
CA PRO E 197 25.57 -13.12 -12.12
C PRO E 197 25.36 -14.15 -13.23
N GLY E 198 24.17 -14.14 -13.83
CA GLY E 198 23.93 -14.83 -15.08
C GLY E 198 24.32 -13.87 -16.18
N GLY E 199 23.85 -14.11 -17.40
CA GLY E 199 24.10 -13.21 -18.51
C GLY E 199 23.69 -11.81 -18.11
N THR E 200 24.67 -10.90 -18.08
CA THR E 200 24.48 -9.52 -17.69
C THR E 200 25.02 -8.63 -18.80
N VAL E 201 24.18 -7.70 -19.31
CA VAL E 201 24.54 -6.95 -20.51
C VAL E 201 25.71 -5.99 -20.30
N THR E 202 26.86 -6.38 -20.84
CA THR E 202 28.12 -5.63 -20.79
C THR E 202 28.94 -6.01 -22.03
N ASP E 203 30.14 -5.42 -22.16
CA ASP E 203 31.10 -5.82 -23.20
C ASP E 203 31.40 -7.32 -23.18
N MET E 204 31.54 -7.87 -21.97
CA MET E 204 31.82 -9.29 -21.79
C MET E 204 30.68 -10.13 -22.36
N PHE E 205 29.45 -9.77 -22.01
CA PHE E 205 28.28 -10.47 -22.52
C PHE E 205 28.22 -10.47 -24.07
N HIS E 206 28.42 -9.31 -24.68
CA HIS E 206 28.34 -9.19 -26.15
C HIS E 206 29.42 -10.00 -26.87
N GLU E 207 30.61 -10.05 -26.29
CA GLU E 207 31.70 -10.84 -26.88
C GLU E 207 31.34 -12.33 -26.98
N VAL E 208 30.68 -12.87 -25.96
CA VAL E 208 30.51 -14.31 -25.87
C VAL E 208 29.06 -14.82 -25.93
N SER E 209 28.11 -13.94 -26.22
CA SER E 209 26.69 -14.31 -26.20
C SER E 209 26.32 -15.45 -27.15
N HIS E 210 27.14 -15.67 -28.17
CA HIS E 210 26.88 -16.75 -29.12
C HIS E 210 27.08 -18.16 -28.53
N HIS E 211 27.82 -18.25 -27.43
CA HIS E 211 28.07 -19.54 -26.77
C HIS E 211 26.90 -20.06 -25.92
N TYR E 212 25.99 -19.16 -25.53
CA TYR E 212 24.87 -19.54 -24.66
C TYR E 212 23.67 -20.11 -25.43
N ILE E 213 23.82 -20.19 -26.76
CA ILE E 213 22.78 -20.69 -27.66
C ILE E 213 23.42 -21.70 -28.62
N PRO E 214 22.69 -22.79 -28.96
CA PRO E 214 23.12 -23.59 -30.11
C PRO E 214 22.94 -22.80 -31.41
N ASN E 215 23.94 -22.88 -32.29
CA ASN E 215 24.00 -22.07 -33.52
C ASN E 215 23.90 -20.56 -33.23
N GLY E 216 24.67 -20.11 -32.23
CA GLY E 216 24.66 -18.71 -31.80
C GLY E 216 25.19 -17.74 -32.84
N THR E 217 26.13 -18.21 -33.65
CA THR E 217 26.74 -17.39 -34.71
C THR E 217 25.75 -17.03 -35.85
N SER E 218 24.62 -17.73 -35.91
CA SER E 218 23.62 -17.52 -36.96
C SER E 218 22.77 -16.28 -36.73
N TYR E 219 22.70 -15.85 -35.47
CA TYR E 219 21.88 -14.71 -35.07
C TYR E 219 22.70 -13.43 -34.99
N THR E 220 22.03 -12.29 -35.05
CA THR E 220 22.68 -11.01 -34.80
C THR E 220 22.96 -10.87 -33.30
N ALA E 221 23.85 -9.96 -32.95
CA ALA E 221 24.16 -9.64 -31.55
C ALA E 221 22.87 -9.26 -30.82
N GLU E 222 21.97 -8.59 -31.53
CA GLU E 222 20.70 -8.15 -30.98
C GLU E 222 19.77 -9.33 -30.65
N GLN E 223 19.63 -10.25 -31.59
CA GLN E 223 18.79 -11.44 -31.38
C GLN E 223 19.30 -12.32 -30.25
N ARG E 224 20.62 -12.41 -30.12
CA ARG E 224 21.24 -13.19 -29.04
C ARG E 224 20.94 -12.58 -27.67
N GLN E 225 20.89 -11.26 -27.60
CA GLN E 225 20.51 -10.56 -26.38
C GLN E 225 19.02 -10.81 -26.08
N GLN E 226 18.19 -10.71 -27.12
CA GLN E 226 16.75 -11.00 -27.00
C GLN E 226 16.48 -12.40 -26.45
N MET E 227 17.22 -13.39 -26.94
CA MET E 227 17.09 -14.78 -26.49
C MET E 227 17.58 -14.97 -25.05
N ALA E 228 18.68 -14.32 -24.70
CA ALA E 228 19.19 -14.34 -23.33
C ALA E 228 18.16 -13.78 -22.35
N ALA E 229 17.38 -12.79 -22.79
CA ALA E 229 16.31 -12.21 -21.97
C ALA E 229 15.26 -13.27 -21.59
N HIS E 230 15.02 -14.21 -22.49
CA HIS E 230 13.99 -15.24 -22.26
C HIS E 230 14.43 -16.39 -21.34
N ALA E 231 15.71 -16.46 -21.02
CA ALA E 231 16.22 -17.43 -20.03
C ALA E 231 15.58 -17.23 -18.64
N SER E 232 15.45 -15.96 -18.22
CA SER E 232 14.73 -15.62 -17.00
C SER E 232 13.22 -15.73 -17.22
N PRO E 233 12.49 -16.34 -16.27
CA PRO E 233 11.02 -16.35 -16.36
C PRO E 233 10.40 -14.95 -16.22
N LEU E 234 11.22 -13.94 -15.92
CA LEU E 234 10.76 -12.55 -15.93
C LEU E 234 10.92 -11.92 -17.33
N HIS E 235 11.53 -12.65 -18.26
CA HIS E 235 11.64 -12.25 -19.67
C HIS E 235 12.31 -10.88 -19.86
N ARG E 236 13.43 -10.68 -19.17
CA ARG E 236 14.31 -9.55 -19.45
C ARG E 236 15.75 -9.97 -19.23
N ASN E 237 16.69 -9.22 -19.80
CA ASN E 237 18.11 -9.45 -19.54
C ASN E 237 18.45 -9.05 -18.11
N GLY E 238 19.56 -9.58 -17.60
CA GLY E 238 20.17 -9.05 -16.40
C GLY E 238 20.99 -7.84 -16.79
N TRP E 239 21.05 -6.85 -15.92
CA TRP E 239 21.80 -5.62 -16.13
C TRP E 239 22.77 -5.36 -14.98
N PRO E 240 23.86 -4.60 -15.25
CA PRO E 240 24.79 -4.20 -14.19
C PRO E 240 24.09 -3.72 -12.90
N GLN E 241 22.99 -2.98 -13.04
CA GLN E 241 22.24 -2.46 -11.87
C GLN E 241 21.61 -3.56 -11.03
N ASP E 242 21.25 -4.67 -11.68
CA ASP E 242 20.77 -5.85 -10.96
C ASP E 242 21.82 -6.35 -9.97
N VAL E 243 23.07 -6.48 -10.42
CA VAL E 243 24.16 -6.92 -9.53
C VAL E 243 24.43 -5.84 -8.46
N ALA E 244 24.46 -4.58 -8.89
CA ALA E 244 24.66 -3.46 -7.97
C ALA E 244 23.65 -3.47 -6.82
N ASN E 245 22.37 -3.69 -7.16
CA ASN E 245 21.28 -3.70 -6.17
C ASN E 245 21.52 -4.73 -5.08
N VAL E 246 21.99 -5.92 -5.48
CA VAL E 246 22.24 -6.99 -4.52
C VAL E 246 23.51 -6.74 -3.68
N VAL E 247 24.59 -6.33 -4.34
CA VAL E 247 25.84 -5.98 -3.65
C VAL E 247 25.55 -4.88 -2.63
N GLY E 248 24.74 -3.90 -3.02
CA GLY E 248 24.31 -2.82 -2.12
C GLY E 248 23.66 -3.33 -0.85
N PHE E 249 22.85 -4.39 -0.96
CA PHE E 249 22.24 -4.98 0.23
C PHE E 249 23.25 -5.78 1.07
N LEU E 250 24.09 -6.58 0.40
CA LEU E 250 25.07 -7.39 1.11
C LEU E 250 26.04 -6.56 1.97
N VAL E 251 26.38 -5.37 1.49
CA VAL E 251 27.38 -4.54 2.17
C VAL E 251 26.75 -3.57 3.16
N SER E 252 25.43 -3.63 3.32
CA SER E 252 24.72 -2.80 4.28
C SER E 252 24.70 -3.51 5.65
N LYS E 253 24.27 -2.78 6.68
CA LYS E 253 24.08 -3.36 8.00
C LYS E 253 23.07 -4.51 7.96
N GLU E 254 22.00 -4.32 7.19
CA GLU E 254 20.89 -5.27 7.12
C GLU E 254 21.26 -6.57 6.41
N GLY E 255 22.41 -6.59 5.73
CA GLY E 255 22.87 -7.77 4.99
C GLY E 255 23.71 -8.73 5.80
N GLU E 256 24.01 -8.36 7.05
CA GLU E 256 24.99 -9.09 7.87
C GLU E 256 24.78 -10.60 8.02
N TRP E 257 23.53 -11.05 8.10
CA TRP E 257 23.27 -12.46 8.38
C TRP E 257 23.40 -13.36 7.16
N VAL E 258 23.56 -12.72 6.00
CA VAL E 258 24.03 -13.40 4.80
C VAL E 258 25.55 -13.33 4.83
N ASN E 259 26.19 -14.47 5.00
CA ASN E 259 27.63 -14.52 5.24
C ASN E 259 28.16 -15.88 4.77
N GLY E 260 29.28 -15.87 4.05
CA GLY E 260 29.86 -17.10 3.48
C GLY E 260 29.04 -17.74 2.37
N LYS E 261 28.17 -16.97 1.73
CA LYS E 261 27.21 -17.49 0.74
C LYS E 261 27.49 -16.95 -0.66
N VAL E 262 27.03 -17.70 -1.67
CA VAL E 262 27.12 -17.30 -3.06
C VAL E 262 25.69 -17.13 -3.59
N LEU E 263 25.37 -15.92 -4.00
CA LEU E 263 24.04 -15.60 -4.50
C LEU E 263 24.02 -15.54 -6.03
N THR E 264 23.34 -16.50 -6.64
CA THR E 264 23.20 -16.52 -8.08
C THR E 264 22.16 -15.48 -8.51
N LEU E 265 22.55 -14.58 -9.39
CA LEU E 265 21.70 -13.45 -9.80
C LEU E 265 21.40 -13.58 -11.28
N ASP E 266 20.38 -14.37 -11.58
CA ASP E 266 20.04 -14.65 -12.96
C ASP E 266 18.54 -14.45 -13.21
N GLY E 267 17.89 -13.74 -12.29
CA GLY E 267 16.44 -13.47 -12.42
C GLY E 267 15.56 -14.71 -12.46
N GLY E 268 16.06 -15.81 -11.91
CA GLY E 268 15.32 -17.06 -11.81
C GLY E 268 15.53 -18.04 -12.95
N ALA E 269 16.57 -17.84 -13.76
CA ALA E 269 16.82 -18.74 -14.90
C ALA E 269 17.13 -20.19 -14.49
N ALA E 270 17.96 -20.36 -13.46
CA ALA E 270 18.43 -21.71 -13.10
C ALA E 270 17.26 -22.56 -12.63
N THR F 10 28.30 -66.88 -14.64
CA THR F 10 28.06 -66.02 -13.44
C THR F 10 28.63 -64.62 -13.68
N TYR F 11 27.78 -63.62 -13.51
CA TYR F 11 28.12 -62.24 -13.81
C TYR F 11 29.04 -61.62 -12.76
N ILE F 12 30.24 -61.21 -13.18
CA ILE F 12 31.17 -60.45 -12.33
C ILE F 12 31.26 -59.03 -12.86
N PRO F 13 30.76 -58.05 -12.07
CA PRO F 13 30.66 -56.70 -12.59
C PRO F 13 31.96 -55.92 -12.47
N GLY F 14 32.10 -54.91 -13.31
CA GLY F 14 33.18 -53.93 -13.19
C GLY F 14 34.60 -54.40 -13.45
N ARG F 15 34.76 -55.48 -14.20
CA ARG F 15 36.10 -55.92 -14.61
C ARG F 15 36.69 -54.95 -15.63
N LEU F 16 38.02 -54.84 -15.63
CA LEU F 16 38.73 -53.92 -16.50
C LEU F 16 39.79 -54.64 -17.35
N ASP F 17 39.51 -55.90 -17.67
CA ASP F 17 40.41 -56.71 -18.49
C ASP F 17 40.57 -56.09 -19.87
N GLY F 18 41.82 -56.04 -20.34
CA GLY F 18 42.13 -55.47 -21.64
C GLY F 18 42.26 -53.95 -21.62
N LYS F 19 42.01 -53.35 -20.45
CA LYS F 19 42.13 -51.89 -20.30
C LYS F 19 43.50 -51.48 -19.75
N VAL F 20 43.86 -50.23 -20.02
CA VAL F 20 45.09 -49.63 -19.54
C VAL F 20 44.73 -48.35 -18.79
N ALA F 21 45.21 -48.24 -17.56
CA ALA F 21 44.89 -47.10 -16.70
C ALA F 21 46.16 -46.36 -16.29
N LEU F 22 46.01 -45.06 -16.07
CA LEU F 22 47.10 -44.24 -15.52
C LEU F 22 46.59 -43.52 -14.28
N VAL F 23 47.40 -43.56 -13.22
CA VAL F 23 47.06 -42.90 -11.96
C VAL F 23 48.21 -42.00 -11.51
N THR F 24 47.95 -40.70 -11.43
CA THR F 24 48.97 -39.76 -10.96
C THR F 24 49.17 -39.88 -9.45
N GLY F 25 50.43 -39.76 -9.03
CA GLY F 25 50.80 -39.87 -7.61
C GLY F 25 50.34 -41.19 -7.01
N SER F 26 50.63 -42.28 -7.70
CA SER F 26 50.17 -43.60 -7.26
C SER F 26 51.25 -44.43 -6.55
N GLY F 27 52.33 -43.77 -6.17
CA GLY F 27 53.38 -44.41 -5.37
C GLY F 27 52.96 -44.67 -3.93
N ARG F 28 52.07 -43.82 -3.42
CA ARG F 28 51.62 -43.92 -2.02
C ARG F 28 50.23 -43.31 -1.86
N GLY F 29 49.66 -43.43 -0.65
CA GLY F 29 48.36 -42.85 -0.33
C GLY F 29 47.21 -43.45 -1.12
N ILE F 30 46.24 -42.60 -1.45
CA ILE F 30 45.03 -43.00 -2.14
C ILE F 30 45.37 -43.52 -3.54
N GLY F 31 46.25 -42.79 -4.22
CA GLY F 31 46.79 -43.19 -5.53
C GLY F 31 47.25 -44.63 -5.64
N ALA F 32 48.02 -45.09 -4.66
CA ALA F 32 48.52 -46.47 -4.64
C ALA F 32 47.40 -47.50 -4.51
N ALA F 33 46.43 -47.22 -3.63
CA ALA F 33 45.27 -48.08 -3.49
C ALA F 33 44.45 -48.12 -4.79
N VAL F 34 44.32 -46.96 -5.45
CA VAL F 34 43.59 -46.87 -6.72
C VAL F 34 44.32 -47.72 -7.78
N ALA F 35 45.62 -47.50 -7.93
CA ALA F 35 46.45 -48.22 -8.90
C ALA F 35 46.36 -49.73 -8.75
N VAL F 36 46.54 -50.20 -7.52
CA VAL F 36 46.51 -51.63 -7.22
C VAL F 36 45.13 -52.22 -7.53
N HIS F 37 44.10 -51.47 -7.16
CA HIS F 37 42.72 -51.92 -7.33
C HIS F 37 42.37 -52.08 -8.80
N LEU F 38 42.75 -51.09 -9.61
CA LEU F 38 42.48 -51.13 -11.04
C LEU F 38 43.21 -52.32 -11.68
N GLY F 39 44.43 -52.59 -11.20
CA GLY F 39 45.15 -53.82 -11.58
C GLY F 39 44.39 -55.07 -11.19
N ARG F 40 43.89 -55.10 -9.96
CA ARG F 40 43.10 -56.25 -9.46
C ARG F 40 41.89 -56.50 -10.37
N LEU F 41 41.28 -55.42 -10.82
CA LEU F 41 40.13 -55.46 -11.72
C LEU F 41 40.50 -55.89 -13.13
N GLY F 42 41.79 -55.97 -13.42
CA GLY F 42 42.27 -56.53 -14.67
C GLY F 42 42.97 -55.56 -15.59
N ALA F 43 43.01 -54.29 -15.20
CA ALA F 43 43.70 -53.27 -15.99
C ALA F 43 45.22 -53.38 -15.85
N LYS F 44 45.92 -53.05 -16.94
CA LYS F 44 47.36 -52.79 -16.89
C LYS F 44 47.48 -51.32 -16.45
N VAL F 45 48.50 -51.00 -15.65
CA VAL F 45 48.53 -49.70 -14.96
C VAL F 45 49.83 -48.92 -15.14
N VAL F 46 49.69 -47.64 -15.48
CA VAL F 46 50.79 -46.69 -15.41
C VAL F 46 50.79 -46.03 -14.02
N VAL F 47 51.85 -46.27 -13.26
CA VAL F 47 52.00 -45.78 -11.90
C VAL F 47 52.89 -44.55 -11.96
N ASN F 48 52.28 -43.38 -11.84
CA ASN F 48 53.01 -42.13 -11.85
C ASN F 48 53.45 -41.71 -10.45
N TYR F 49 54.67 -41.19 -10.38
CA TYR F 49 55.19 -40.62 -9.16
C TYR F 49 56.03 -39.39 -9.51
N ALA F 50 56.26 -38.53 -8.52
CA ALA F 50 57.15 -37.39 -8.67
C ALA F 50 58.43 -37.59 -7.87
N ASN F 51 58.32 -38.18 -6.68
CA ASN F 51 59.44 -38.33 -5.76
C ASN F 51 59.66 -39.75 -5.24
N SER F 52 58.57 -40.48 -5.00
CA SER F 52 58.63 -41.76 -4.28
C SER F 52 58.96 -42.97 -5.16
N THR F 53 60.23 -43.06 -5.58
CA THR F 53 60.66 -44.08 -6.55
C THR F 53 60.45 -45.51 -6.07
N LYS F 54 60.91 -45.80 -4.86
CA LYS F 54 60.81 -47.15 -4.28
C LYS F 54 59.36 -47.59 -4.04
N ASP F 55 58.56 -46.69 -3.50
CA ASP F 55 57.13 -46.94 -3.28
C ASP F 55 56.40 -47.27 -4.58
N ALA F 56 56.64 -46.44 -5.60
CA ALA F 56 56.09 -46.66 -6.93
C ALA F 56 56.43 -48.06 -7.47
N GLU F 57 57.68 -48.49 -7.27
CA GLU F 57 58.09 -49.83 -7.68
C GLU F 57 57.41 -50.94 -6.89
N LYS F 58 57.18 -50.70 -5.60
CA LYS F 58 56.43 -51.66 -4.76
C LYS F 58 54.98 -51.80 -5.26
N VAL F 59 54.38 -50.67 -5.64
CA VAL F 59 53.04 -50.67 -6.24
C VAL F 59 53.03 -51.43 -7.58
N VAL F 60 54.06 -51.19 -8.41
CA VAL F 60 54.22 -51.92 -9.66
C VAL F 60 54.32 -53.43 -9.41
N SER F 61 55.20 -53.82 -8.49
CA SER F 61 55.37 -55.22 -8.10
C SER F 61 54.09 -55.86 -7.59
N GLU F 62 53.35 -55.13 -6.77
CA GLU F 62 52.05 -55.57 -6.26
C GLU F 62 51.04 -55.84 -7.39
N ILE F 63 50.99 -54.96 -8.38
CA ILE F 63 50.10 -55.12 -9.53
C ILE F 63 50.51 -56.32 -10.38
N LYS F 64 51.81 -56.52 -10.51
CA LYS F 64 52.32 -57.66 -11.25
C LYS F 64 52.00 -58.95 -10.51
N ALA F 65 52.15 -58.92 -9.19
CA ALA F 65 51.94 -60.11 -8.34
C ALA F 65 50.51 -60.64 -8.36
N LEU F 66 49.55 -59.77 -8.62
CA LEU F 66 48.16 -60.25 -8.74
C LEU F 66 47.76 -60.61 -10.18
N GLY F 67 48.76 -60.70 -11.06
CA GLY F 67 48.55 -61.22 -12.40
C GLY F 67 48.40 -60.19 -13.51
N SER F 68 48.60 -58.92 -13.20
CA SER F 68 48.53 -57.91 -14.24
C SER F 68 49.92 -57.37 -14.64
N ASP F 69 49.94 -56.23 -15.31
CA ASP F 69 51.19 -55.59 -15.70
C ASP F 69 51.14 -54.09 -15.42
N ALA F 70 52.30 -53.53 -15.06
CA ALA F 70 52.41 -52.14 -14.68
C ALA F 70 53.77 -51.57 -15.02
N ILE F 71 53.85 -50.25 -15.13
CA ILE F 71 55.13 -49.55 -15.28
C ILE F 71 55.08 -48.26 -14.45
N ALA F 72 56.22 -47.89 -13.88
CA ALA F 72 56.33 -46.64 -13.13
C ALA F 72 56.95 -45.58 -14.02
N ILE F 73 56.32 -44.42 -14.11
CA ILE F 73 56.86 -43.29 -14.86
C ILE F 73 56.95 -42.06 -13.98
N LYS F 74 58.17 -41.54 -13.82
CA LYS F 74 58.42 -40.33 -13.04
C LYS F 74 57.98 -39.12 -13.85
N ALA F 75 57.12 -38.29 -13.25
CA ALA F 75 56.65 -37.05 -13.87
C ALA F 75 56.09 -36.11 -12.84
N ASP F 76 56.59 -34.87 -12.86
CA ASP F 76 56.11 -33.79 -12.02
C ASP F 76 54.87 -33.17 -12.65
N ILE F 77 53.71 -33.46 -12.05
CA ILE F 77 52.42 -33.04 -12.61
C ILE F 77 52.23 -31.51 -12.63
N ARG F 78 53.08 -30.78 -11.91
CA ARG F 78 53.09 -29.31 -12.01
C ARG F 78 53.60 -28.84 -13.37
N GLN F 79 54.37 -29.70 -14.02
CA GLN F 79 54.98 -29.35 -15.31
C GLN F 79 54.19 -29.95 -16.46
N VAL F 80 53.48 -29.10 -17.21
CA VAL F 80 52.67 -29.55 -18.35
C VAL F 80 53.46 -30.33 -19.41
N PRO F 81 54.68 -29.87 -19.79
CA PRO F 81 55.46 -30.69 -20.73
C PRO F 81 55.75 -32.11 -20.21
N GLU F 82 55.86 -32.27 -18.91
CA GLU F 82 56.05 -33.59 -18.33
C GLU F 82 54.76 -34.42 -18.33
N ILE F 83 53.62 -33.75 -18.15
CA ILE F 83 52.30 -34.42 -18.29
C ILE F 83 52.15 -34.97 -19.71
N VAL F 84 52.49 -34.14 -20.71
CA VAL F 84 52.48 -34.54 -22.12
C VAL F 84 53.34 -35.79 -22.32
N LYS F 85 54.59 -35.74 -21.87
CA LYS F 85 55.51 -36.87 -22.01
C LYS F 85 55.00 -38.12 -21.30
N LEU F 86 54.44 -37.95 -20.10
CA LEU F 86 53.89 -39.07 -19.34
C LEU F 86 52.84 -39.84 -20.14
N PHE F 87 51.93 -39.09 -20.75
CA PHE F 87 50.83 -39.66 -21.51
C PHE F 87 51.33 -40.26 -22.82
N ASP F 88 52.26 -39.57 -23.47
CA ASP F 88 52.94 -40.05 -24.68
C ASP F 88 53.56 -41.43 -24.42
N GLN F 89 54.33 -41.52 -23.34
CA GLN F 89 54.96 -42.76 -22.93
C GLN F 89 53.95 -43.85 -22.60
N ALA F 90 52.88 -43.49 -21.88
CA ALA F 90 51.83 -44.44 -21.52
C ALA F 90 51.30 -45.18 -22.75
N VAL F 91 50.89 -44.40 -23.76
CA VAL F 91 50.36 -44.95 -25.01
C VAL F 91 51.43 -45.69 -25.81
N ALA F 92 52.65 -45.15 -25.83
CA ALA F 92 53.74 -45.76 -26.58
C ALA F 92 54.12 -47.12 -25.98
N HIS F 93 53.97 -47.25 -24.66
CA HIS F 93 54.33 -48.50 -23.97
C HIS F 93 53.24 -49.56 -24.06
N PHE F 94 51.99 -49.20 -23.77
CA PHE F 94 50.91 -50.18 -23.72
C PHE F 94 50.02 -50.24 -24.97
N GLY F 95 50.24 -49.34 -25.92
CA GLY F 95 49.51 -49.34 -27.18
C GLY F 95 48.22 -48.55 -27.18
N HIS F 96 47.70 -48.25 -25.99
CA HIS F 96 46.48 -47.47 -25.80
C HIS F 96 46.35 -47.03 -24.34
N LEU F 97 45.51 -46.03 -24.09
CA LEU F 97 45.16 -45.61 -22.75
C LEU F 97 43.65 -45.37 -22.68
N ASP F 98 43.00 -46.05 -21.73
CA ASP F 98 41.55 -45.99 -21.60
C ASP F 98 41.09 -45.17 -20.41
N ILE F 99 41.87 -45.21 -19.33
CA ILE F 99 41.48 -44.64 -18.04
C ILE F 99 42.57 -43.74 -17.49
N ALA F 100 42.21 -42.51 -17.13
CA ALA F 100 43.14 -41.61 -16.46
C ALA F 100 42.54 -41.13 -15.16
N VAL F 101 43.23 -41.43 -14.05
CA VAL F 101 42.84 -40.96 -12.74
C VAL F 101 43.85 -39.91 -12.26
N SER F 102 43.37 -38.68 -12.09
CA SER F 102 44.13 -37.55 -11.58
C SER F 102 43.98 -37.54 -10.05
N ASN F 103 45.06 -37.87 -9.33
CA ASN F 103 45.01 -38.05 -7.89
C ASN F 103 46.02 -37.19 -7.12
N SER F 104 47.15 -36.86 -7.75
CA SER F 104 48.19 -36.07 -7.08
C SER F 104 47.62 -34.79 -6.47
N GLY F 105 47.95 -34.55 -5.20
CA GLY F 105 47.54 -33.33 -4.53
C GLY F 105 48.32 -33.05 -3.27
N VAL F 106 48.30 -31.79 -2.85
CA VAL F 106 48.88 -31.37 -1.58
C VAL F 106 47.86 -30.62 -0.73
N VAL F 107 47.99 -30.77 0.58
CA VAL F 107 47.14 -30.08 1.53
C VAL F 107 47.81 -28.79 2.00
N SER F 108 47.00 -27.86 2.49
CA SER F 108 47.47 -26.58 3.00
C SER F 108 46.48 -26.00 4.01
N PHE F 109 47.02 -25.42 5.09
CA PHE F 109 46.23 -24.74 6.10
C PHE F 109 46.84 -23.40 6.45
N GLY F 110 45.99 -22.43 6.74
CA GLY F 110 46.42 -21.09 7.15
C GLY F 110 45.30 -20.08 7.01
N HIS F 111 45.26 -19.14 7.95
CA HIS F 111 44.31 -18.03 7.92
C HIS F 111 44.54 -17.23 6.64
N LEU F 112 43.45 -16.79 6.01
CA LEU F 112 43.53 -15.94 4.80
C LEU F 112 44.61 -14.85 4.90
N LYS F 113 44.67 -14.17 6.05
CA LYS F 113 45.58 -13.05 6.26
C LYS F 113 47.06 -13.39 6.03
N ASP F 114 47.41 -14.66 6.23
CA ASP F 114 48.80 -15.12 6.23
C ASP F 114 49.16 -15.86 4.94
N VAL F 115 48.21 -16.04 4.02
CA VAL F 115 48.50 -16.84 2.82
C VAL F 115 49.34 -16.04 1.83
N THR F 116 50.49 -16.60 1.45
CA THR F 116 51.45 -15.93 0.58
C THR F 116 51.20 -16.28 -0.88
N GLU F 117 51.75 -15.47 -1.77
CA GLU F 117 51.81 -15.81 -3.20
C GLU F 117 52.41 -17.19 -3.46
N GLU F 118 53.52 -17.50 -2.79
CA GLU F 118 54.21 -18.78 -2.99
C GLU F 118 53.34 -19.96 -2.60
N GLU F 119 52.66 -19.86 -1.46
CA GLU F 119 51.79 -20.94 -0.99
C GLU F 119 50.58 -21.11 -1.92
N PHE F 120 49.98 -20.00 -2.34
CA PHE F 120 48.88 -20.08 -3.31
C PHE F 120 49.31 -20.90 -4.51
N ASP F 121 50.48 -20.56 -5.05
CA ASP F 121 50.96 -21.17 -6.27
C ASP F 121 51.38 -22.63 -6.06
N ARG F 122 51.92 -22.94 -4.89
CA ARG F 122 52.29 -24.33 -4.55
C ARG F 122 51.08 -25.25 -4.64
N VAL F 123 49.97 -24.78 -4.09
CA VAL F 123 48.76 -25.57 -4.02
C VAL F 123 48.06 -25.64 -5.38
N PHE F 124 47.81 -24.48 -5.98
CA PHE F 124 47.05 -24.44 -7.24
C PHE F 124 47.76 -25.06 -8.44
N SER F 125 49.09 -24.91 -8.51
CA SER F 125 49.88 -25.48 -9.60
C SER F 125 49.68 -27.00 -9.72
N LEU F 126 49.48 -27.68 -8.60
CA LEU F 126 49.30 -29.13 -8.61
C LEU F 126 47.83 -29.52 -8.55
N ASN F 127 47.13 -29.03 -7.51
CA ASN F 127 45.74 -29.42 -7.24
C ASN F 127 44.75 -29.04 -8.31
N THR F 128 45.02 -27.94 -9.02
CA THR F 128 44.03 -27.33 -9.93
C THR F 128 44.56 -27.27 -11.36
N ARG F 129 45.60 -26.48 -11.58
CA ARG F 129 46.27 -26.39 -12.89
C ARG F 129 46.74 -27.77 -13.36
N GLY F 130 47.47 -28.48 -12.50
CA GLY F 130 47.97 -29.82 -12.80
C GLY F 130 46.88 -30.78 -13.23
N GLN F 131 45.84 -30.87 -12.41
CA GLN F 131 44.68 -31.73 -12.69
C GLN F 131 43.97 -31.33 -14.00
N PHE F 132 43.87 -30.03 -14.24
CA PHE F 132 43.27 -29.52 -15.47
C PHE F 132 44.03 -30.05 -16.69
N PHE F 133 45.36 -29.95 -16.66
CA PHE F 133 46.16 -30.39 -17.80
C PHE F 133 46.34 -31.91 -17.90
N VAL F 134 46.20 -32.59 -16.76
CA VAL F 134 46.06 -34.04 -16.76
C VAL F 134 44.79 -34.43 -17.53
N ALA F 135 43.69 -33.72 -17.28
CA ALA F 135 42.46 -33.93 -18.04
C ALA F 135 42.65 -33.63 -19.54
N ARG F 136 43.34 -32.53 -19.86
CA ARG F 136 43.58 -32.19 -21.26
C ARG F 136 44.34 -33.30 -21.98
N GLU F 137 45.45 -33.75 -21.38
CA GLU F 137 46.25 -34.81 -21.97
C GLU F 137 45.51 -36.15 -22.02
N ALA F 138 44.69 -36.40 -21.01
CA ALA F 138 43.85 -37.59 -21.01
C ALA F 138 42.91 -37.55 -22.20
N TYR F 139 42.18 -36.44 -22.38
CA TYR F 139 41.32 -36.30 -23.55
C TYR F 139 42.12 -36.56 -24.83
N ARG F 140 43.27 -35.91 -24.94
CA ARG F 140 44.07 -35.98 -26.17
C ARG F 140 44.60 -37.38 -26.51
N HIS F 141 44.82 -38.20 -25.48
CA HIS F 141 45.45 -39.52 -25.64
C HIS F 141 44.50 -40.71 -25.56
N LEU F 142 43.35 -40.52 -24.94
CA LEU F 142 42.45 -41.63 -24.59
C LEU F 142 41.68 -42.27 -25.75
N THR F 143 41.33 -43.53 -25.54
CA THR F 143 40.47 -44.28 -26.44
C THR F 143 39.02 -43.78 -26.34
N GLU F 144 38.28 -43.90 -27.44
CA GLU F 144 36.81 -43.71 -27.44
C GLU F 144 36.15 -44.47 -26.30
N GLY F 145 35.22 -43.85 -25.60
CA GLY F 145 34.53 -44.52 -24.50
C GLY F 145 35.38 -44.63 -23.24
N GLY F 146 36.44 -43.84 -23.17
CA GLY F 146 37.35 -43.82 -22.03
C GLY F 146 36.77 -43.19 -20.76
N ARG F 147 37.63 -43.03 -19.76
CA ARG F 147 37.25 -42.52 -18.45
C ARG F 147 38.29 -41.58 -17.87
N ILE F 148 37.82 -40.46 -17.33
CA ILE F 148 38.70 -39.55 -16.61
C ILE F 148 38.07 -39.29 -15.25
N VAL F 149 38.87 -39.49 -14.20
CA VAL F 149 38.45 -39.15 -12.84
C VAL F 149 39.50 -38.22 -12.22
N LEU F 150 39.04 -37.06 -11.75
CA LEU F 150 39.91 -36.16 -10.99
C LEU F 150 39.60 -36.25 -9.50
N THR F 151 40.41 -35.59 -8.67
CA THR F 151 40.23 -35.69 -7.22
C THR F 151 39.94 -34.32 -6.59
N SER F 152 38.81 -34.27 -5.89
CA SER F 152 38.39 -33.08 -5.17
C SER F 152 38.53 -33.36 -3.66
N SER F 153 37.56 -32.90 -2.87
CA SER F 153 37.59 -33.07 -1.43
C SER F 153 36.23 -32.72 -0.86
N ASN F 154 35.91 -33.27 0.30
CA ASN F 154 34.69 -32.89 0.99
C ASN F 154 34.72 -31.43 1.40
N THR F 155 35.94 -30.86 1.49
CA THR F 155 36.12 -29.49 1.92
C THR F 155 35.78 -28.47 0.82
N SER F 156 35.62 -28.95 -0.41
CA SER F 156 35.23 -28.10 -1.52
C SER F 156 33.86 -27.43 -1.27
N LYS F 157 32.89 -28.27 -0.90
CA LYS F 157 31.50 -27.83 -0.74
C LYS F 157 30.84 -28.28 0.56
N ASP F 158 31.13 -29.51 0.98
CA ASP F 158 30.34 -30.19 1.99
C ASP F 158 30.79 -29.96 3.43
N PHE F 159 32.01 -29.47 3.61
CA PHE F 159 32.63 -29.39 4.93
C PHE F 159 33.39 -28.06 4.99
N SER F 160 33.09 -27.24 6.00
CA SER F 160 33.75 -25.95 6.19
C SER F 160 34.74 -25.97 7.35
N VAL F 161 36.02 -25.81 7.03
CA VAL F 161 37.07 -25.83 8.07
C VAL F 161 37.78 -24.47 8.08
N PRO F 162 37.83 -23.81 9.26
CA PRO F 162 38.60 -22.55 9.37
C PRO F 162 40.04 -22.72 8.87
N LYS F 163 40.60 -21.65 8.30
CA LYS F 163 41.99 -21.62 7.83
C LYS F 163 42.25 -22.65 6.73
N HIS F 164 41.24 -22.95 5.92
CA HIS F 164 41.35 -23.98 4.91
C HIS F 164 40.87 -23.49 3.54
N SER F 165 40.90 -22.17 3.33
CA SER F 165 40.31 -21.54 2.14
C SER F 165 41.05 -21.87 0.84
N LEU F 166 42.38 -21.84 0.91
CA LEU F 166 43.21 -22.08 -0.26
C LEU F 166 42.98 -23.47 -0.86
N TYR F 167 43.03 -24.49 -0.01
CA TYR F 167 42.87 -25.88 -0.42
C TYR F 167 41.43 -26.14 -0.86
N SER F 168 40.49 -25.59 -0.09
CA SER F 168 39.05 -25.72 -0.40
C SER F 168 38.74 -25.16 -1.80
N GLY F 169 39.27 -23.97 -2.07
CA GLY F 169 39.15 -23.34 -3.37
C GLY F 169 39.82 -24.13 -4.48
N SER F 170 40.99 -24.70 -4.20
CA SER F 170 41.72 -25.47 -5.21
C SER F 170 40.88 -26.64 -5.70
N LYS F 171 40.06 -27.19 -4.81
CA LYS F 171 39.22 -28.32 -5.18
C LYS F 171 37.84 -27.88 -5.70
N GLY F 172 37.37 -26.71 -5.27
CA GLY F 172 36.14 -26.11 -5.81
C GLY F 172 36.24 -25.90 -7.32
N ALA F 173 37.39 -25.40 -7.78
CA ALA F 173 37.66 -25.35 -9.21
C ALA F 173 37.53 -26.73 -9.88
N VAL F 174 38.10 -27.77 -9.27
CA VAL F 174 38.02 -29.13 -9.83
C VAL F 174 36.55 -29.58 -10.04
N ASP F 175 35.69 -29.30 -9.06
CA ASP F 175 34.27 -29.63 -9.13
C ASP F 175 33.61 -29.06 -10.39
N SER F 176 33.86 -27.78 -10.64
CA SER F 176 33.32 -27.10 -11.82
C SER F 176 34.00 -27.62 -13.10
N PHE F 177 35.32 -27.84 -13.05
CA PHE F 177 36.03 -28.43 -14.19
C PHE F 177 35.35 -29.71 -14.68
N VAL F 178 35.09 -30.66 -13.79
CA VAL F 178 34.58 -31.97 -14.25
C VAL F 178 33.18 -31.89 -14.86
N ARG F 179 32.33 -31.02 -14.32
CA ARG F 179 30.99 -30.84 -14.88
C ARG F 179 31.06 -30.39 -16.36
N ILE F 180 31.97 -29.47 -16.66
CA ILE F 180 32.11 -28.98 -18.03
C ILE F 180 33.00 -29.85 -18.89
N PHE F 181 34.05 -30.43 -18.29
CA PHE F 181 34.86 -31.45 -19.00
C PHE F 181 33.98 -32.54 -19.59
N SER F 182 32.94 -32.97 -18.86
CA SER F 182 32.04 -34.03 -19.35
C SER F 182 31.34 -33.64 -20.65
N LYS F 183 31.06 -32.36 -20.84
CA LYS F 183 30.48 -31.89 -22.08
C LYS F 183 31.49 -32.03 -23.23
N ASP F 184 32.67 -31.45 -23.06
CA ASP F 184 33.70 -31.45 -24.11
C ASP F 184 34.15 -32.88 -24.44
N CYS F 185 34.38 -33.69 -23.40
CA CYS F 185 34.92 -35.04 -23.56
C CYS F 185 33.90 -36.00 -24.15
N GLY F 186 32.63 -35.60 -24.13
CA GLY F 186 31.55 -36.35 -24.76
C GLY F 186 31.74 -36.65 -26.25
N ASP F 187 32.45 -35.78 -26.97
CA ASP F 187 32.69 -36.04 -28.38
C ASP F 187 33.68 -37.20 -28.64
N LYS F 188 34.27 -37.73 -27.57
CA LYS F 188 35.03 -38.99 -27.62
C LYS F 188 34.36 -40.07 -26.75
N LYS F 189 33.14 -39.79 -26.31
CA LYS F 189 32.36 -40.65 -25.41
C LYS F 189 33.10 -40.99 -24.11
N ILE F 190 33.96 -40.08 -23.67
CA ILE F 190 34.71 -40.20 -22.43
C ILE F 190 33.93 -39.54 -21.30
N THR F 191 33.70 -40.29 -20.23
CA THR F 191 33.09 -39.68 -19.04
C THR F 191 34.15 -39.02 -18.16
N VAL F 192 33.72 -37.98 -17.45
CA VAL F 192 34.61 -37.25 -16.57
C VAL F 192 33.88 -37.00 -15.26
N ASN F 193 34.47 -37.49 -14.17
CA ASN F 193 33.89 -37.35 -12.83
C ASN F 193 34.98 -36.94 -11.83
N ALA F 194 34.58 -36.65 -10.60
CA ALA F 194 35.54 -36.48 -9.51
C ALA F 194 35.09 -37.24 -8.27
N VAL F 195 36.05 -37.72 -7.51
CA VAL F 195 35.79 -38.25 -6.19
C VAL F 195 36.25 -37.19 -5.18
N ALA F 196 35.46 -37.01 -4.13
CA ALA F 196 35.72 -35.96 -3.15
C ALA F 196 35.79 -36.64 -1.79
N PRO F 197 36.97 -37.18 -1.44
CA PRO F 197 37.12 -37.90 -0.17
C PRO F 197 36.97 -36.98 1.02
N GLY F 198 36.42 -37.50 2.11
CA GLY F 198 36.58 -36.89 3.42
C GLY F 198 37.93 -37.33 3.97
N GLY F 199 38.12 -37.14 5.28
CA GLY F 199 39.33 -37.62 5.97
C GLY F 199 39.61 -39.07 5.66
N THR F 200 40.72 -39.33 4.96
CA THR F 200 41.07 -40.67 4.49
C THR F 200 42.48 -40.97 5.01
N VAL F 201 42.64 -42.07 5.76
CA VAL F 201 43.90 -42.35 6.47
C VAL F 201 45.09 -42.57 5.54
N THR F 202 45.96 -41.57 5.50
CA THR F 202 47.17 -41.55 4.68
C THR F 202 48.14 -40.59 5.36
N ASP F 203 49.30 -40.33 4.73
CA ASP F 203 50.23 -39.31 5.22
C ASP F 203 49.61 -37.92 5.30
N MET F 204 48.76 -37.57 4.34
CA MET F 204 48.08 -36.28 4.36
C MET F 204 47.12 -36.12 5.56
N PHE F 205 46.41 -37.19 5.88
CA PHE F 205 45.43 -37.19 6.97
C PHE F 205 46.03 -36.79 8.32
N HIS F 206 47.19 -37.34 8.66
CA HIS F 206 47.81 -37.12 9.96
C HIS F 206 48.33 -35.70 10.13
N GLU F 207 48.63 -35.04 9.02
CA GLU F 207 49.15 -33.69 9.05
C GLU F 207 48.09 -32.75 9.59
N VAL F 208 46.85 -32.96 9.11
CA VAL F 208 45.74 -32.03 9.26
C VAL F 208 44.49 -32.55 10.01
N SER F 209 44.61 -33.69 10.69
CA SER F 209 43.46 -34.28 11.40
C SER F 209 43.07 -33.46 12.62
N HIS F 210 43.98 -32.65 13.13
CA HIS F 210 43.66 -31.74 14.23
C HIS F 210 42.77 -30.56 13.81
N HIS F 211 42.79 -30.23 12.52
CA HIS F 211 41.92 -29.19 11.94
C HIS F 211 40.50 -29.72 11.70
N TYR F 212 40.42 -30.99 11.29
CA TYR F 212 39.16 -31.63 10.91
C TYR F 212 38.35 -32.05 12.16
N ILE F 213 39.00 -32.00 13.32
CA ILE F 213 38.41 -32.40 14.60
C ILE F 213 38.11 -31.19 15.50
N PRO F 214 36.98 -31.24 16.25
CA PRO F 214 36.60 -30.20 17.21
C PRO F 214 37.74 -29.70 18.13
N ASN F 215 38.17 -30.55 19.06
CA ASN F 215 39.28 -30.20 19.96
C ASN F 215 40.59 -30.11 19.20
N GLY F 216 40.84 -31.14 18.38
CA GLY F 216 41.95 -31.17 17.43
C GLY F 216 43.34 -31.15 18.04
N THR F 217 43.76 -29.95 18.44
CA THR F 217 45.08 -29.66 19.01
C THR F 217 45.49 -30.48 20.25
N SER F 218 44.51 -31.00 20.99
CA SER F 218 44.79 -31.62 22.29
C SER F 218 45.36 -33.05 22.24
N TYR F 219 45.28 -33.69 21.08
CA TYR F 219 45.52 -35.14 20.97
C TYR F 219 46.64 -35.53 20.02
N THR F 220 47.20 -36.72 20.26
CA THR F 220 48.19 -37.33 19.38
C THR F 220 47.54 -37.82 18.09
N ALA F 221 48.35 -38.04 17.06
CA ALA F 221 47.90 -38.53 15.76
C ALA F 221 46.97 -39.74 15.88
N GLU F 222 47.40 -40.72 16.66
CA GLU F 222 46.64 -41.94 16.90
C GLU F 222 45.28 -41.64 17.55
N GLN F 223 45.27 -40.70 18.50
CA GLN F 223 44.02 -40.31 19.17
C GLN F 223 43.07 -39.53 18.27
N ARG F 224 43.60 -38.60 17.48
CA ARG F 224 42.78 -37.80 16.54
C ARG F 224 42.13 -38.68 15.48
N GLN F 225 42.83 -39.72 15.04
CA GLN F 225 42.31 -40.66 14.08
C GLN F 225 41.13 -41.43 14.70
N GLN F 226 41.33 -41.91 15.93
CA GLN F 226 40.26 -42.55 16.71
C GLN F 226 39.02 -41.64 16.72
N MET F 227 39.23 -40.36 17.04
CA MET F 227 38.15 -39.39 17.09
C MET F 227 37.49 -39.08 15.75
N ALA F 228 38.27 -39.10 14.68
CA ALA F 228 37.78 -38.78 13.33
C ALA F 228 36.89 -39.89 12.74
N ALA F 229 37.06 -41.11 13.24
CA ALA F 229 36.22 -42.27 12.89
C ALA F 229 34.74 -42.00 13.17
N HIS F 230 34.46 -41.22 14.21
CA HIS F 230 33.09 -40.94 14.64
C HIS F 230 32.40 -39.83 13.84
N ALA F 231 33.09 -39.27 12.86
CA ALA F 231 32.48 -38.31 11.92
C ALA F 231 31.45 -39.04 11.07
N SER F 232 31.79 -40.26 10.64
CA SER F 232 30.86 -41.08 9.87
C SER F 232 29.89 -41.81 10.79
N PRO F 233 28.60 -41.85 10.42
CA PRO F 233 27.66 -42.60 11.24
C PRO F 233 27.93 -44.11 11.21
N LEU F 234 28.82 -44.56 10.32
CA LEU F 234 29.31 -45.95 10.35
C LEU F 234 30.42 -46.17 11.41
N HIS F 235 30.91 -45.07 11.98
CA HIS F 235 31.89 -45.08 13.08
C HIS F 235 33.21 -45.79 12.71
N ARG F 236 33.73 -45.46 11.54
CA ARG F 236 35.07 -45.89 11.15
C ARG F 236 35.67 -44.83 10.26
N ASN F 237 36.98 -44.88 10.08
CA ASN F 237 37.65 -43.96 9.18
C ASN F 237 37.42 -44.35 7.72
N GLY F 238 37.60 -43.37 6.84
CA GLY F 238 37.73 -43.63 5.42
C GLY F 238 39.15 -44.08 5.15
N TRP F 239 39.32 -44.99 4.20
CA TRP F 239 40.61 -45.54 3.84
C TRP F 239 40.84 -45.40 2.34
N PRO F 240 42.12 -45.45 1.90
CA PRO F 240 42.38 -45.40 0.47
C PRO F 240 41.57 -46.44 -0.32
N GLN F 241 41.31 -47.62 0.26
CA GLN F 241 40.50 -48.65 -0.43
C GLN F 241 39.05 -48.22 -0.70
N ASP F 242 38.49 -47.40 0.19
CA ASP F 242 37.14 -46.85 0.01
C ASP F 242 37.08 -45.99 -1.23
N VAL F 243 38.06 -45.11 -1.39
CA VAL F 243 38.15 -44.27 -2.59
C VAL F 243 38.41 -45.15 -3.83
N ALA F 244 39.32 -46.11 -3.69
CA ALA F 244 39.64 -47.07 -4.77
C ALA F 244 38.39 -47.83 -5.25
N ASN F 245 37.56 -48.26 -4.30
CA ASN F 245 36.31 -48.96 -4.62
C ASN F 245 35.40 -48.13 -5.54
N VAL F 246 35.27 -46.84 -5.25
CA VAL F 246 34.38 -45.97 -6.00
C VAL F 246 34.98 -45.62 -7.36
N VAL F 247 36.27 -45.29 -7.37
CA VAL F 247 36.98 -45.03 -8.63
C VAL F 247 36.84 -46.24 -9.58
N GLY F 248 37.06 -47.44 -9.05
CA GLY F 248 36.82 -48.69 -9.78
C GLY F 248 35.46 -48.77 -10.46
N PHE F 249 34.40 -48.41 -9.74
CA PHE F 249 33.06 -48.40 -10.33
C PHE F 249 32.93 -47.32 -11.42
N LEU F 250 33.45 -46.12 -11.16
CA LEU F 250 33.31 -45.03 -12.11
C LEU F 250 33.98 -45.31 -13.46
N VAL F 251 35.12 -46.01 -13.42
CA VAL F 251 35.87 -46.31 -14.63
C VAL F 251 35.44 -47.60 -15.34
N SER F 252 34.46 -48.28 -14.75
CA SER F 252 33.89 -49.49 -15.32
C SER F 252 32.80 -49.16 -16.36
N LYS F 253 32.39 -50.17 -17.11
CA LYS F 253 31.24 -50.04 -18.02
C LYS F 253 29.97 -49.63 -17.28
N GLU F 254 29.74 -50.25 -16.13
CA GLU F 254 28.52 -50.02 -15.34
C GLU F 254 28.46 -48.62 -14.71
N GLY F 255 29.59 -47.90 -14.75
CA GLY F 255 29.65 -46.53 -14.22
C GLY F 255 29.33 -45.41 -15.20
N GLU F 256 29.11 -45.76 -16.46
CA GLU F 256 28.99 -44.76 -17.55
C GLU F 256 28.00 -43.63 -17.29
N TRP F 257 26.86 -43.94 -16.67
CA TRP F 257 25.77 -42.97 -16.56
C TRP F 257 26.01 -41.95 -15.44
N VAL F 258 27.04 -42.22 -14.65
CA VAL F 258 27.59 -41.23 -13.74
C VAL F 258 28.64 -40.48 -14.55
N ASN F 259 28.31 -39.24 -14.91
CA ASN F 259 29.15 -38.44 -15.78
C ASN F 259 28.98 -36.97 -15.41
N GLY F 260 30.09 -36.26 -15.29
CA GLY F 260 30.07 -34.85 -14.90
C GLY F 260 29.78 -34.58 -13.44
N LYS F 261 29.93 -35.60 -12.59
CA LYS F 261 29.50 -35.50 -11.20
C LYS F 261 30.67 -35.55 -10.23
N VAL F 262 30.47 -35.00 -9.04
CA VAL F 262 31.45 -35.06 -7.97
C VAL F 262 30.83 -35.89 -6.85
N LEU F 263 31.50 -36.98 -6.49
CA LEU F 263 30.98 -37.86 -5.48
C LEU F 263 31.77 -37.71 -4.18
N THR F 264 31.06 -37.27 -3.14
CA THR F 264 31.68 -37.07 -1.84
C THR F 264 31.73 -38.42 -1.12
N LEU F 265 32.93 -38.78 -0.70
CA LEU F 265 33.20 -40.09 -0.12
C LEU F 265 33.69 -39.88 1.31
N ASP F 266 32.74 -39.80 2.22
CA ASP F 266 33.01 -39.53 3.63
C ASP F 266 32.22 -40.46 4.55
N GLY F 267 31.72 -41.56 3.99
CA GLY F 267 30.91 -42.52 4.74
C GLY F 267 29.66 -41.99 5.44
N GLY F 268 29.11 -40.89 4.92
CA GLY F 268 27.86 -40.33 5.44
C GLY F 268 28.03 -39.23 6.47
N ALA F 269 29.23 -38.66 6.56
CA ALA F 269 29.52 -37.61 7.54
C ALA F 269 28.80 -36.29 7.25
N ALA F 270 28.76 -35.91 5.97
CA ALA F 270 28.16 -34.64 5.53
C ALA F 270 26.66 -34.58 5.84
N THR G 10 17.72 12.42 -1.38
CA THR G 10 18.45 11.26 -0.80
C THR G 10 17.79 9.92 -1.15
N TYR G 11 18.60 9.00 -1.66
CA TYR G 11 18.11 7.70 -2.08
C TYR G 11 18.05 6.70 -0.91
N ILE G 12 16.83 6.37 -0.50
CA ILE G 12 16.61 5.31 0.48
C ILE G 12 16.09 4.04 -0.22
N PRO G 13 16.87 2.94 -0.14
CA PRO G 13 16.51 1.74 -0.88
C PRO G 13 15.48 0.88 -0.16
N GLY G 14 14.69 0.15 -0.94
CA GLY G 14 13.85 -0.90 -0.39
C GLY G 14 12.60 -0.51 0.37
N ARG G 15 12.07 0.67 0.10
CA ARG G 15 10.80 1.07 0.69
C ARG G 15 9.67 0.29 0.01
N LEU G 16 8.60 0.04 0.75
CA LEU G 16 7.44 -0.69 0.26
C LEU G 16 6.16 0.13 0.45
N ASP G 17 6.29 1.45 0.37
CA ASP G 17 5.15 2.35 0.47
C ASP G 17 4.15 2.06 -0.64
N GLY G 18 2.87 2.05 -0.30
CA GLY G 18 1.81 1.72 -1.24
C GLY G 18 1.59 0.22 -1.44
N LYS G 19 2.49 -0.61 -0.91
CA LYS G 19 2.37 -2.07 -1.04
C LYS G 19 1.60 -2.71 0.11
N VAL G 20 0.99 -3.87 -0.16
CA VAL G 20 0.26 -4.63 0.84
C VAL G 20 0.87 -6.03 0.92
N ALA G 21 1.10 -6.50 2.15
CA ALA G 21 1.78 -7.76 2.41
C ALA G 21 1.02 -8.64 3.39
N LEU G 22 1.21 -9.96 3.26
CA LEU G 22 0.61 -10.92 4.18
C LEU G 22 1.70 -11.86 4.71
N VAL G 23 1.65 -12.13 6.01
CA VAL G 23 2.65 -13.02 6.61
C VAL G 23 1.94 -14.09 7.43
N THR G 24 2.08 -15.36 7.04
CA THR G 24 1.46 -16.43 7.80
C THR G 24 2.23 -16.65 9.10
N GLY G 25 1.50 -16.96 10.18
CA GLY G 25 2.09 -17.21 11.48
C GLY G 25 2.86 -16.02 12.04
N SER G 26 2.29 -14.83 11.91
CA SER G 26 3.00 -13.59 12.25
C SER G 26 2.60 -12.99 13.59
N GLY G 27 1.96 -13.78 14.45
CA GLY G 27 1.64 -13.36 15.82
C GLY G 27 2.85 -13.40 16.74
N ARG G 28 3.80 -14.29 16.43
CA ARG G 28 5.00 -14.48 17.26
C ARG G 28 6.16 -15.03 16.44
N GLY G 29 7.34 -15.08 17.06
CA GLY G 29 8.53 -15.62 16.42
C GLY G 29 9.02 -14.83 15.23
N ILE G 30 9.54 -15.54 14.23
CA ILE G 30 10.12 -14.92 13.04
C ILE G 30 9.07 -14.12 12.27
N GLY G 31 7.88 -14.72 12.11
CA GLY G 31 6.77 -14.07 11.40
C GLY G 31 6.42 -12.70 11.95
N ALA G 32 6.40 -12.57 13.27
CA ALA G 32 6.13 -11.30 13.94
C ALA G 32 7.11 -10.21 13.51
N ALA G 33 8.40 -10.52 13.57
CA ALA G 33 9.45 -9.58 13.17
C ALA G 33 9.38 -9.24 11.69
N VAL G 34 9.01 -10.23 10.86
CA VAL G 34 8.86 -10.01 9.43
C VAL G 34 7.73 -9.01 9.19
N ALA G 35 6.58 -9.29 9.80
CA ALA G 35 5.40 -8.41 9.69
C ALA G 35 5.68 -6.98 10.16
N VAL G 36 6.30 -6.81 11.33
CA VAL G 36 6.59 -5.46 11.83
C VAL G 36 7.60 -4.74 10.91
N HIS G 37 8.59 -5.47 10.42
CA HIS G 37 9.61 -4.91 9.52
C HIS G 37 9.01 -4.45 8.19
N LEU G 38 8.16 -5.28 7.59
CA LEU G 38 7.46 -4.90 6.36
C LEU G 38 6.63 -3.63 6.57
N GLY G 39 6.02 -3.53 7.75
CA GLY G 39 5.30 -2.33 8.16
C GLY G 39 6.23 -1.12 8.26
N ARG G 40 7.35 -1.30 8.94
CA ARG G 40 8.37 -0.25 9.07
C ARG G 40 8.79 0.28 7.70
N LEU G 41 8.87 -0.62 6.73
CA LEU G 41 9.27 -0.29 5.35
C LEU G 41 8.17 0.41 4.52
N GLY G 42 6.96 0.48 5.06
CA GLY G 42 5.87 1.20 4.39
C GLY G 42 4.67 0.36 3.98
N ALA G 43 4.80 -0.96 4.07
CA ALA G 43 3.72 -1.86 3.67
C ALA G 43 2.60 -1.91 4.70
N LYS G 44 1.36 -2.06 4.22
CA LYS G 44 0.25 -2.43 5.07
C LYS G 44 0.25 -3.96 5.20
N VAL G 45 -0.11 -4.50 6.36
CA VAL G 45 0.14 -5.92 6.61
C VAL G 45 -1.06 -6.73 7.11
N VAL G 46 -1.26 -7.89 6.48
CA VAL G 46 -2.15 -8.92 7.03
C VAL G 46 -1.36 -9.83 7.96
N VAL G 47 -1.72 -9.80 9.24
CA VAL G 47 -1.09 -10.58 10.27
C VAL G 47 -1.94 -11.83 10.50
N ASN G 48 -1.49 -12.95 9.96
CA ASN G 48 -2.18 -14.23 10.13
C ASN G 48 -1.70 -14.97 11.37
N TYR G 49 -2.64 -15.56 12.08
CA TYR G 49 -2.34 -16.43 13.22
C TYR G 49 -3.30 -17.61 13.20
N ALA G 50 -2.94 -18.69 13.88
CA ALA G 50 -3.84 -19.83 14.05
C ALA G 50 -4.40 -19.90 15.48
N ASN G 51 -3.58 -19.53 16.46
CA ASN G 51 -3.95 -19.64 17.87
C ASN G 51 -3.71 -18.37 18.68
N SER G 52 -2.58 -17.71 18.41
CA SER G 52 -2.10 -16.61 19.25
C SER G 52 -2.81 -15.28 18.94
N THR G 53 -4.08 -15.19 19.36
CA THR G 53 -4.92 -14.01 19.12
C THR G 53 -4.36 -12.71 19.70
N LYS G 54 -4.04 -12.73 20.99
CA LYS G 54 -3.53 -11.56 21.70
C LYS G 54 -2.17 -11.10 21.12
N ASP G 55 -1.27 -12.05 20.91
CA ASP G 55 0.05 -11.77 20.31
C ASP G 55 -0.09 -11.08 18.95
N ALA G 56 -1.03 -11.55 18.13
CA ALA G 56 -1.25 -10.99 16.80
C ALA G 56 -1.78 -9.56 16.84
N GLU G 57 -2.66 -9.25 17.80
CA GLU G 57 -3.17 -7.88 17.98
C GLU G 57 -2.07 -6.92 18.43
N LYS G 58 -1.12 -7.43 19.22
CA LYS G 58 0.06 -6.67 19.62
C LYS G 58 0.89 -6.30 18.39
N VAL G 59 1.11 -7.29 17.52
CA VAL G 59 1.82 -7.08 16.26
C VAL G 59 1.11 -6.03 15.41
N VAL G 60 -0.21 -6.18 15.26
CA VAL G 60 -1.04 -5.19 14.57
C VAL G 60 -0.83 -3.78 15.17
N SER G 61 -0.84 -3.69 16.50
CA SER G 61 -0.64 -2.43 17.22
C SER G 61 0.74 -1.80 16.96
N GLU G 62 1.79 -2.62 17.04
CA GLU G 62 3.15 -2.22 16.67
C GLU G 62 3.21 -1.59 15.28
N ILE G 63 2.63 -2.28 14.30
CA ILE G 63 2.61 -1.83 12.92
C ILE G 63 1.89 -0.48 12.76
N LYS G 64 0.75 -0.33 13.43
CA LYS G 64 0.02 0.95 13.44
C LYS G 64 0.81 2.07 14.09
N ALA G 65 1.49 1.74 15.20
CA ALA G 65 2.25 2.74 15.97
C ALA G 65 3.49 3.26 15.24
N LEU G 66 3.95 2.54 14.22
CA LEU G 66 5.07 3.05 13.41
C LEU G 66 4.62 3.71 12.09
N GLY G 67 3.33 4.04 12.01
CA GLY G 67 2.79 4.83 10.91
C GLY G 67 2.19 4.06 9.74
N SER G 68 1.95 2.77 9.94
CA SER G 68 1.37 1.94 8.89
C SER G 68 -0.02 1.44 9.30
N ASP G 69 -0.46 0.33 8.69
CA ASP G 69 -1.77 -0.26 8.99
C ASP G 69 -1.70 -1.78 8.86
N ALA G 70 -2.52 -2.46 9.67
CA ALA G 70 -2.54 -3.91 9.73
C ALA G 70 -3.87 -4.47 10.26
N ILE G 71 -4.14 -5.72 9.89
CA ILE G 71 -5.29 -6.46 10.40
C ILE G 71 -4.84 -7.86 10.79
N ALA G 72 -5.45 -8.43 11.83
CA ALA G 72 -5.17 -9.80 12.21
C ALA G 72 -6.27 -10.69 11.63
N ILE G 73 -5.86 -11.77 10.97
CA ILE G 73 -6.83 -12.73 10.44
C ILE G 73 -6.47 -14.15 10.87
N LYS G 74 -7.42 -14.80 11.53
CA LYS G 74 -7.26 -16.17 12.00
C LYS G 74 -7.47 -17.17 10.86
N ALA G 75 -6.47 -18.01 10.62
CA ALA G 75 -6.57 -19.08 9.64
C ALA G 75 -5.59 -20.20 9.96
N ASP G 76 -6.11 -21.43 9.95
CA ASP G 76 -5.30 -22.63 10.09
C ASP G 76 -4.73 -22.98 8.71
N ILE G 77 -3.44 -22.74 8.54
CA ILE G 77 -2.75 -22.93 7.26
C ILE G 77 -2.67 -24.40 6.81
N ARG G 78 -2.99 -25.34 7.71
CA ARG G 78 -3.13 -26.75 7.31
C ARG G 78 -4.38 -26.98 6.46
N GLN G 79 -5.36 -26.11 6.64
CA GLN G 79 -6.65 -26.21 5.96
C GLN G 79 -6.64 -25.33 4.73
N VAL G 80 -6.60 -25.94 3.56
CA VAL G 80 -6.54 -25.19 2.30
C VAL G 80 -7.74 -24.22 2.13
N PRO G 81 -8.98 -24.67 2.44
CA PRO G 81 -10.09 -23.72 2.34
C PRO G 81 -9.93 -22.46 3.20
N GLU G 82 -9.23 -22.60 4.34
CA GLU G 82 -8.95 -21.44 5.19
C GLU G 82 -7.86 -20.54 4.58
N ILE G 83 -6.91 -21.14 3.86
CA ILE G 83 -5.92 -20.36 3.12
C ILE G 83 -6.63 -19.51 2.05
N VAL G 84 -7.51 -20.14 1.28
CA VAL G 84 -8.34 -19.41 0.30
C VAL G 84 -9.08 -18.23 0.97
N LYS G 85 -9.79 -18.51 2.07
CA LYS G 85 -10.55 -17.48 2.80
C LYS G 85 -9.63 -16.35 3.27
N LEU G 86 -8.43 -16.70 3.73
CA LEU G 86 -7.46 -15.72 4.22
C LEU G 86 -7.07 -14.74 3.12
N PHE G 87 -6.74 -15.27 1.94
CA PHE G 87 -6.29 -14.46 0.82
C PHE G 87 -7.44 -13.64 0.22
N ASP G 88 -8.64 -14.22 0.18
CA ASP G 88 -9.86 -13.50 -0.24
C ASP G 88 -10.11 -12.29 0.67
N GLN G 89 -10.00 -12.50 1.97
CA GLN G 89 -10.26 -11.45 2.94
C GLN G 89 -9.22 -10.35 2.89
N ALA G 90 -7.97 -10.74 2.63
CA ALA G 90 -6.86 -9.79 2.45
C ALA G 90 -7.14 -8.82 1.32
N VAL G 91 -7.54 -9.35 0.16
CA VAL G 91 -7.85 -8.54 -1.01
C VAL G 91 -9.12 -7.68 -0.85
N ALA G 92 -10.17 -8.26 -0.26
CA ALA G 92 -11.40 -7.50 0.02
C ALA G 92 -11.15 -6.36 1.00
N HIS G 93 -10.17 -6.54 1.90
CA HIS G 93 -9.88 -5.52 2.90
C HIS G 93 -9.01 -4.37 2.39
N PHE G 94 -7.90 -4.71 1.73
CA PHE G 94 -6.94 -3.70 1.28
C PHE G 94 -7.05 -3.38 -0.23
N GLY G 95 -7.76 -4.22 -0.97
CA GLY G 95 -8.02 -3.96 -2.39
C GLY G 95 -7.05 -4.66 -3.33
N HIS G 96 -5.87 -4.97 -2.81
CA HIS G 96 -4.83 -5.66 -3.55
C HIS G 96 -3.83 -6.26 -2.56
N LEU G 97 -3.06 -7.22 -3.03
CA LEU G 97 -2.01 -7.87 -2.27
C LEU G 97 -0.81 -8.03 -3.18
N ASP G 98 0.34 -7.57 -2.69
CA ASP G 98 1.56 -7.52 -3.50
C ASP G 98 2.64 -8.48 -3.04
N ILE G 99 2.61 -8.84 -1.76
CA ILE G 99 3.69 -9.58 -1.13
C ILE G 99 3.08 -10.65 -0.24
N ALA G 100 3.50 -11.90 -0.41
CA ALA G 100 3.07 -12.97 0.47
C ALA G 100 4.27 -13.71 1.08
N VAL G 101 4.36 -13.71 2.41
CA VAL G 101 5.41 -14.44 3.10
C VAL G 101 4.82 -15.63 3.84
N SER G 102 5.23 -16.83 3.43
CA SER G 102 4.81 -18.07 4.06
C SER G 102 5.86 -18.45 5.08
N ASN G 103 5.46 -18.41 6.35
CA ASN G 103 6.38 -18.48 7.47
C ASN G 103 6.01 -19.57 8.46
N SER G 104 4.72 -19.87 8.57
CA SER G 104 4.21 -20.85 9.54
C SER G 104 4.89 -22.21 9.38
N GLY G 105 5.29 -22.79 10.50
CA GLY G 105 5.97 -24.08 10.51
C GLY G 105 6.07 -24.67 11.91
N VAL G 106 6.27 -25.98 11.98
CA VAL G 106 6.49 -26.67 13.24
C VAL G 106 7.76 -27.53 13.18
N VAL G 107 8.40 -27.72 14.32
CA VAL G 107 9.61 -28.54 14.36
C VAL G 107 9.28 -29.96 14.86
N SER G 108 10.16 -30.91 14.54
CA SER G 108 10.00 -32.30 14.95
C SER G 108 11.36 -33.00 15.02
N PHE G 109 11.49 -33.85 16.04
CA PHE G 109 12.67 -34.67 16.23
C PHE G 109 12.28 -36.09 16.56
N GLY G 110 13.06 -37.04 16.04
CA GLY G 110 12.84 -38.46 16.33
C GLY G 110 13.63 -39.32 15.37
N HIS G 111 14.16 -40.42 15.88
CA HIS G 111 14.84 -41.41 15.05
C HIS G 111 13.84 -41.96 14.03
N LEU G 112 14.27 -42.08 12.77
CA LEU G 112 13.49 -42.70 11.71
C LEU G 112 12.63 -43.90 12.18
N LYS G 113 13.20 -44.77 13.01
CA LYS G 113 12.53 -45.97 13.50
C LYS G 113 11.25 -45.70 14.30
N ASP G 114 11.13 -44.51 14.88
CA ASP G 114 10.00 -44.20 15.75
C ASP G 114 9.07 -43.14 15.19
N VAL G 115 9.31 -42.69 13.96
CA VAL G 115 8.40 -41.74 13.33
C VAL G 115 7.10 -42.45 12.95
N THR G 116 5.99 -41.83 13.33
CA THR G 116 4.67 -42.39 13.12
C THR G 116 3.97 -41.68 11.99
N GLU G 117 2.90 -42.30 11.48
CA GLU G 117 2.05 -41.69 10.47
C GLU G 117 1.56 -40.31 10.92
N GLU G 118 1.06 -40.23 12.15
CA GLU G 118 0.56 -38.98 12.72
C GLU G 118 1.61 -37.87 12.70
N GLU G 119 2.84 -38.17 13.10
CA GLU G 119 3.90 -37.17 13.17
C GLU G 119 4.31 -36.69 11.78
N PHE G 120 4.45 -37.63 10.83
CA PHE G 120 4.71 -37.27 9.44
C PHE G 120 3.66 -36.29 8.95
N ASP G 121 2.38 -36.63 9.13
CA ASP G 121 1.29 -35.76 8.65
C ASP G 121 1.23 -34.43 9.37
N ARG G 122 1.43 -34.45 10.69
CA ARG G 122 1.47 -33.20 11.46
C ARG G 122 2.47 -32.21 10.88
N VAL G 123 3.68 -32.70 10.56
CA VAL G 123 4.74 -31.85 10.01
C VAL G 123 4.51 -31.44 8.56
N PHE G 124 4.28 -32.40 7.67
CA PHE G 124 4.14 -32.09 6.25
C PHE G 124 2.89 -31.28 5.93
N SER G 125 1.83 -31.49 6.71
CA SER G 125 0.56 -30.77 6.48
C SER G 125 0.75 -29.25 6.57
N LEU G 126 1.62 -28.79 7.47
CA LEU G 126 1.87 -27.35 7.63
C LEU G 126 3.11 -26.84 6.89
N ASN G 127 4.25 -27.48 7.12
CA ASN G 127 5.53 -27.02 6.58
C ASN G 127 5.67 -27.14 5.08
N THR G 128 4.96 -28.09 4.49
CA THR G 128 5.17 -28.44 3.07
C THR G 128 3.90 -28.18 2.23
N ARG G 129 2.85 -28.94 2.53
CA ARG G 129 1.54 -28.79 1.92
C ARG G 129 0.95 -27.41 2.17
N GLY G 130 0.97 -26.99 3.43
CA GLY G 130 0.48 -25.67 3.81
C GLY G 130 1.17 -24.60 2.99
N GLN G 131 2.50 -24.60 3.01
CA GLN G 131 3.29 -23.61 2.29
C GLN G 131 3.03 -23.64 0.78
N PHE G 132 2.90 -24.85 0.22
CA PHE G 132 2.61 -25.03 -1.20
C PHE G 132 1.29 -24.31 -1.57
N PHE G 133 0.25 -24.50 -0.77
CA PHE G 133 -1.03 -23.87 -1.07
C PHE G 133 -1.10 -22.38 -0.71
N VAL G 134 -0.25 -21.96 0.21
CA VAL G 134 -0.07 -20.53 0.44
C VAL G 134 0.51 -19.91 -0.83
N ALA G 135 1.51 -20.57 -1.42
CA ALA G 135 2.06 -20.07 -2.68
C ALA G 135 1.01 -20.04 -3.80
N ARG G 136 0.19 -21.10 -3.88
CA ARG G 136 -0.84 -21.18 -4.91
C ARG G 136 -1.82 -20.00 -4.79
N GLU G 137 -2.30 -19.78 -3.58
CA GLU G 137 -3.25 -18.71 -3.32
C GLU G 137 -2.60 -17.34 -3.47
N ALA G 138 -1.31 -17.26 -3.14
CA ALA G 138 -0.55 -16.02 -3.38
C ALA G 138 -0.50 -15.70 -4.87
N TYR G 139 -0.12 -16.67 -5.70
CA TYR G 139 -0.10 -16.47 -7.15
C TYR G 139 -1.47 -16.00 -7.67
N ARG G 140 -2.54 -16.67 -7.22
CA ARG G 140 -3.91 -16.36 -7.66
C ARG G 140 -4.37 -14.94 -7.31
N HIS G 141 -3.93 -14.44 -6.15
CA HIS G 141 -4.41 -13.15 -5.63
C HIS G 141 -3.51 -11.94 -5.87
N LEU G 142 -2.23 -12.18 -6.14
CA LEU G 142 -1.24 -11.10 -6.20
C LEU G 142 -1.31 -10.25 -7.46
N THR G 143 -0.90 -9.00 -7.31
CA THR G 143 -0.76 -8.08 -8.41
C THR G 143 0.49 -8.43 -9.22
N GLU G 144 0.49 -8.06 -10.50
CA GLU G 144 1.68 -8.18 -11.36
C GLU G 144 2.91 -7.56 -10.71
N GLY G 145 4.03 -8.26 -10.80
CA GLY G 145 5.30 -7.77 -10.25
C GLY G 145 5.43 -8.00 -8.75
N GLY G 146 4.65 -8.93 -8.22
CA GLY G 146 4.58 -9.19 -6.79
C GLY G 146 5.73 -10.06 -6.29
N ARG G 147 5.62 -10.51 -5.04
CA ARG G 147 6.70 -11.21 -4.37
C ARG G 147 6.13 -12.31 -3.49
N ILE G 148 6.70 -13.52 -3.59
CA ILE G 148 6.39 -14.64 -2.70
C ILE G 148 7.68 -15.12 -2.07
N VAL G 149 7.66 -15.34 -0.76
CA VAL G 149 8.79 -15.90 -0.06
C VAL G 149 8.27 -17.02 0.84
N LEU G 150 8.85 -18.21 0.71
CA LEU G 150 8.54 -19.30 1.66
C LEU G 150 9.69 -19.49 2.64
N THR G 151 9.48 -20.33 3.67
CA THR G 151 10.49 -20.54 4.70
C THR G 151 10.99 -21.97 4.73
N SER G 152 12.29 -22.12 4.53
CA SER G 152 12.96 -23.40 4.60
C SER G 152 13.78 -23.44 5.90
N SER G 153 14.97 -24.03 5.85
CA SER G 153 15.78 -24.22 7.05
C SER G 153 17.20 -24.59 6.65
N ASN G 154 18.19 -24.18 7.44
CA ASN G 154 19.57 -24.62 7.20
C ASN G 154 19.69 -26.15 7.24
N THR G 155 18.75 -26.79 7.93
CA THR G 155 18.73 -28.26 8.06
C THR G 155 18.21 -28.97 6.81
N SER G 156 17.61 -28.23 5.90
CA SER G 156 17.19 -28.78 4.61
C SER G 156 18.38 -29.38 3.83
N LYS G 157 19.44 -28.59 3.65
CA LYS G 157 20.61 -28.99 2.88
C LYS G 157 21.94 -28.74 3.61
N ASP G 158 22.02 -27.62 4.32
CA ASP G 158 23.31 -27.12 4.80
C ASP G 158 23.79 -27.68 6.14
N PHE G 159 22.89 -28.30 6.91
CA PHE G 159 23.21 -28.75 8.27
C PHE G 159 22.56 -30.11 8.48
N SER G 160 23.31 -31.07 9.03
CA SER G 160 22.80 -32.42 9.24
C SER G 160 22.71 -32.77 10.72
N VAL G 161 21.49 -32.99 11.20
CA VAL G 161 21.26 -33.30 12.61
C VAL G 161 20.64 -34.69 12.72
N PRO G 162 21.22 -35.56 13.55
CA PRO G 162 20.57 -36.86 13.75
C PRO G 162 19.13 -36.69 14.26
N LYS G 163 18.28 -37.65 13.92
CA LYS G 163 16.87 -37.68 14.38
C LYS G 163 16.03 -36.49 13.92
N HIS G 164 16.41 -35.92 12.78
CA HIS G 164 15.78 -34.69 12.29
C HIS G 164 15.35 -34.85 10.82
N SER G 165 15.13 -36.09 10.39
CA SER G 165 14.89 -36.38 8.96
C SER G 165 13.55 -35.86 8.47
N LEU G 166 12.52 -36.04 9.27
CA LEU G 166 11.18 -35.59 8.91
C LEU G 166 11.13 -34.09 8.64
N TYR G 167 11.62 -33.29 9.59
CA TYR G 167 11.61 -31.83 9.44
C TYR G 167 12.53 -31.36 8.30
N SER G 168 13.72 -31.96 8.19
CA SER G 168 14.66 -31.59 7.10
C SER G 168 14.05 -31.79 5.71
N GLY G 169 13.36 -32.92 5.53
CA GLY G 169 12.67 -33.24 4.30
C GLY G 169 11.48 -32.34 4.02
N SER G 170 10.74 -31.97 5.07
CA SER G 170 9.66 -31.01 4.92
C SER G 170 10.13 -29.71 4.29
N LYS G 171 11.36 -29.30 4.63
CA LYS G 171 11.92 -28.08 4.05
C LYS G 171 12.68 -28.32 2.72
N GLY G 172 13.26 -29.52 2.55
CA GLY G 172 13.88 -29.89 1.28
C GLY G 172 12.88 -29.75 0.12
N ALA G 173 11.64 -30.17 0.36
CA ALA G 173 10.56 -29.99 -0.62
C ALA G 173 10.34 -28.52 -0.96
N VAL G 174 10.37 -27.66 0.06
CA VAL G 174 10.18 -26.22 -0.15
C VAL G 174 11.27 -25.62 -1.04
N ASP G 175 12.51 -26.05 -0.84
CA ASP G 175 13.63 -25.57 -1.65
C ASP G 175 13.36 -25.84 -3.13
N SER G 176 12.93 -27.07 -3.44
CA SER G 176 12.61 -27.45 -4.81
C SER G 176 11.38 -26.67 -5.30
N PHE G 177 10.35 -26.55 -4.46
CA PHE G 177 9.15 -25.76 -4.81
C PHE G 177 9.50 -24.36 -5.34
N VAL G 178 10.28 -23.58 -4.58
CA VAL G 178 10.48 -22.16 -4.94
C VAL G 178 11.21 -22.01 -6.28
N ARG G 179 12.13 -22.93 -6.58
CA ARG G 179 12.84 -22.87 -7.85
C ARG G 179 11.87 -23.01 -9.02
N ILE G 180 10.91 -23.93 -8.88
CA ILE G 180 9.97 -24.17 -9.97
C ILE G 180 8.82 -23.15 -9.96
N PHE G 181 8.37 -22.79 -8.76
CA PHE G 181 7.40 -21.70 -8.60
C PHE G 181 7.82 -20.45 -9.35
N SER G 182 9.10 -20.10 -9.28
CA SER G 182 9.60 -18.88 -9.95
C SER G 182 9.35 -18.93 -11.46
N LYS G 183 9.39 -20.14 -12.04
CA LYS G 183 9.11 -20.31 -13.47
C LYS G 183 7.63 -20.04 -13.75
N ASP G 184 6.73 -20.69 -13.03
CA ASP G 184 5.30 -20.50 -13.23
C ASP G 184 4.84 -19.07 -12.91
N CYS G 185 5.31 -18.52 -11.79
CA CYS G 185 4.90 -17.20 -11.32
C CYS G 185 5.45 -16.06 -12.17
N GLY G 186 6.47 -16.37 -12.96
CA GLY G 186 7.01 -15.42 -13.96
C GLY G 186 5.98 -14.84 -14.93
N ASP G 187 4.91 -15.57 -15.20
CA ASP G 187 3.89 -15.05 -16.11
C ASP G 187 3.07 -13.87 -15.51
N LYS G 188 3.22 -13.62 -14.21
CA LYS G 188 2.69 -12.41 -13.58
C LYS G 188 3.83 -11.53 -13.03
N LYS G 189 5.05 -11.84 -13.46
CA LYS G 189 6.28 -11.19 -13.03
C LYS G 189 6.47 -11.22 -11.52
N ILE G 190 6.01 -12.29 -10.89
CA ILE G 190 6.13 -12.44 -9.44
C ILE G 190 7.39 -13.27 -9.19
N THR G 191 8.27 -12.78 -8.31
CA THR G 191 9.44 -13.56 -7.91
C THR G 191 9.07 -14.45 -6.75
N VAL G 192 9.75 -15.58 -6.66
CA VAL G 192 9.51 -16.54 -5.60
C VAL G 192 10.86 -17.02 -5.09
N ASN G 193 11.05 -16.95 -3.78
CA ASN G 193 12.30 -17.32 -3.14
C ASN G 193 11.95 -18.00 -1.82
N ALA G 194 12.97 -18.53 -1.15
CA ALA G 194 12.84 -18.99 0.22
C ALA G 194 14.00 -18.45 1.06
N VAL G 195 13.73 -18.24 2.34
CA VAL G 195 14.78 -18.03 3.33
C VAL G 195 14.91 -19.29 4.15
N ALA G 196 16.15 -19.66 4.46
CA ALA G 196 16.48 -20.88 5.20
C ALA G 196 17.26 -20.49 6.46
N PRO G 197 16.54 -20.15 7.53
CA PRO G 197 17.24 -19.69 8.71
C PRO G 197 18.02 -20.79 9.37
N GLY G 198 19.15 -20.43 9.98
CA GLY G 198 19.85 -21.29 10.93
C GLY G 198 19.15 -21.13 12.27
N GLY G 199 19.79 -21.56 13.35
CA GLY G 199 19.25 -21.34 14.68
C GLY G 199 18.89 -19.88 14.89
N THR G 200 17.60 -19.61 15.08
CA THR G 200 17.08 -18.25 15.24
C THR G 200 16.28 -18.20 16.55
N VAL G 201 16.64 -17.27 17.45
CA VAL G 201 16.10 -17.29 18.83
C VAL G 201 14.61 -16.99 18.88
N THR G 202 13.82 -18.05 19.10
CA THR G 202 12.36 -18.02 19.17
C THR G 202 11.90 -19.15 20.11
N ASP G 203 10.59 -19.27 20.30
CA ASP G 203 10.02 -20.39 21.07
C ASP G 203 10.43 -21.72 20.48
N MET G 204 10.36 -21.85 19.16
CA MET G 204 10.81 -23.05 18.48
C MET G 204 12.25 -23.41 18.86
N PHE G 205 13.13 -22.41 18.77
CA PHE G 205 14.55 -22.60 19.07
C PHE G 205 14.78 -23.15 20.48
N HIS G 206 14.06 -22.60 21.45
CA HIS G 206 14.21 -23.00 22.84
C HIS G 206 13.72 -24.42 23.11
N GLU G 207 12.69 -24.85 22.38
CA GLU G 207 12.12 -26.18 22.63
C GLU G 207 13.06 -27.30 22.19
N VAL G 208 13.83 -27.05 21.13
CA VAL G 208 14.66 -28.11 20.52
C VAL G 208 16.16 -27.86 20.54
N SER G 209 16.60 -26.78 21.18
CA SER G 209 18.02 -26.40 21.18
C SER G 209 18.95 -27.46 21.79
N HIS G 210 18.38 -28.38 22.55
CA HIS G 210 19.15 -29.49 23.13
C HIS G 210 19.52 -30.56 22.11
N HIS G 211 18.95 -30.48 20.91
CA HIS G 211 19.26 -31.42 19.83
C HIS G 211 20.50 -31.01 19.02
N TYR G 212 20.85 -29.72 19.05
CA TYR G 212 21.95 -29.20 18.24
C TYR G 212 23.32 -29.39 18.90
N ILE G 213 23.34 -30.12 20.01
CA ILE G 213 24.57 -30.50 20.68
C ILE G 213 24.41 -31.89 21.34
N PRO G 214 25.30 -32.85 20.98
CA PRO G 214 25.30 -34.24 21.48
C PRO G 214 25.23 -34.43 22.99
N ASN G 215 25.10 -33.34 23.75
CA ASN G 215 25.02 -33.43 25.21
C ASN G 215 24.08 -32.38 25.83
N GLY G 216 23.34 -31.68 24.96
CA GLY G 216 22.55 -30.50 25.33
C GLY G 216 21.54 -30.56 26.47
N THR G 217 21.11 -31.77 26.81
CA THR G 217 20.16 -31.98 27.91
C THR G 217 20.76 -31.67 29.28
N SER G 218 22.09 -31.56 29.36
CA SER G 218 22.77 -31.25 30.62
C SER G 218 22.99 -29.74 30.83
N TYR G 219 22.52 -28.94 29.88
CA TYR G 219 22.63 -27.47 29.96
C TYR G 219 21.27 -26.82 30.12
N THR G 220 21.26 -25.60 30.64
CA THR G 220 20.04 -24.79 30.72
C THR G 220 19.70 -24.18 29.36
N ALA G 221 18.50 -23.62 29.26
CA ALA G 221 18.04 -22.93 28.06
C ALA G 221 18.96 -21.77 27.66
N GLU G 222 19.43 -21.01 28.64
CA GLU G 222 20.29 -19.86 28.39
C GLU G 222 21.69 -20.28 27.94
N GLN G 223 22.17 -21.40 28.49
CA GLN G 223 23.48 -21.96 28.14
C GLN G 223 23.49 -22.53 26.73
N ARG G 224 22.40 -23.19 26.35
CA ARG G 224 22.28 -23.75 25.01
C ARG G 224 22.31 -22.64 23.96
N GLN G 225 21.64 -21.53 24.28
CA GLN G 225 21.60 -20.34 23.40
C GLN G 225 22.99 -19.76 23.14
N GLN G 226 23.75 -19.47 24.20
CA GLN G 226 25.09 -18.88 24.05
C GLN G 226 26.05 -19.81 23.31
N MET G 227 25.86 -21.12 23.47
CA MET G 227 26.64 -22.13 22.75
C MET G 227 26.34 -22.13 21.25
N ALA G 228 25.06 -21.96 20.91
CA ALA G 228 24.62 -21.88 19.52
C ALA G 228 25.07 -20.60 18.83
N ALA G 229 25.33 -19.56 19.62
CA ALA G 229 25.86 -18.29 19.11
C ALA G 229 27.23 -18.46 18.45
N HIS G 230 28.00 -19.46 18.90
CA HIS G 230 29.34 -19.71 18.39
C HIS G 230 29.38 -20.47 17.04
N ALA G 231 28.22 -20.95 16.58
CA ALA G 231 28.12 -21.60 15.27
C ALA G 231 28.43 -20.62 14.12
N SER G 232 28.00 -19.37 14.27
CA SER G 232 28.41 -18.31 13.35
C SER G 232 29.83 -17.83 13.69
N PRO G 233 30.65 -17.61 12.63
CA PRO G 233 31.97 -17.01 12.87
C PRO G 233 31.87 -15.55 13.32
N LEU G 234 30.65 -15.01 13.34
CA LEU G 234 30.38 -13.69 13.92
C LEU G 234 30.10 -13.79 15.42
N HIS G 235 29.96 -15.02 15.91
CA HIS G 235 29.79 -15.29 17.34
C HIS G 235 28.61 -14.52 17.96
N ARG G 236 27.47 -14.61 17.29
CA ARG G 236 26.19 -14.22 17.88
C ARG G 236 25.11 -15.16 17.35
N ASN G 237 23.96 -15.15 18.00
CA ASN G 237 22.79 -15.88 17.56
C ASN G 237 22.18 -15.22 16.33
N GLY G 238 21.46 -16.02 15.55
CA GLY G 238 20.46 -15.49 14.62
C GLY G 238 19.24 -15.01 15.39
N TRP G 239 18.62 -13.94 14.90
CA TRP G 239 17.45 -13.36 15.54
C TRP G 239 16.37 -13.13 14.50
N PRO G 240 15.10 -13.11 14.94
CA PRO G 240 13.99 -12.84 14.03
C PRO G 240 14.27 -11.63 13.12
N GLN G 241 14.88 -10.56 13.64
CA GLN G 241 15.14 -9.36 12.84
C GLN G 241 16.08 -9.63 11.66
N ASP G 242 17.04 -10.53 11.87
CA ASP G 242 17.95 -10.97 10.80
C ASP G 242 17.18 -11.52 9.60
N VAL G 243 16.18 -12.38 9.87
CA VAL G 243 15.39 -12.99 8.78
C VAL G 243 14.53 -11.91 8.13
N ALA G 244 13.94 -11.05 8.97
CA ALA G 244 13.13 -9.93 8.50
C ALA G 244 13.91 -9.00 7.56
N ASN G 245 15.15 -8.68 7.92
CA ASN G 245 16.04 -7.82 7.11
C ASN G 245 16.19 -8.37 5.69
N VAL G 246 16.43 -9.68 5.59
CA VAL G 246 16.59 -10.34 4.29
C VAL G 246 15.26 -10.43 3.52
N VAL G 247 14.18 -10.77 4.22
CA VAL G 247 12.85 -10.84 3.58
C VAL G 247 12.48 -9.47 3.00
N GLY G 248 12.70 -8.42 3.79
CA GLY G 248 12.44 -7.04 3.36
C GLY G 248 13.16 -6.68 2.07
N PHE G 249 14.40 -7.16 1.93
CA PHE G 249 15.16 -6.93 0.70
C PHE G 249 14.59 -7.75 -0.47
N LEU G 250 14.32 -9.02 -0.24
CA LEU G 250 13.79 -9.87 -1.31
C LEU G 250 12.48 -9.32 -1.88
N VAL G 251 11.63 -8.75 -1.02
CA VAL G 251 10.31 -8.27 -1.45
C VAL G 251 10.33 -6.84 -1.97
N SER G 252 11.50 -6.22 -1.95
CA SER G 252 11.66 -4.87 -2.46
C SER G 252 11.86 -4.90 -3.97
N LYS G 253 11.83 -3.73 -4.59
CA LYS G 253 12.16 -3.60 -6.00
C LYS G 253 13.60 -4.02 -6.27
N GLU G 254 14.50 -3.68 -5.35
CA GLU G 254 15.92 -3.98 -5.49
C GLU G 254 16.24 -5.47 -5.44
N GLY G 255 15.32 -6.26 -4.91
CA GLY G 255 15.53 -7.71 -4.78
C GLY G 255 15.11 -8.54 -5.98
N GLU G 256 14.60 -7.90 -7.03
CA GLU G 256 13.94 -8.61 -8.13
C GLU G 256 14.80 -9.67 -8.81
N TRP G 257 16.09 -9.41 -8.96
CA TRP G 257 16.95 -10.33 -9.69
C TRP G 257 17.39 -11.56 -8.89
N VAL G 258 17.07 -11.57 -7.60
CA VAL G 258 17.10 -12.79 -6.80
C VAL G 258 15.71 -13.41 -6.97
N ASN G 259 15.67 -14.57 -7.63
CA ASN G 259 14.42 -15.20 -8.02
C ASN G 259 14.64 -16.71 -8.15
N GLY G 260 13.73 -17.48 -7.55
CA GLY G 260 13.84 -18.94 -7.55
C GLY G 260 14.95 -19.48 -6.65
N LYS G 261 15.38 -18.67 -5.68
CA LYS G 261 16.54 -19.02 -4.85
C LYS G 261 16.22 -19.27 -3.39
N VAL G 262 17.05 -20.08 -2.75
CA VAL G 262 16.94 -20.33 -1.31
C VAL G 262 18.17 -19.72 -0.65
N LEU G 263 17.96 -18.70 0.18
CA LEU G 263 19.07 -18.05 0.91
C LEU G 263 19.17 -18.60 2.34
N THR G 264 20.28 -19.26 2.64
CA THR G 264 20.52 -19.76 4.00
C THR G 264 20.97 -18.61 4.88
N LEU G 265 20.26 -18.40 5.99
CA LEU G 265 20.54 -17.25 6.86
C LEU G 265 21.02 -17.74 8.22
N ASP G 266 22.33 -17.97 8.33
CA ASP G 266 22.93 -18.56 9.52
C ASP G 266 24.19 -17.81 9.96
N GLY G 267 24.37 -16.59 9.45
CA GLY G 267 25.53 -15.77 9.82
C GLY G 267 26.88 -16.34 9.45
N GLY G 268 26.92 -17.26 8.49
CA GLY G 268 28.18 -17.83 8.01
C GLY G 268 28.57 -19.16 8.65
N ALA G 269 27.62 -19.77 9.35
CA ALA G 269 27.83 -21.06 10.04
C ALA G 269 28.17 -22.20 9.08
N ALA G 270 27.39 -22.33 8.00
CA ALA G 270 27.54 -23.44 7.04
C ALA G 270 28.95 -23.51 6.46
N THR H 10 33.19 -68.84 -1.64
CA THR H 10 34.12 -67.70 -1.37
C THR H 10 33.63 -66.41 -2.03
N TYR H 11 33.89 -65.29 -1.36
CA TYR H 11 33.34 -63.99 -1.75
C TYR H 11 33.88 -63.44 -3.08
N ILE H 12 32.96 -63.07 -3.97
CA ILE H 12 33.29 -62.42 -5.25
C ILE H 12 32.96 -60.92 -5.16
N PRO H 13 33.96 -60.05 -5.40
CA PRO H 13 33.75 -58.58 -5.33
C PRO H 13 32.71 -58.07 -6.31
N GLY H 14 31.79 -57.24 -5.82
CA GLY H 14 30.72 -56.66 -6.63
C GLY H 14 29.42 -57.46 -6.59
N ARG H 15 29.51 -58.73 -6.18
CA ARG H 15 28.33 -59.61 -6.19
C ARG H 15 27.52 -59.52 -4.90
N LEU H 16 26.31 -60.09 -4.94
CA LEU H 16 25.38 -60.07 -3.81
C LEU H 16 24.94 -61.48 -3.40
N ASP H 17 25.83 -62.45 -3.57
CA ASP H 17 25.50 -63.83 -3.20
C ASP H 17 25.19 -63.95 -1.71
N GLY H 18 24.14 -64.72 -1.39
CA GLY H 18 23.67 -64.86 -0.01
C GLY H 18 22.86 -63.68 0.52
N LYS H 19 22.62 -62.67 -0.32
CA LYS H 19 21.88 -61.50 0.09
C LYS H 19 20.41 -61.55 -0.34
N VAL H 20 19.57 -60.79 0.37
CA VAL H 20 18.15 -60.68 0.03
C VAL H 20 17.81 -59.20 -0.17
N ALA H 21 17.11 -58.94 -1.27
CA ALA H 21 16.80 -57.58 -1.68
C ALA H 21 15.29 -57.44 -1.91
N LEU H 22 14.78 -56.23 -1.70
CA LEU H 22 13.40 -55.87 -1.98
C LEU H 22 13.40 -54.59 -2.81
N VAL H 23 12.55 -54.55 -3.83
CA VAL H 23 12.41 -53.38 -4.68
C VAL H 23 10.93 -53.05 -4.84
N THR H 24 10.52 -51.87 -4.40
CA THR H 24 9.12 -51.46 -4.59
C THR H 24 8.88 -51.07 -6.04
N GLY H 25 7.70 -51.45 -6.53
CA GLY H 25 7.30 -51.14 -7.91
C GLY H 25 8.24 -51.72 -8.94
N SER H 26 8.62 -52.98 -8.75
CA SER H 26 9.60 -53.63 -9.63
C SER H 26 8.97 -54.56 -10.68
N GLY H 27 7.67 -54.40 -10.91
CA GLY H 27 6.98 -55.14 -11.98
C GLY H 27 7.31 -54.60 -13.37
N ARG H 28 7.70 -53.32 -13.45
CA ARG H 28 7.98 -52.65 -14.72
C ARG H 28 8.84 -51.40 -14.53
N GLY H 29 9.31 -50.83 -15.62
CA GLY H 29 10.11 -49.59 -15.58
C GLY H 29 11.48 -49.78 -14.94
N ILE H 30 11.92 -48.78 -14.17
CA ILE H 30 13.24 -48.80 -13.55
C ILE H 30 13.32 -49.91 -12.49
N GLY H 31 12.25 -50.06 -11.70
CA GLY H 31 12.23 -51.08 -10.65
C GLY H 31 12.48 -52.48 -11.18
N ALA H 32 11.86 -52.81 -12.30
CA ALA H 32 12.05 -54.10 -12.97
C ALA H 32 13.52 -54.34 -13.33
N ALA H 33 14.16 -53.34 -13.96
CA ALA H 33 15.56 -53.47 -14.34
C ALA H 33 16.46 -53.61 -13.13
N VAL H 34 16.12 -52.88 -12.07
CA VAL H 34 16.84 -52.96 -10.80
C VAL H 34 16.73 -54.36 -10.18
N ALA H 35 15.50 -54.87 -10.09
CA ALA H 35 15.24 -56.18 -9.51
C ALA H 35 15.98 -57.31 -10.25
N VAL H 36 15.87 -57.34 -11.58
CA VAL H 36 16.56 -58.36 -12.40
C VAL H 36 18.09 -58.26 -12.24
N HIS H 37 18.61 -57.05 -12.19
CA HIS H 37 20.04 -56.81 -12.04
C HIS H 37 20.56 -57.31 -10.69
N LEU H 38 19.83 -57.04 -9.61
CA LEU H 38 20.22 -57.51 -8.27
C LEU H 38 20.17 -59.03 -8.15
N GLY H 39 19.21 -59.65 -8.83
CA GLY H 39 19.16 -61.11 -8.95
C GLY H 39 20.35 -61.62 -9.73
N ARG H 40 20.69 -60.92 -10.81
CA ARG H 40 21.86 -61.24 -11.65
C ARG H 40 23.14 -61.21 -10.82
N LEU H 41 23.22 -60.25 -9.90
CA LEU H 41 24.35 -60.10 -8.99
C LEU H 41 24.38 -61.18 -7.90
N GLY H 42 23.30 -61.95 -7.80
CA GLY H 42 23.25 -63.09 -6.87
C GLY H 42 22.24 -62.99 -5.74
N ALA H 43 21.60 -61.83 -5.63
CA ALA H 43 20.62 -61.59 -4.59
C ALA H 43 19.31 -62.33 -4.87
N LYS H 44 18.65 -62.80 -3.81
CA LYS H 44 17.25 -63.22 -3.90
C LYS H 44 16.40 -61.97 -3.74
N VAL H 45 15.34 -61.85 -4.53
CA VAL H 45 14.66 -60.57 -4.68
C VAL H 45 13.17 -60.64 -4.35
N VAL H 46 12.71 -59.71 -3.53
CA VAL H 46 11.27 -59.53 -3.35
C VAL H 46 10.78 -58.50 -4.35
N VAL H 47 9.96 -58.96 -5.30
CA VAL H 47 9.41 -58.10 -6.35
C VAL H 47 8.07 -57.54 -5.91
N ASN H 48 8.06 -56.28 -5.50
CA ASN H 48 6.82 -55.63 -5.10
C ASN H 48 6.10 -54.95 -6.26
N TYR H 49 4.78 -55.04 -6.25
CA TYR H 49 3.93 -54.36 -7.22
C TYR H 49 2.67 -53.90 -6.51
N ALA H 50 1.94 -52.96 -7.14
CA ALA H 50 0.60 -52.56 -6.66
C ALA H 50 -0.52 -53.02 -7.59
N ASN H 51 -0.26 -53.01 -8.90
CA ASN H 51 -1.29 -53.30 -9.90
C ASN H 51 -0.84 -54.28 -10.98
N SER H 52 0.45 -54.28 -11.29
CA SER H 52 0.98 -55.01 -12.45
C SER H 52 1.39 -56.44 -12.14
N THR H 53 0.39 -57.30 -11.93
CA THR H 53 0.60 -58.69 -11.50
C THR H 53 1.39 -59.55 -12.49
N LYS H 54 0.93 -59.61 -13.74
CA LYS H 54 1.58 -60.44 -14.76
C LYS H 54 3.01 -59.98 -15.03
N ASP H 55 3.22 -58.67 -15.03
CA ASP H 55 4.54 -58.07 -15.19
C ASP H 55 5.48 -58.48 -14.06
N ALA H 56 4.99 -58.37 -12.81
CA ALA H 56 5.77 -58.72 -11.63
C ALA H 56 6.17 -60.19 -11.69
N GLU H 57 5.25 -61.03 -12.14
CA GLU H 57 5.51 -62.46 -12.23
C GLU H 57 6.52 -62.78 -13.33
N LYS H 58 6.46 -62.05 -14.44
CA LYS H 58 7.50 -62.12 -15.47
C LYS H 58 8.89 -61.75 -14.94
N VAL H 59 8.95 -60.74 -14.09
CA VAL H 59 10.22 -60.33 -13.46
C VAL H 59 10.74 -61.43 -12.52
N VAL H 60 9.81 -62.04 -11.77
CA VAL H 60 10.14 -63.20 -10.92
C VAL H 60 10.74 -64.35 -11.75
N SER H 61 10.08 -64.71 -12.84
CA SER H 61 10.55 -65.80 -13.72
C SER H 61 11.92 -65.50 -14.30
N GLU H 62 12.14 -64.23 -14.63
CA GLU H 62 13.39 -63.76 -15.22
C GLU H 62 14.57 -63.94 -14.26
N ILE H 63 14.33 -63.62 -12.98
CA ILE H 63 15.33 -63.77 -11.91
C ILE H 63 15.60 -65.25 -11.62
N LYS H 64 14.55 -66.05 -11.56
CA LYS H 64 14.70 -67.50 -11.38
C LYS H 64 15.50 -68.12 -12.53
N ALA H 65 15.22 -67.65 -13.75
CA ALA H 65 15.89 -68.17 -14.95
C ALA H 65 17.40 -67.93 -14.95
N LEU H 66 17.84 -66.84 -14.33
CA LEU H 66 19.28 -66.59 -14.23
C LEU H 66 19.95 -67.22 -13.00
N GLY H 67 19.26 -68.14 -12.32
CA GLY H 67 19.85 -68.93 -11.26
C GLY H 67 19.66 -68.43 -9.83
N SER H 68 18.90 -67.35 -9.67
CA SER H 68 18.55 -66.88 -8.34
C SER H 68 17.11 -67.23 -8.00
N ASP H 69 16.55 -66.61 -6.97
CA ASP H 69 15.16 -66.84 -6.56
C ASP H 69 14.46 -65.51 -6.27
N ALA H 70 13.15 -65.48 -6.49
CA ALA H 70 12.36 -64.27 -6.28
C ALA H 70 10.92 -64.63 -5.95
N ILE H 71 10.23 -63.70 -5.29
CA ILE H 71 8.80 -63.83 -5.03
C ILE H 71 8.15 -62.47 -5.27
N ALA H 72 6.97 -62.46 -5.88
CA ALA H 72 6.23 -61.22 -6.10
C ALA H 72 5.23 -61.01 -4.96
N ILE H 73 5.30 -59.84 -4.32
CA ILE H 73 4.38 -59.50 -3.24
C ILE H 73 3.64 -58.20 -3.55
N LYS H 74 2.31 -58.25 -3.48
CA LYS H 74 1.45 -57.10 -3.74
C LYS H 74 1.29 -56.21 -2.50
N ALA H 75 1.60 -54.93 -2.66
CA ALA H 75 1.47 -53.95 -1.58
C ALA H 75 1.38 -52.54 -2.16
N ASP H 76 0.33 -51.82 -1.76
CA ASP H 76 0.17 -50.41 -2.10
C ASP H 76 1.03 -49.57 -1.15
N ILE H 77 2.08 -48.97 -1.69
CA ILE H 77 3.12 -48.31 -0.88
C ILE H 77 2.61 -46.99 -0.25
N ARG H 78 1.47 -46.50 -0.74
CA ARG H 78 0.78 -45.36 -0.12
C ARG H 78 0.28 -45.72 1.28
N GLN H 79 0.02 -47.00 1.52
CA GLN H 79 -0.52 -47.47 2.80
C GLN H 79 0.56 -48.05 3.70
N VAL H 80 0.86 -47.33 4.78
CA VAL H 80 1.90 -47.73 5.74
C VAL H 80 1.70 -49.15 6.30
N PRO H 81 0.46 -49.51 6.73
CA PRO H 81 0.27 -50.90 7.16
C PRO H 81 0.60 -51.94 6.09
N GLU H 82 0.40 -51.59 4.82
CA GLU H 82 0.78 -52.48 3.72
C GLU H 82 2.31 -52.54 3.51
N ILE H 83 3.01 -51.43 3.76
CA ILE H 83 4.49 -51.45 3.75
C ILE H 83 4.99 -52.39 4.84
N VAL H 84 4.46 -52.24 6.05
CA VAL H 84 4.77 -53.15 7.17
C VAL H 84 4.57 -54.62 6.78
N LYS H 85 3.39 -54.94 6.25
CA LYS H 85 3.03 -56.31 5.85
C LYS H 85 4.02 -56.87 4.84
N LEU H 86 4.34 -56.05 3.83
CA LEU H 86 5.30 -56.38 2.79
C LEU H 86 6.67 -56.78 3.36
N PHE H 87 7.19 -55.97 4.28
CA PHE H 87 8.48 -56.24 4.92
C PHE H 87 8.46 -57.43 5.87
N ASP H 88 7.36 -57.60 6.61
CA ASP H 88 7.15 -58.80 7.42
C ASP H 88 7.17 -60.07 6.56
N GLN H 89 6.49 -60.01 5.42
CA GLN H 89 6.38 -61.17 4.52
C GLN H 89 7.70 -61.47 3.84
N ALA H 90 8.43 -60.42 3.45
CA ALA H 90 9.78 -60.54 2.92
C ALA H 90 10.70 -61.29 3.89
N VAL H 91 10.71 -60.85 5.14
CA VAL H 91 11.51 -61.47 6.20
C VAL H 91 11.03 -62.90 6.45
N ALA H 92 9.71 -63.11 6.51
CA ALA H 92 9.16 -64.45 6.74
C ALA H 92 9.54 -65.42 5.63
N HIS H 93 9.49 -64.96 4.39
CA HIS H 93 9.73 -65.85 3.25
C HIS H 93 11.19 -66.27 3.09
N PHE H 94 12.09 -65.29 3.09
CA PHE H 94 13.50 -65.54 2.80
C PHE H 94 14.39 -65.69 4.05
N GLY H 95 13.81 -65.44 5.22
CA GLY H 95 14.55 -65.57 6.48
C GLY H 95 15.12 -64.25 6.99
N HIS H 96 15.60 -63.42 6.06
CA HIS H 96 16.17 -62.10 6.38
C HIS H 96 16.08 -61.13 5.20
N LEU H 97 16.38 -59.85 5.45
CA LEU H 97 16.42 -58.85 4.39
C LEU H 97 17.62 -57.92 4.58
N ASP H 98 18.40 -57.74 3.51
CA ASP H 98 19.64 -56.98 3.59
C ASP H 98 19.55 -55.65 2.85
N ILE H 99 18.74 -55.64 1.79
CA ILE H 99 18.71 -54.56 0.81
C ILE H 99 17.27 -54.11 0.50
N ALA H 100 17.01 -52.80 0.60
CA ALA H 100 15.71 -52.25 0.20
C ALA H 100 15.87 -51.09 -0.78
N VAL H 101 15.26 -51.22 -1.94
CA VAL H 101 15.25 -50.17 -2.94
C VAL H 101 13.83 -49.63 -3.08
N SER H 102 13.65 -48.39 -2.67
CA SER H 102 12.39 -47.67 -2.80
C SER H 102 12.39 -46.98 -4.15
N ASN H 103 11.58 -47.51 -5.07
CA ASN H 103 11.55 -47.05 -6.46
C ASN H 103 10.20 -46.50 -6.91
N SER H 104 9.12 -47.02 -6.31
CA SER H 104 7.75 -46.64 -6.70
C SER H 104 7.54 -45.13 -6.72
N GLY H 105 6.89 -44.65 -7.78
CA GLY H 105 6.67 -43.22 -7.93
C GLY H 105 5.71 -42.88 -9.03
N VAL H 106 5.08 -41.71 -8.92
CA VAL H 106 4.21 -41.18 -9.97
C VAL H 106 4.67 -39.79 -10.37
N VAL H 107 4.47 -39.46 -11.64
CA VAL H 107 4.84 -38.14 -12.14
C VAL H 107 3.60 -37.25 -12.20
N SER H 108 3.82 -35.93 -12.20
CA SER H 108 2.74 -34.96 -12.26
C SER H 108 3.26 -33.68 -12.91
N PHE H 109 2.44 -33.07 -13.75
CA PHE H 109 2.70 -31.74 -14.29
C PHE H 109 1.47 -30.87 -14.11
N GLY H 110 1.70 -29.58 -13.90
CA GLY H 110 0.64 -28.59 -13.89
C GLY H 110 1.16 -27.28 -13.30
N HIS H 111 0.70 -26.17 -13.86
CA HIS H 111 1.01 -24.85 -13.33
C HIS H 111 0.58 -24.80 -11.85
N LEU H 112 1.42 -24.20 -11.01
CA LEU H 112 1.07 -23.94 -9.61
C LEU H 112 -0.39 -23.54 -9.41
N LYS H 113 -0.87 -22.63 -10.23
CA LYS H 113 -2.21 -22.06 -10.07
C LYS H 113 -3.33 -23.11 -10.09
N ASP H 114 -3.07 -24.26 -10.73
CA ASP H 114 -4.10 -25.26 -11.00
C ASP H 114 -3.99 -26.51 -10.14
N VAL H 115 -2.95 -26.59 -9.31
CA VAL H 115 -2.70 -27.78 -8.52
C VAL H 115 -3.74 -27.94 -7.40
N THR H 116 -4.39 -29.09 -7.35
CA THR H 116 -5.47 -29.30 -6.38
C THR H 116 -4.93 -30.03 -5.14
N GLU H 117 -5.69 -29.98 -4.06
CA GLU H 117 -5.43 -30.81 -2.88
C GLU H 117 -5.26 -32.29 -3.24
N GLU H 118 -6.18 -32.81 -4.05
CA GLU H 118 -6.18 -34.21 -4.46
C GLU H 118 -4.89 -34.60 -5.19
N GLU H 119 -4.47 -33.76 -6.13
CA GLU H 119 -3.23 -34.02 -6.86
C GLU H 119 -1.98 -33.94 -5.96
N PHE H 120 -1.92 -32.94 -5.09
CA PHE H 120 -0.80 -32.84 -4.14
C PHE H 120 -0.68 -34.15 -3.36
N ASP H 121 -1.82 -34.58 -2.80
CA ASP H 121 -1.87 -35.77 -1.97
C ASP H 121 -1.60 -37.05 -2.73
N ARG H 122 -2.08 -37.15 -3.97
CA ARG H 122 -1.78 -38.28 -4.85
C ARG H 122 -0.26 -38.47 -5.02
N VAL H 123 0.43 -37.37 -5.29
CA VAL H 123 1.86 -37.40 -5.55
C VAL H 123 2.67 -37.64 -4.27
N PHE H 124 2.44 -36.83 -3.24
CA PHE H 124 3.23 -36.91 -2.00
C PHE H 124 3.07 -38.20 -1.22
N SER H 125 1.85 -38.74 -1.19
CA SER H 125 1.58 -39.97 -0.45
C SER H 125 2.44 -41.14 -0.93
N LEU H 126 2.74 -41.17 -2.24
CA LEU H 126 3.60 -42.21 -2.80
C LEU H 126 5.07 -41.81 -2.81
N ASN H 127 5.36 -40.70 -3.46
CA ASN H 127 6.73 -40.27 -3.77
C ASN H 127 7.55 -39.89 -2.56
N THR H 128 6.87 -39.41 -1.54
CA THR H 128 7.53 -38.79 -0.40
C THR H 128 7.20 -39.54 0.89
N ARG H 129 5.94 -39.48 1.29
CA ARG H 129 5.44 -40.21 2.47
C ARG H 129 5.70 -41.72 2.33
N GLY H 130 5.36 -42.29 1.18
CA GLY H 130 5.53 -43.73 0.94
C GLY H 130 6.98 -44.14 1.05
N GLN H 131 7.88 -43.36 0.42
CA GLN H 131 9.31 -43.68 0.46
C GLN H 131 9.87 -43.53 1.86
N PHE H 132 9.38 -42.54 2.60
CA PHE H 132 9.80 -42.33 3.98
C PHE H 132 9.54 -43.59 4.81
N PHE H 133 8.34 -44.15 4.70
CA PHE H 133 7.97 -45.30 5.52
C PHE H 133 8.52 -46.62 4.98
N VAL H 134 8.87 -46.65 3.70
CA VAL H 134 9.64 -47.78 3.17
C VAL H 134 11.01 -47.82 3.86
N ALA H 135 11.63 -46.65 4.02
CA ALA H 135 12.90 -46.51 4.73
C ALA H 135 12.76 -46.88 6.20
N ARG H 136 11.67 -46.45 6.83
CA ARG H 136 11.40 -46.82 8.22
C ARG H 136 11.32 -48.34 8.36
N GLU H 137 10.44 -48.97 7.60
CA GLU H 137 10.30 -50.43 7.65
C GLU H 137 11.57 -51.19 7.23
N ALA H 138 12.33 -50.62 6.29
CA ALA H 138 13.64 -51.14 5.94
C ALA H 138 14.57 -51.13 7.14
N TYR H 139 14.68 -49.99 7.81
CA TYR H 139 15.52 -49.91 9.01
C TYR H 139 15.10 -50.97 10.03
N ARG H 140 13.80 -51.07 10.26
CA ARG H 140 13.24 -51.97 11.27
C ARG H 140 13.48 -53.44 10.95
N HIS H 141 13.54 -53.81 9.67
CA HIS H 141 13.61 -55.22 9.27
C HIS H 141 15.01 -55.69 8.85
N LEU H 142 15.87 -54.76 8.47
CA LEU H 142 17.16 -55.10 7.87
C LEU H 142 18.19 -55.69 8.82
N THR H 143 19.05 -56.53 8.27
CA THR H 143 20.22 -57.08 8.95
C THR H 143 21.28 -55.99 9.07
N GLU H 144 22.16 -56.12 10.05
CA GLU H 144 23.32 -55.23 10.20
C GLU H 144 24.11 -55.17 8.90
N GLY H 145 24.59 -53.98 8.55
CA GLY H 145 25.42 -53.82 7.35
C GLY H 145 24.60 -53.72 6.08
N GLY H 146 23.30 -53.51 6.24
CA GLY H 146 22.36 -53.48 5.12
C GLY H 146 22.48 -52.23 4.27
N ARG H 147 21.51 -52.09 3.36
CA ARG H 147 21.51 -51.04 2.34
C ARG H 147 20.10 -50.58 2.04
N ILE H 148 19.88 -49.27 2.11
CA ILE H 148 18.62 -48.65 1.73
C ILE H 148 18.90 -47.63 0.62
N VAL H 149 18.14 -47.70 -0.47
CA VAL H 149 18.24 -46.74 -1.56
C VAL H 149 16.86 -46.20 -1.92
N LEU H 150 16.70 -44.87 -1.89
CA LEU H 150 15.45 -44.26 -2.33
C LEU H 150 15.63 -43.67 -3.71
N THR H 151 14.53 -43.24 -4.32
CA THR H 151 14.57 -42.70 -5.67
C THR H 151 14.08 -41.24 -5.72
N SER H 152 14.97 -40.38 -6.24
CA SER H 152 14.70 -38.97 -6.43
C SER H 152 14.56 -38.72 -7.93
N SER H 153 15.11 -37.60 -8.40
CA SER H 153 15.02 -37.21 -9.81
C SER H 153 15.99 -36.08 -10.06
N ASN H 154 16.47 -35.96 -11.30
CA ASN H 154 17.24 -34.76 -11.66
C ASN H 154 16.43 -33.46 -11.47
N THR H 155 15.11 -33.57 -11.42
CA THR H 155 14.25 -32.37 -11.36
C THR H 155 14.13 -31.85 -9.93
N SER H 156 14.62 -32.63 -8.96
CA SER H 156 14.71 -32.17 -7.58
C SER H 156 15.58 -30.89 -7.41
N LYS H 157 16.82 -30.95 -7.91
CA LYS H 157 17.77 -29.84 -7.79
C LYS H 157 18.43 -29.46 -9.12
N ASP H 158 18.71 -30.46 -9.96
CA ASP H 158 19.62 -30.24 -11.11
C ASP H 158 19.00 -29.75 -12.40
N PHE H 159 17.67 -29.80 -12.49
CA PHE H 159 16.95 -29.51 -13.75
C PHE H 159 15.64 -28.81 -13.42
N SER H 160 15.38 -27.67 -14.08
CA SER H 160 14.16 -26.92 -13.82
C SER H 160 13.20 -27.03 -14.99
N VAL H 161 12.00 -27.51 -14.71
CA VAL H 161 10.96 -27.64 -15.73
C VAL H 161 9.74 -26.87 -15.28
N PRO H 162 9.29 -25.89 -16.09
CA PRO H 162 8.04 -25.20 -15.76
C PRO H 162 6.91 -26.20 -15.53
N LYS H 163 5.98 -25.84 -14.64
CA LYS H 163 4.78 -26.64 -14.33
C LYS H 163 5.12 -27.99 -13.69
N HIS H 164 6.26 -28.04 -13.02
CA HIS H 164 6.74 -29.30 -12.47
C HIS H 164 7.05 -29.17 -10.98
N SER H 165 6.42 -28.19 -10.31
CA SER H 165 6.78 -27.90 -8.92
C SER H 165 6.43 -28.99 -7.93
N LEU H 166 5.24 -29.56 -8.09
CA LEU H 166 4.75 -30.59 -7.18
C LEU H 166 5.67 -31.81 -7.15
N TYR H 167 5.98 -32.34 -8.33
CA TYR H 167 6.86 -33.49 -8.44
C TYR H 167 8.28 -33.16 -7.99
N SER H 168 8.82 -32.03 -8.45
CA SER H 168 10.19 -31.61 -8.08
C SER H 168 10.34 -31.55 -6.56
N GLY H 169 9.35 -30.91 -5.94
CA GLY H 169 9.24 -30.86 -4.50
C GLY H 169 9.14 -32.21 -3.83
N SER H 170 8.36 -33.13 -4.41
CA SER H 170 8.23 -34.47 -3.83
C SER H 170 9.58 -35.16 -3.70
N LYS H 171 10.45 -34.92 -4.68
CA LYS H 171 11.77 -35.54 -4.67
C LYS H 171 12.79 -34.72 -3.86
N GLY H 172 12.62 -33.40 -3.84
CA GLY H 172 13.50 -32.54 -3.03
C GLY H 172 13.48 -33.03 -1.58
N ALA H 173 12.29 -33.38 -1.10
CA ALA H 173 12.13 -33.95 0.24
C ALA H 173 12.93 -35.24 0.46
N VAL H 174 12.89 -36.14 -0.53
CA VAL H 174 13.65 -37.39 -0.49
C VAL H 174 15.16 -37.13 -0.37
N ASP H 175 15.66 -36.13 -1.10
CA ASP H 175 17.08 -35.76 -1.00
C ASP H 175 17.50 -35.45 0.43
N SER H 176 16.72 -34.62 1.11
CA SER H 176 17.00 -34.29 2.50
C SER H 176 16.86 -35.53 3.40
N PHE H 177 15.78 -36.32 3.19
CA PHE H 177 15.59 -37.58 3.93
C PHE H 177 16.87 -38.43 3.99
N VAL H 178 17.44 -38.73 2.82
CA VAL H 178 18.52 -39.74 2.80
C VAL H 178 19.77 -39.29 3.54
N ARG H 179 20.04 -37.98 3.51
CA ARG H 179 21.20 -37.43 4.18
C ARG H 179 21.09 -37.66 5.69
N ILE H 180 19.89 -37.47 6.21
CA ILE H 180 19.64 -37.61 7.65
C ILE H 180 19.40 -39.08 8.03
N PHE H 181 18.67 -39.80 7.17
CA PHE H 181 18.51 -41.26 7.34
C PHE H 181 19.85 -41.96 7.54
N SER H 182 20.89 -41.52 6.83
CA SER H 182 22.22 -42.15 6.94
C SER H 182 22.77 -42.06 8.35
N LYS H 183 22.43 -40.98 9.04
CA LYS H 183 22.84 -40.77 10.43
C LYS H 183 22.13 -41.77 11.35
N ASP H 184 20.81 -41.86 11.22
CA ASP H 184 20.00 -42.74 12.05
C ASP H 184 20.30 -44.21 11.78
N CYS H 185 20.40 -44.57 10.51
CA CYS H 185 20.56 -45.97 10.10
C CYS H 185 21.99 -46.48 10.32
N GLY H 186 22.90 -45.57 10.68
CA GLY H 186 24.26 -45.91 11.03
C GLY H 186 24.40 -46.77 12.28
N ASP H 187 23.43 -46.68 13.19
CA ASP H 187 23.51 -47.52 14.41
C ASP H 187 23.26 -49.01 14.14
N LYS H 188 22.82 -49.33 12.93
CA LYS H 188 22.78 -50.71 12.43
C LYS H 188 23.73 -50.90 11.23
N LYS H 189 24.63 -49.95 11.04
CA LYS H 189 25.57 -49.92 9.90
C LYS H 189 24.88 -50.05 8.54
N ILE H 190 23.65 -49.54 8.46
CA ILE H 190 22.93 -49.49 7.20
C ILE H 190 23.27 -48.16 6.50
N THR H 191 23.70 -48.24 5.24
CA THR H 191 23.89 -47.02 4.45
C THR H 191 22.58 -46.66 3.77
N VAL H 192 22.37 -45.38 3.52
CA VAL H 192 21.14 -44.89 2.91
C VAL H 192 21.52 -43.87 1.87
N ASN H 193 21.17 -44.15 0.61
CA ASN H 193 21.46 -43.24 -0.50
C ASN H 193 20.22 -43.05 -1.34
N ALA H 194 20.30 -42.15 -2.32
CA ALA H 194 19.24 -42.01 -3.30
C ALA H 194 19.87 -41.94 -4.68
N VAL H 195 19.16 -42.48 -5.66
CA VAL H 195 19.50 -42.26 -7.07
C VAL H 195 18.49 -41.26 -7.66
N ALA H 196 19.01 -40.31 -8.44
CA ALA H 196 18.19 -39.24 -9.03
C ALA H 196 18.32 -39.32 -10.56
N PRO H 197 17.50 -40.18 -11.19
CA PRO H 197 17.59 -40.31 -12.64
C PRO H 197 17.20 -39.04 -13.38
N GLY H 198 17.88 -38.80 -14.50
CA GLY H 198 17.35 -37.91 -15.52
C GLY H 198 16.32 -38.65 -16.38
N GLY H 199 16.05 -38.14 -17.57
CA GLY H 199 15.11 -38.77 -18.49
C GLY H 199 15.55 -40.21 -18.77
N THR H 200 14.72 -41.15 -18.31
CA THR H 200 15.00 -42.58 -18.40
C THR H 200 13.82 -43.25 -19.07
N VAL H 201 14.09 -43.97 -20.16
CA VAL H 201 13.04 -44.44 -21.05
C VAL H 201 12.20 -45.55 -20.39
N THR H 202 10.97 -45.17 -20.01
CA THR H 202 9.97 -46.05 -19.40
C THR H 202 8.62 -45.49 -19.80
N ASP H 203 7.52 -46.10 -19.34
CA ASP H 203 6.17 -45.55 -19.50
C ASP H 203 6.05 -44.11 -18.98
N MET H 204 6.68 -43.82 -17.85
CA MET H 204 6.64 -42.46 -17.29
C MET H 204 7.26 -41.42 -18.23
N PHE H 205 8.42 -41.77 -18.80
CA PHE H 205 9.13 -40.89 -19.74
C PHE H 205 8.23 -40.45 -20.90
N HIS H 206 7.60 -41.41 -21.58
CA HIS H 206 6.77 -41.10 -22.76
C HIS H 206 5.55 -40.23 -22.45
N GLU H 207 4.98 -40.41 -21.26
CA GLU H 207 3.82 -39.64 -20.81
C GLU H 207 4.11 -38.14 -20.66
N VAL H 208 5.37 -37.80 -20.34
CA VAL H 208 5.72 -36.41 -19.99
C VAL H 208 6.83 -35.78 -20.84
N SER H 209 7.45 -36.58 -21.71
CA SER H 209 8.61 -36.11 -22.50
C SER H 209 8.31 -34.86 -23.32
N HIS H 210 7.03 -34.57 -23.55
CA HIS H 210 6.64 -33.37 -24.30
C HIS H 210 6.92 -32.08 -23.53
N HIS H 211 7.19 -32.20 -22.23
CA HIS H 211 7.58 -31.06 -21.41
C HIS H 211 9.06 -30.72 -21.53
N TYR H 212 9.83 -31.59 -22.20
CA TYR H 212 11.28 -31.41 -22.29
C TYR H 212 11.72 -30.79 -23.62
N ILE H 213 10.78 -30.59 -24.54
CA ILE H 213 11.06 -30.01 -25.86
C ILE H 213 10.16 -28.77 -26.06
N PRO H 214 10.70 -27.68 -26.68
CA PRO H 214 9.97 -26.43 -26.93
C PRO H 214 8.45 -26.57 -27.02
N ASN H 215 7.92 -26.92 -28.20
CA ASN H 215 6.53 -27.39 -28.31
C ASN H 215 6.51 -28.89 -28.60
N GLY H 216 6.79 -29.66 -27.55
CA GLY H 216 6.98 -31.10 -27.64
C GLY H 216 5.78 -31.90 -28.12
N THR H 217 4.58 -31.39 -27.88
CA THR H 217 3.33 -32.03 -28.32
C THR H 217 3.30 -32.18 -29.86
N SER H 218 4.13 -31.40 -30.54
CA SER H 218 4.18 -31.40 -32.00
C SER H 218 5.02 -32.55 -32.58
N TYR H 219 5.75 -33.26 -31.73
CA TYR H 219 6.57 -34.41 -32.14
C TYR H 219 6.00 -35.75 -31.65
N THR H 220 6.32 -36.83 -32.35
CA THR H 220 6.00 -38.18 -31.88
C THR H 220 6.83 -38.52 -30.64
N ALA H 221 6.35 -39.49 -29.87
CA ALA H 221 7.07 -40.00 -28.69
C ALA H 221 8.49 -40.40 -29.06
N GLU H 222 8.64 -41.06 -30.21
CA GLU H 222 9.94 -41.49 -30.70
C GLU H 222 10.84 -40.29 -31.00
N GLN H 223 10.27 -39.26 -31.64
CA GLN H 223 10.99 -38.03 -31.95
C GLN H 223 11.44 -37.27 -30.70
N ARG H 224 10.58 -37.22 -29.70
CA ARG H 224 10.94 -36.58 -28.43
C ARG H 224 12.06 -37.33 -27.70
N GLN H 225 12.05 -38.65 -27.84
CA GLN H 225 13.08 -39.52 -27.24
C GLN H 225 14.44 -39.32 -27.90
N GLN H 226 14.46 -39.31 -29.24
CA GLN H 226 15.70 -39.14 -30.01
C GLN H 226 16.31 -37.76 -29.77
N MET H 227 15.43 -36.76 -29.60
CA MET H 227 15.82 -35.41 -29.20
C MET H 227 16.35 -35.32 -27.77
N ALA H 228 15.70 -36.00 -26.83
CA ALA H 228 16.15 -36.02 -25.43
C ALA H 228 17.47 -36.79 -25.23
N ALA H 229 17.81 -37.65 -26.19
CA ALA H 229 19.09 -38.35 -26.18
C ALA H 229 20.27 -37.38 -26.23
N HIS H 230 20.06 -36.25 -26.88
CA HIS H 230 21.11 -35.26 -27.07
C HIS H 230 21.34 -34.38 -25.83
N ALA H 231 20.50 -34.55 -24.80
CA ALA H 231 20.69 -33.87 -23.52
C ALA H 231 21.99 -34.32 -22.81
N SER H 232 22.31 -35.61 -22.91
CA SER H 232 23.60 -36.12 -22.45
C SER H 232 24.69 -35.84 -23.49
N PRO H 233 25.90 -35.47 -23.03
CA PRO H 233 26.98 -35.27 -24.00
C PRO H 233 27.45 -36.61 -24.60
N LEU H 234 26.95 -37.72 -24.04
CA LEU H 234 27.16 -39.04 -24.61
C LEU H 234 26.18 -39.37 -25.73
N HIS H 235 25.19 -38.49 -25.94
CA HIS H 235 24.26 -38.57 -27.07
C HIS H 235 23.49 -39.91 -27.13
N ARG H 236 22.96 -40.31 -25.97
CA ARG H 236 22.00 -41.40 -25.90
C ARG H 236 21.04 -41.15 -24.74
N ASN H 237 19.94 -41.90 -24.70
CA ASN H 237 18.99 -41.80 -23.61
C ASN H 237 19.52 -42.54 -22.40
N GLY H 238 19.04 -42.15 -21.21
CA GLY H 238 19.13 -43.00 -20.03
C GLY H 238 18.17 -44.17 -20.14
N TRP H 239 18.56 -45.32 -19.59
CA TRP H 239 17.76 -46.54 -19.62
C TRP H 239 17.60 -47.11 -18.21
N PRO H 240 16.56 -47.92 -17.97
CA PRO H 240 16.45 -48.56 -16.66
C PRO H 240 17.74 -49.27 -16.20
N GLN H 241 18.43 -49.94 -17.13
CA GLN H 241 19.71 -50.60 -16.81
C GLN H 241 20.77 -49.64 -16.30
N ASP H 242 20.75 -48.39 -16.76
CA ASP H 242 21.67 -47.37 -16.21
C ASP H 242 21.47 -47.17 -14.71
N VAL H 243 20.21 -47.03 -14.28
CA VAL H 243 19.89 -46.88 -12.87
C VAL H 243 20.24 -48.17 -12.10
N ALA H 244 19.85 -49.31 -12.67
CA ALA H 244 20.17 -50.61 -12.08
C ALA H 244 21.68 -50.75 -11.84
N ASN H 245 22.48 -50.39 -12.85
CA ASN H 245 23.95 -50.47 -12.73
C ASN H 245 24.48 -49.75 -11.49
N VAL H 246 23.98 -48.54 -11.26
CA VAL H 246 24.44 -47.71 -10.13
C VAL H 246 23.93 -48.25 -8.78
N VAL H 247 22.64 -48.57 -8.73
CA VAL H 247 22.04 -49.20 -7.55
C VAL H 247 22.83 -50.46 -7.17
N GLY H 248 23.21 -51.26 -8.17
CA GLY H 248 23.96 -52.48 -7.95
C GLY H 248 25.25 -52.22 -7.19
N PHE H 249 25.95 -51.17 -7.57
CA PHE H 249 27.16 -50.75 -6.85
C PHE H 249 26.87 -50.25 -5.46
N LEU H 250 25.87 -49.38 -5.33
CA LEU H 250 25.56 -48.78 -4.04
C LEU H 250 25.22 -49.82 -2.99
N VAL H 251 24.51 -50.88 -3.39
CA VAL H 251 24.06 -51.90 -2.43
C VAL H 251 25.12 -52.98 -2.20
N SER H 252 26.22 -52.94 -2.96
CA SER H 252 27.33 -53.88 -2.76
C SER H 252 28.19 -53.49 -1.55
N LYS H 253 29.08 -54.40 -1.13
CA LYS H 253 30.08 -54.10 -0.10
C LYS H 253 30.94 -52.90 -0.52
N GLU H 254 31.34 -52.89 -1.79
CA GLU H 254 32.26 -51.90 -2.31
C GLU H 254 31.66 -50.49 -2.40
N GLY H 255 30.34 -50.37 -2.27
CA GLY H 255 29.65 -49.08 -2.29
C GLY H 255 29.50 -48.41 -0.93
N GLU H 256 29.99 -49.06 0.12
CA GLU H 256 29.75 -48.63 1.51
C GLU H 256 30.10 -47.17 1.84
N TRP H 257 31.17 -46.65 1.26
CA TRP H 257 31.63 -45.31 1.61
C TRP H 257 30.85 -44.17 0.92
N VAL H 258 30.03 -44.55 -0.07
CA VAL H 258 28.95 -43.66 -0.55
C VAL H 258 27.77 -43.86 0.40
N ASN H 259 27.52 -42.84 1.20
CA ASN H 259 26.50 -42.94 2.24
C ASN H 259 25.90 -41.57 2.52
N GLY H 260 24.57 -41.50 2.54
CA GLY H 260 23.85 -40.23 2.76
C GLY H 260 23.85 -39.31 1.55
N LYS H 261 24.10 -39.89 0.37
CA LYS H 261 24.26 -39.09 -0.85
C LYS H 261 23.11 -39.30 -1.84
N VAL H 262 22.89 -38.30 -2.69
CA VAL H 262 22.00 -38.40 -3.85
C VAL H 262 22.87 -38.34 -5.11
N LEU H 263 22.77 -39.37 -5.93
CA LEU H 263 23.57 -39.44 -7.16
C LEU H 263 22.68 -39.16 -8.37
N THR H 264 22.99 -38.08 -9.07
CA THR H 264 22.21 -37.73 -10.25
C THR H 264 22.72 -38.56 -11.44
N LEU H 265 21.80 -39.31 -12.04
CA LEU H 265 22.14 -40.26 -13.10
C LEU H 265 21.50 -39.80 -14.41
N ASP H 266 22.17 -38.87 -15.09
CA ASP H 266 21.63 -38.27 -16.32
C ASP H 266 22.66 -38.30 -17.43
N GLY H 267 23.67 -39.16 -17.29
CA GLY H 267 24.72 -39.29 -18.31
C GLY H 267 25.48 -38.01 -18.59
N GLY H 268 25.50 -37.12 -17.60
CA GLY H 268 26.25 -35.88 -17.73
C GLY H 268 25.52 -34.70 -18.31
N ALA H 269 24.18 -34.77 -18.38
CA ALA H 269 23.38 -33.68 -18.90
C ALA H 269 23.52 -32.39 -18.08
N ALA H 270 23.46 -32.50 -16.76
CA ALA H 270 23.45 -31.31 -15.89
C ALA H 270 24.72 -30.48 -16.04
#